data_2YRV
#
_entry.id   2YRV
#
_entity_poly.entity_id   1
_entity_poly.type   'polypeptide(L)'
_entity_poly.pdbx_seq_one_letter_code
;GSSGSSGLNDELLGKVVSVVSATERTEWYPALVISPSCNDDITVKKDQCLVRSFIDSKFYSIARKDIKEVDILNLPESEL
STKPGLQKASIFLKTRVVPDNWKMDISEILESGPSSG
;
_entity_poly.pdbx_strand_id   A
#
# COMPACT_ATOMS: atom_id res chain seq x y z
N GLY A 1 -7.24 -24.28 4.23
CA GLY A 1 -6.60 -23.09 3.71
C GLY A 1 -6.16 -22.17 4.84
N SER A 2 -4.88 -22.27 5.19
CA SER A 2 -4.32 -21.45 6.25
C SER A 2 -2.86 -21.13 5.95
N SER A 3 -2.06 -22.17 5.81
CA SER A 3 -0.64 -22.01 5.52
C SER A 3 -0.06 -20.90 6.38
N GLY A 4 0.20 -21.23 7.63
CA GLY A 4 0.76 -20.28 8.57
C GLY A 4 1.88 -19.46 7.92
N SER A 5 1.74 -18.15 8.01
CA SER A 5 2.73 -17.26 7.43
C SER A 5 2.43 -15.81 7.86
N SER A 6 3.02 -15.43 8.99
CA SER A 6 2.83 -14.09 9.51
C SER A 6 3.83 -13.13 8.85
N GLY A 7 3.33 -12.35 7.91
CA GLY A 7 4.16 -11.39 7.21
C GLY A 7 4.04 -10.01 7.84
N LEU A 8 4.47 -9.92 9.09
CA LEU A 8 4.42 -8.66 9.82
C LEU A 8 3.04 -8.03 9.63
N ASN A 9 2.17 -8.30 10.58
CA ASN A 9 0.82 -7.76 10.55
C ASN A 9 0.84 -6.31 11.02
N ASP A 10 0.09 -5.48 10.31
CA ASP A 10 0.02 -4.06 10.65
C ASP A 10 -1.36 -3.52 10.26
N GLU A 11 -1.64 -2.32 10.72
CA GLU A 11 -2.91 -1.68 10.43
C GLU A 11 -2.74 -0.64 9.32
N LEU A 12 -1.67 0.13 9.43
CA LEU A 12 -1.38 1.16 8.45
C LEU A 12 -0.52 0.56 7.33
N LEU A 13 0.47 -0.20 7.74
CA LEU A 13 1.36 -0.84 6.79
C LEU A 13 0.67 -2.05 6.16
N GLY A 14 1.03 -2.31 4.91
CA GLY A 14 0.44 -3.43 4.19
C GLY A 14 -0.95 -3.08 3.67
N LYS A 15 -1.35 -1.84 3.93
CA LYS A 15 -2.65 -1.36 3.49
C LYS A 15 -2.46 -0.11 2.62
N VAL A 16 -3.52 0.23 1.90
CA VAL A 16 -3.49 1.40 1.05
C VAL A 16 -3.56 2.67 1.91
N VAL A 17 -2.77 3.65 1.50
CA VAL A 17 -2.72 4.92 2.23
C VAL A 17 -2.60 6.06 1.23
N SER A 18 -2.99 7.25 1.67
CA SER A 18 -2.92 8.43 0.84
C SER A 18 -1.68 9.25 1.18
N VAL A 19 -0.86 9.50 0.17
CA VAL A 19 0.35 10.27 0.34
C VAL A 19 0.10 11.72 -0.04
N VAL A 20 0.44 12.61 0.87
CA VAL A 20 0.26 14.04 0.63
C VAL A 20 1.51 14.60 -0.03
N SER A 21 1.30 15.26 -1.16
CA SER A 21 2.39 15.85 -1.91
C SER A 21 2.97 17.04 -1.14
N ALA A 22 4.28 17.20 -1.23
CA ALA A 22 4.96 18.28 -0.56
C ALA A 22 4.85 19.55 -1.41
N THR A 23 4.67 19.34 -2.70
CA THR A 23 4.55 20.45 -3.63
C THR A 23 3.09 20.91 -3.73
N GLU A 24 2.20 20.04 -3.29
CA GLU A 24 0.78 20.35 -3.32
C GLU A 24 0.03 19.49 -2.30
N ARG A 25 -0.09 20.03 -1.10
CA ARG A 25 -0.78 19.33 -0.03
C ARG A 25 -2.10 18.75 -0.54
N THR A 26 -2.63 19.38 -1.57
CA THR A 26 -3.88 18.93 -2.16
C THR A 26 -3.69 17.58 -2.86
N GLU A 27 -2.87 17.61 -3.91
CA GLU A 27 -2.60 16.39 -4.67
C GLU A 27 -2.15 15.26 -3.73
N TRP A 28 -2.80 14.12 -3.88
CA TRP A 28 -2.48 12.96 -3.06
C TRP A 28 -2.60 11.72 -3.94
N TYR A 29 -1.75 10.74 -3.65
CA TYR A 29 -1.75 9.50 -4.39
C TYR A 29 -1.69 8.30 -3.46
N PRO A 30 -2.36 7.19 -3.90
CA PRO A 30 -2.39 5.98 -3.11
C PRO A 30 -1.06 5.24 -3.17
N ALA A 31 -0.74 4.55 -2.08
CA ALA A 31 0.50 3.81 -2.01
C ALA A 31 0.40 2.77 -0.89
N LEU A 32 0.86 1.57 -1.19
CA LEU A 32 0.83 0.48 -0.22
C LEU A 32 2.13 0.47 0.56
N VAL A 33 2.07 1.01 1.77
CA VAL A 33 3.24 1.05 2.63
C VAL A 33 3.90 -0.32 2.68
N ILE A 34 5.21 -0.32 2.86
CA ILE A 34 5.98 -1.55 2.93
C ILE A 34 7.35 -1.28 3.54
N SER A 35 8.11 -2.35 3.70
CA SER A 35 9.44 -2.24 4.27
C SER A 35 10.49 -2.65 3.24
N PRO A 36 11.68 -1.99 3.32
CA PRO A 36 12.77 -2.27 2.41
C PRO A 36 13.45 -3.60 2.77
N SER A 37 12.87 -4.68 2.28
CA SER A 37 13.42 -6.00 2.54
C SER A 37 14.43 -6.39 1.46
N CYS A 38 13.94 -6.43 0.24
CA CYS A 38 14.78 -6.78 -0.90
C CYS A 38 15.72 -5.60 -1.18
N ASN A 39 15.11 -4.48 -1.55
CA ASN A 39 15.86 -3.28 -1.84
C ASN A 39 16.80 -2.95 -0.67
N ASP A 40 18.05 -2.69 -1.00
CA ASP A 40 19.03 -2.37 0.01
C ASP A 40 19.48 -0.90 -0.15
N ASP A 41 19.93 -0.59 -1.36
CA ASP A 41 20.38 0.76 -1.66
C ASP A 41 19.30 1.76 -1.24
N ILE A 42 18.06 1.40 -1.52
CA ILE A 42 16.93 2.25 -1.18
C ILE A 42 17.08 2.72 0.27
N THR A 43 17.64 3.91 0.42
CA THR A 43 17.84 4.48 1.74
C THR A 43 16.57 5.18 2.22
N VAL A 44 16.01 4.66 3.29
CA VAL A 44 14.79 5.23 3.86
C VAL A 44 15.15 6.03 5.11
N LYS A 45 14.89 7.33 5.03
CA LYS A 45 15.16 8.22 6.15
C LYS A 45 14.46 7.69 7.41
N LYS A 46 14.83 8.27 8.54
CA LYS A 46 14.23 7.88 9.80
C LYS A 46 12.76 8.29 9.83
N ASP A 47 12.48 9.39 9.15
CA ASP A 47 11.12 9.91 9.08
C ASP A 47 10.51 9.56 7.72
N GLN A 48 11.05 8.52 7.11
CA GLN A 48 10.57 8.07 5.82
C GLN A 48 10.22 6.59 5.87
N CYS A 49 9.45 6.18 4.87
CA CYS A 49 9.02 4.78 4.79
C CYS A 49 8.80 4.44 3.31
N LEU A 50 9.00 3.17 2.99
CA LEU A 50 8.82 2.70 1.63
C LEU A 50 7.35 2.35 1.41
N VAL A 51 6.85 2.73 0.24
CA VAL A 51 5.47 2.45 -0.11
C VAL A 51 5.40 1.92 -1.55
N ARG A 52 4.26 1.34 -1.87
CA ARG A 52 4.05 0.79 -3.21
C ARG A 52 2.89 1.50 -3.90
N SER A 53 3.23 2.30 -4.90
CA SER A 53 2.24 3.04 -5.66
C SER A 53 1.27 2.07 -6.35
N PHE A 54 0.07 2.55 -6.61
CA PHE A 54 -0.93 1.74 -7.26
C PHE A 54 -1.24 2.28 -8.67
N ILE A 55 -0.38 3.18 -9.13
CA ILE A 55 -0.54 3.77 -10.43
C ILE A 55 0.44 3.11 -11.41
N ASP A 56 1.71 3.31 -11.15
CA ASP A 56 2.75 2.73 -11.99
C ASP A 56 3.40 1.56 -11.26
N SER A 57 3.03 1.41 -10.00
CA SER A 57 3.58 0.34 -9.19
C SER A 57 5.09 0.54 -8.99
N LYS A 58 5.46 1.76 -8.61
CA LYS A 58 6.85 2.08 -8.39
C LYS A 58 7.12 2.22 -6.90
N PHE A 59 8.39 2.10 -6.54
CA PHE A 59 8.79 2.21 -5.14
C PHE A 59 9.20 3.64 -4.80
N TYR A 60 8.38 4.30 -4.00
CA TYR A 60 8.66 5.67 -3.60
C TYR A 60 8.95 5.74 -2.10
N SER A 61 9.69 6.77 -1.72
CA SER A 61 10.04 6.97 -0.33
C SER A 61 9.48 8.30 0.17
N ILE A 62 8.37 8.21 0.89
CA ILE A 62 7.73 9.40 1.42
C ILE A 62 7.85 9.39 2.95
N ALA A 63 7.32 10.44 3.56
CA ALA A 63 7.36 10.57 5.00
C ALA A 63 6.01 10.17 5.59
N ARG A 64 6.07 9.38 6.65
CA ARG A 64 4.87 8.91 7.31
C ARG A 64 3.99 10.11 7.72
N LYS A 65 4.62 11.26 7.76
CA LYS A 65 3.91 12.48 8.15
C LYS A 65 3.12 13.00 6.95
N ASP A 66 3.45 12.46 5.79
CA ASP A 66 2.78 12.86 4.56
C ASP A 66 1.65 11.88 4.25
N ILE A 67 1.71 10.73 4.91
CA ILE A 67 0.71 9.70 4.72
C ILE A 67 -0.44 9.93 5.71
N LYS A 68 -1.60 9.38 5.35
CA LYS A 68 -2.77 9.52 6.20
C LYS A 68 -3.87 8.57 5.70
N GLU A 69 -4.49 7.88 6.65
CA GLU A 69 -5.54 6.94 6.32
C GLU A 69 -6.41 7.50 5.19
N VAL A 70 -6.94 6.58 4.39
CA VAL A 70 -7.78 6.96 3.27
C VAL A 70 -8.85 5.89 3.05
N ASP A 71 -9.88 6.26 2.31
CA ASP A 71 -10.98 5.35 2.03
C ASP A 71 -11.07 5.13 0.52
N ILE A 72 -10.25 4.23 0.03
CA ILE A 72 -10.23 3.92 -1.40
C ILE A 72 -11.39 2.97 -1.72
N LEU A 73 -11.61 2.03 -0.82
CA LEU A 73 -12.68 1.06 -1.00
C LEU A 73 -14.02 1.73 -0.70
N ASN A 74 -13.94 2.99 -0.30
CA ASN A 74 -15.14 3.76 0.01
C ASN A 74 -15.40 4.78 -1.09
N LEU A 75 -14.43 4.89 -2.00
CA LEU A 75 -14.53 5.82 -3.10
C LEU A 75 -15.65 5.36 -4.04
N PRO A 76 -16.18 6.34 -4.82
CA PRO A 76 -17.25 6.06 -5.77
C PRO A 76 -16.71 5.33 -6.99
N GLU A 77 -17.58 4.53 -7.60
CA GLU A 77 -17.21 3.78 -8.80
C GLU A 77 -16.74 4.72 -9.90
N SER A 78 -17.14 5.99 -9.77
CA SER A 78 -16.75 7.00 -10.74
C SER A 78 -15.25 7.29 -10.63
N GLU A 79 -14.80 7.42 -9.40
CA GLU A 79 -13.39 7.71 -9.15
C GLU A 79 -12.54 6.48 -9.49
N LEU A 80 -12.99 5.33 -9.03
CA LEU A 80 -12.29 4.09 -9.27
C LEU A 80 -12.30 3.79 -10.77
N SER A 81 -13.51 3.73 -11.32
CA SER A 81 -13.67 3.46 -12.73
C SER A 81 -12.70 4.31 -13.55
N THR A 82 -12.31 5.43 -12.96
CA THR A 82 -11.38 6.34 -13.63
C THR A 82 -9.99 6.24 -12.99
N LYS A 83 -9.79 7.03 -11.95
CA LYS A 83 -8.52 7.04 -11.26
C LYS A 83 -7.99 5.60 -11.14
N PRO A 84 -6.79 5.39 -11.73
CA PRO A 84 -6.16 4.08 -11.70
C PRO A 84 -5.59 3.77 -10.32
N GLY A 85 -4.66 4.63 -9.89
CA GLY A 85 -4.03 4.46 -8.60
C GLY A 85 -5.06 4.09 -7.52
N LEU A 86 -6.27 4.59 -7.72
CA LEU A 86 -7.35 4.33 -6.78
C LEU A 86 -7.92 2.93 -7.05
N GLN A 87 -8.45 2.76 -8.26
CA GLN A 87 -9.02 1.49 -8.65
C GLN A 87 -8.19 0.33 -8.11
N LYS A 88 -7.03 0.14 -8.73
CA LYS A 88 -6.14 -0.93 -8.31
C LYS A 88 -6.08 -0.98 -6.79
N ALA A 89 -5.76 0.16 -6.20
CA ALA A 89 -5.67 0.26 -4.75
C ALA A 89 -6.93 -0.33 -4.12
N SER A 90 -8.07 0.14 -4.61
CA SER A 90 -9.36 -0.33 -4.11
C SER A 90 -9.47 -1.84 -4.31
N ILE A 91 -9.14 -2.27 -5.52
CA ILE A 91 -9.21 -3.68 -5.86
C ILE A 91 -8.49 -4.49 -4.78
N PHE A 92 -7.31 -4.00 -4.40
CA PHE A 92 -6.52 -4.67 -3.38
C PHE A 92 -7.19 -4.55 -2.00
N LEU A 93 -8.17 -3.67 -1.93
CA LEU A 93 -8.89 -3.46 -0.68
C LEU A 93 -10.13 -4.35 -0.66
N LYS A 94 -10.41 -4.94 -1.81
CA LYS A 94 -11.56 -5.82 -1.94
C LYS A 94 -11.09 -7.24 -2.23
N THR A 95 -10.17 -7.34 -3.18
CA THR A 95 -9.62 -8.63 -3.57
C THR A 95 -8.51 -9.05 -2.60
N ARG A 96 -8.05 -8.09 -1.83
CA ARG A 96 -6.99 -8.34 -0.86
C ARG A 96 -5.93 -9.26 -1.47
N VAL A 97 -5.52 -8.91 -2.67
CA VAL A 97 -4.50 -9.69 -3.37
C VAL A 97 -3.89 -8.85 -4.49
N VAL A 98 -2.66 -8.41 -4.26
CA VAL A 98 -1.97 -7.60 -5.24
C VAL A 98 -1.77 -8.40 -6.52
N PRO A 99 -1.46 -7.67 -7.62
CA PRO A 99 -1.24 -8.30 -8.91
C PRO A 99 0.11 -9.01 -8.95
N ASP A 100 0.21 -9.98 -9.85
CA ASP A 100 1.44 -10.74 -10.01
C ASP A 100 2.58 -9.78 -10.31
N ASN A 101 2.22 -8.59 -10.74
CA ASN A 101 3.22 -7.57 -11.07
C ASN A 101 3.90 -7.10 -9.79
N TRP A 102 3.27 -7.42 -8.67
CA TRP A 102 3.81 -7.03 -7.38
C TRP A 102 4.49 -8.26 -6.76
N LYS A 103 3.72 -9.34 -6.67
CA LYS A 103 4.23 -10.57 -6.11
C LYS A 103 4.69 -10.33 -4.67
N MET A 104 3.78 -9.80 -3.87
CA MET A 104 4.07 -9.52 -2.47
C MET A 104 4.43 -10.79 -1.72
N ASP A 105 3.43 -11.64 -1.54
CA ASP A 105 3.63 -12.89 -0.83
C ASP A 105 2.29 -13.61 -0.70
N ILE A 106 1.51 -13.53 -1.76
CA ILE A 106 0.20 -14.18 -1.78
C ILE A 106 -0.12 -14.63 -3.20
N SER A 107 0.10 -13.73 -4.15
CA SER A 107 -0.16 -14.02 -5.54
C SER A 107 0.41 -15.39 -5.91
N GLU A 108 1.47 -15.76 -5.21
CA GLU A 108 2.11 -17.04 -5.45
C GLU A 108 1.45 -18.13 -4.61
N ILE A 109 1.00 -17.73 -3.42
CA ILE A 109 0.35 -18.66 -2.52
C ILE A 109 -0.91 -19.21 -3.19
N LEU A 110 -1.38 -18.49 -4.18
CA LEU A 110 -2.58 -18.90 -4.91
C LEU A 110 -2.40 -20.33 -5.40
N GLU A 111 -1.53 -20.49 -6.39
CA GLU A 111 -1.27 -21.81 -6.95
C GLU A 111 -2.57 -22.44 -7.44
N SER A 112 -2.43 -23.64 -7.99
CA SER A 112 -3.58 -24.36 -8.51
C SER A 112 -4.34 -25.04 -7.36
N GLY A 113 -5.05 -24.21 -6.60
CA GLY A 113 -5.81 -24.70 -5.48
C GLY A 113 -4.98 -24.70 -4.19
N PRO A 114 -5.40 -25.55 -3.22
CA PRO A 114 -4.70 -25.63 -1.96
C PRO A 114 -3.39 -26.40 -2.10
N SER A 115 -3.46 -27.49 -2.85
CA SER A 115 -2.29 -28.32 -3.09
C SER A 115 -2.63 -29.44 -4.08
N SER A 116 -2.69 -29.06 -5.34
CA SER A 116 -2.99 -30.02 -6.39
C SER A 116 -4.39 -30.61 -6.17
N GLY A 117 -5.06 -30.90 -7.28
CA GLY A 117 -6.40 -31.47 -7.22
C GLY A 117 -7.42 -30.53 -7.87
N GLY A 1 -13.54 -21.66 -0.40
CA GLY A 1 -12.22 -21.04 -0.41
C GLY A 1 -11.41 -21.48 0.81
N SER A 2 -11.65 -20.81 1.92
CA SER A 2 -10.95 -21.12 3.15
C SER A 2 -9.45 -20.84 2.98
N SER A 3 -8.97 -19.85 3.72
CA SER A 3 -7.57 -19.48 3.67
C SER A 3 -7.29 -18.33 4.64
N GLY A 4 -6.05 -18.26 5.09
CA GLY A 4 -5.64 -17.23 6.02
C GLY A 4 -6.20 -15.87 5.61
N SER A 5 -6.42 -15.03 6.60
CA SER A 5 -6.96 -13.70 6.36
C SER A 5 -6.79 -12.83 7.61
N SER A 6 -5.97 -11.80 7.47
CA SER A 6 -5.72 -10.88 8.58
C SER A 6 -5.08 -11.65 9.74
N GLY A 7 -4.37 -10.88 10.57
CA GLY A 7 -3.71 -11.47 11.73
C GLY A 7 -2.97 -10.40 12.52
N LEU A 8 -1.66 -10.61 12.68
CA LEU A 8 -0.84 -9.68 13.42
C LEU A 8 0.29 -9.17 12.51
N ASN A 9 -0.05 -8.17 11.71
CA ASN A 9 0.92 -7.59 10.78
C ASN A 9 1.05 -6.10 11.07
N ASP A 10 -0.01 -5.37 10.73
CA ASP A 10 -0.03 -3.93 10.94
C ASP A 10 -1.40 -3.38 10.55
N GLU A 11 -1.62 -2.13 10.91
CA GLU A 11 -2.88 -1.47 10.61
C GLU A 11 -2.71 -0.52 9.42
N LEU A 12 -1.84 0.46 9.61
CA LEU A 12 -1.58 1.44 8.56
C LEU A 12 -0.68 0.80 7.50
N LEU A 13 0.39 0.17 7.96
CA LEU A 13 1.32 -0.48 7.06
C LEU A 13 0.67 -1.74 6.48
N GLY A 14 1.07 -2.06 5.25
CA GLY A 14 0.54 -3.24 4.57
C GLY A 14 -0.84 -2.94 3.96
N LYS A 15 -1.27 -1.70 4.14
CA LYS A 15 -2.56 -1.28 3.62
C LYS A 15 -2.37 -0.05 2.73
N VAL A 16 -3.38 0.24 1.94
CA VAL A 16 -3.34 1.39 1.05
C VAL A 16 -3.50 2.67 1.87
N VAL A 17 -2.67 3.65 1.55
CA VAL A 17 -2.71 4.93 2.23
C VAL A 17 -2.64 6.06 1.21
N SER A 18 -2.99 7.25 1.67
CA SER A 18 -2.98 8.42 0.81
C SER A 18 -1.76 9.29 1.13
N VAL A 19 -0.93 9.47 0.11
CA VAL A 19 0.27 10.29 0.26
C VAL A 19 -0.05 11.74 -0.09
N VAL A 20 0.46 12.64 0.73
CA VAL A 20 0.23 14.06 0.52
C VAL A 20 1.48 14.67 -0.13
N SER A 21 1.25 15.35 -1.24
CA SER A 21 2.34 15.99 -1.97
C SER A 21 2.77 17.26 -1.25
N ALA A 22 4.07 17.37 -1.02
CA ALA A 22 4.62 18.53 -0.34
C ALA A 22 4.26 19.79 -1.12
N THR A 23 4.72 19.83 -2.37
CA THR A 23 4.46 20.96 -3.23
C THR A 23 2.99 20.97 -3.66
N GLU A 24 2.30 19.89 -3.34
CA GLU A 24 0.90 19.75 -3.70
C GLU A 24 0.11 19.14 -2.53
N ARG A 25 0.17 19.83 -1.40
CA ARG A 25 -0.53 19.37 -0.22
C ARG A 25 -1.91 18.82 -0.58
N THR A 26 -2.45 19.38 -1.66
CA THR A 26 -3.76 18.96 -2.14
C THR A 26 -3.68 17.57 -2.78
N GLU A 27 -3.12 17.54 -3.97
CA GLU A 27 -2.97 16.30 -4.71
C GLU A 27 -2.41 15.20 -3.80
N TRP A 28 -3.04 14.04 -3.85
CA TRP A 28 -2.61 12.92 -3.04
C TRP A 28 -2.78 11.64 -3.87
N TYR A 29 -1.83 10.74 -3.72
CA TYR A 29 -1.85 9.49 -4.45
C TYR A 29 -1.78 8.30 -3.49
N PRO A 30 -2.41 7.18 -3.91
CA PRO A 30 -2.41 5.97 -3.10
C PRO A 30 -1.07 5.26 -3.16
N ALA A 31 -0.75 4.56 -2.08
CA ALA A 31 0.50 3.83 -2.01
C ALA A 31 0.45 2.85 -0.83
N LEU A 32 0.93 1.64 -1.09
CA LEU A 32 0.93 0.60 -0.07
C LEU A 32 2.26 0.65 0.68
N VAL A 33 2.16 1.00 1.95
CA VAL A 33 3.34 1.08 2.80
C VAL A 33 3.97 -0.31 2.95
N ILE A 34 5.27 -0.33 3.15
CA ILE A 34 5.99 -1.58 3.30
C ILE A 34 7.23 -1.34 4.17
N SER A 35 8.07 -2.37 4.26
CA SER A 35 9.28 -2.29 5.05
C SER A 35 10.48 -2.69 4.18
N PRO A 36 11.52 -1.81 4.20
CA PRO A 36 12.73 -2.05 3.43
C PRO A 36 13.59 -3.13 4.11
N SER A 37 13.16 -4.37 3.95
CA SER A 37 13.88 -5.49 4.53
C SER A 37 14.70 -6.20 3.46
N CYS A 38 14.02 -6.57 2.38
CA CYS A 38 14.66 -7.26 1.28
C CYS A 38 15.75 -6.34 0.72
N ASN A 39 15.32 -5.17 0.27
CA ASN A 39 16.24 -4.20 -0.30
C ASN A 39 17.17 -3.67 0.81
N ASP A 40 18.44 -3.55 0.45
CA ASP A 40 19.42 -3.06 1.40
C ASP A 40 19.87 -1.65 0.99
N ASP A 41 20.44 -1.56 -0.20
CA ASP A 41 20.92 -0.29 -0.71
C ASP A 41 19.84 0.77 -0.47
N ILE A 42 18.60 0.40 -0.76
CA ILE A 42 17.48 1.31 -0.58
C ILE A 42 17.57 1.95 0.81
N THR A 43 18.18 3.14 0.84
CA THR A 43 18.33 3.86 2.09
C THR A 43 17.13 4.78 2.32
N VAL A 44 16.42 4.51 3.40
CA VAL A 44 15.25 5.30 3.75
C VAL A 44 15.55 6.12 5.00
N LYS A 45 15.29 7.42 4.90
CA LYS A 45 15.54 8.32 6.01
C LYS A 45 14.83 7.78 7.25
N LYS A 46 14.99 8.51 8.36
CA LYS A 46 14.38 8.12 9.61
C LYS A 46 12.97 8.71 9.69
N ASP A 47 12.63 9.49 8.68
CA ASP A 47 11.32 10.12 8.62
C ASP A 47 10.64 9.76 7.30
N GLN A 48 11.05 8.63 6.75
CA GLN A 48 10.49 8.16 5.49
C GLN A 48 10.17 6.66 5.58
N CYS A 49 9.34 6.21 4.65
CA CYS A 49 8.95 4.81 4.61
C CYS A 49 8.78 4.41 3.14
N LEU A 50 8.93 3.11 2.91
CA LEU A 50 8.78 2.58 1.57
C LEU A 50 7.32 2.25 1.30
N VAL A 51 6.82 2.75 0.19
CA VAL A 51 5.43 2.51 -0.19
C VAL A 51 5.38 2.03 -1.64
N ARG A 52 4.27 1.38 -1.97
CA ARG A 52 4.09 0.86 -3.31
C ARG A 52 2.92 1.56 -3.99
N SER A 53 3.25 2.34 -5.01
CA SER A 53 2.24 3.08 -5.75
C SER A 53 1.34 2.10 -6.52
N PHE A 54 0.12 2.53 -6.75
CA PHE A 54 -0.85 1.71 -7.46
C PHE A 54 -1.15 2.30 -8.84
N ILE A 55 -0.33 3.26 -9.23
CA ILE A 55 -0.50 3.91 -10.52
C ILE A 55 0.53 3.35 -11.51
N ASP A 56 1.79 3.60 -11.20
CA ASP A 56 2.87 3.13 -12.05
C ASP A 56 3.46 1.85 -11.45
N SER A 57 3.03 1.55 -10.23
CA SER A 57 3.51 0.36 -9.54
C SER A 57 5.01 0.48 -9.27
N LYS A 58 5.40 1.67 -8.81
CA LYS A 58 6.80 1.92 -8.50
C LYS A 58 6.97 2.10 -6.99
N PHE A 59 8.21 2.02 -6.55
CA PHE A 59 8.52 2.17 -5.14
C PHE A 59 8.98 3.60 -4.83
N TYR A 60 8.20 4.25 -3.96
CA TYR A 60 8.52 5.60 -3.57
C TYR A 60 8.74 5.71 -2.06
N SER A 61 9.54 6.68 -1.68
CA SER A 61 9.86 6.89 -0.26
C SER A 61 9.33 8.25 0.18
N ILE A 62 8.25 8.23 0.96
CA ILE A 62 7.65 9.45 1.45
C ILE A 62 7.77 9.48 2.99
N ALA A 63 7.27 10.56 3.56
CA ALA A 63 7.32 10.74 5.00
C ALA A 63 5.97 10.34 5.60
N ARG A 64 6.03 9.59 6.68
CA ARG A 64 4.83 9.14 7.36
C ARG A 64 3.89 10.33 7.63
N LYS A 65 4.50 11.51 7.68
CA LYS A 65 3.74 12.72 7.93
C LYS A 65 2.88 13.05 6.71
N ASP A 66 3.35 12.60 5.56
CA ASP A 66 2.63 12.83 4.31
C ASP A 66 1.55 11.76 4.15
N ILE A 67 1.78 10.63 4.80
CA ILE A 67 0.83 9.52 4.72
C ILE A 67 -0.26 9.73 5.77
N LYS A 68 -1.49 9.41 5.36
CA LYS A 68 -2.63 9.57 6.25
C LYS A 68 -3.75 8.63 5.79
N GLU A 69 -4.47 8.10 6.77
CA GLU A 69 -5.58 7.19 6.48
C GLU A 69 -6.32 7.64 5.23
N VAL A 70 -6.85 6.67 4.50
CA VAL A 70 -7.61 6.95 3.29
C VAL A 70 -8.75 5.95 3.15
N ASP A 71 -9.76 6.37 2.41
CA ASP A 71 -10.92 5.52 2.19
C ASP A 71 -11.08 5.26 0.69
N ILE A 72 -10.27 4.36 0.17
CA ILE A 72 -10.32 4.02 -1.25
C ILE A 72 -11.57 3.19 -1.53
N LEU A 73 -11.82 2.24 -0.64
CA LEU A 73 -12.98 1.37 -0.78
C LEU A 73 -14.24 2.17 -0.46
N ASN A 74 -14.04 3.41 -0.03
CA ASN A 74 -15.15 4.28 0.31
C ASN A 74 -15.31 5.34 -0.78
N LEU A 75 -14.53 5.18 -1.83
CA LEU A 75 -14.57 6.13 -2.95
C LEU A 75 -15.66 5.69 -3.93
N PRO A 76 -16.15 6.68 -4.72
CA PRO A 76 -17.19 6.43 -5.69
C PRO A 76 -16.62 5.70 -6.91
N GLU A 77 -17.37 4.71 -7.38
CA GLU A 77 -16.95 3.93 -8.53
C GLU A 77 -16.44 4.85 -9.64
N SER A 78 -16.97 6.06 -9.65
CA SER A 78 -16.57 7.05 -10.65
C SER A 78 -15.06 7.28 -10.57
N GLU A 79 -14.59 7.48 -9.35
CA GLU A 79 -13.17 7.72 -9.13
C GLU A 79 -12.36 6.47 -9.48
N LEU A 80 -12.82 5.34 -8.97
CA LEU A 80 -12.14 4.08 -9.22
C LEU A 80 -12.08 3.83 -10.73
N SER A 81 -13.26 3.86 -11.35
CA SER A 81 -13.36 3.65 -12.78
C SER A 81 -12.31 4.49 -13.51
N THR A 82 -12.08 5.68 -12.97
CA THR A 82 -11.11 6.59 -13.56
C THR A 82 -9.75 6.41 -12.91
N LYS A 83 -9.54 7.12 -11.81
CA LYS A 83 -8.29 7.05 -11.09
C LYS A 83 -7.80 5.60 -11.07
N PRO A 84 -6.60 5.39 -11.69
CA PRO A 84 -6.03 4.06 -11.76
C PRO A 84 -5.43 3.66 -10.40
N GLY A 85 -4.64 4.57 -9.85
CA GLY A 85 -4.01 4.33 -8.56
C GLY A 85 -5.03 3.88 -7.52
N LEU A 86 -6.17 4.55 -7.53
CA LEU A 86 -7.24 4.23 -6.59
C LEU A 86 -7.85 2.88 -6.98
N GLN A 87 -8.27 2.78 -8.23
CA GLN A 87 -8.88 1.57 -8.73
C GLN A 87 -8.17 0.34 -8.13
N LYS A 88 -6.97 0.09 -8.64
CA LYS A 88 -6.19 -1.04 -8.16
C LYS A 88 -6.20 -1.07 -6.64
N ALA A 89 -5.79 0.05 -6.05
CA ALA A 89 -5.75 0.16 -4.61
C ALA A 89 -7.04 -0.42 -4.02
N SER A 90 -8.16 0.07 -4.52
CA SER A 90 -9.45 -0.40 -4.06
C SER A 90 -9.59 -1.90 -4.29
N ILE A 91 -9.27 -2.31 -5.52
CA ILE A 91 -9.35 -3.71 -5.87
C ILE A 91 -8.63 -4.56 -4.82
N PHE A 92 -7.43 -4.12 -4.48
CA PHE A 92 -6.64 -4.82 -3.49
C PHE A 92 -7.28 -4.74 -2.11
N LEU A 93 -8.25 -3.84 -2.00
CA LEU A 93 -8.97 -3.65 -0.75
C LEU A 93 -10.21 -4.54 -0.73
N LYS A 94 -10.50 -5.12 -1.89
CA LYS A 94 -11.66 -5.99 -2.03
C LYS A 94 -11.18 -7.41 -2.34
N THR A 95 -10.28 -7.51 -3.30
CA THR A 95 -9.74 -8.80 -3.69
C THR A 95 -8.62 -9.23 -2.73
N ARG A 96 -8.21 -8.29 -1.91
CA ARG A 96 -7.15 -8.54 -0.94
C ARG A 96 -6.08 -9.44 -1.56
N VAL A 97 -5.87 -9.25 -2.86
CA VAL A 97 -4.87 -10.03 -3.57
C VAL A 97 -4.08 -9.11 -4.51
N VAL A 98 -2.89 -8.76 -4.07
CA VAL A 98 -2.03 -7.89 -4.85
C VAL A 98 -1.69 -8.58 -6.18
N PRO A 99 -1.20 -7.76 -7.14
CA PRO A 99 -0.83 -8.28 -8.45
C PRO A 99 0.49 -9.05 -8.38
N ASP A 100 0.63 -10.00 -9.29
CA ASP A 100 1.83 -10.81 -9.34
C ASP A 100 3.07 -9.91 -9.32
N ASN A 101 2.89 -8.72 -9.87
CA ASN A 101 3.96 -7.74 -9.91
C ASN A 101 4.47 -7.48 -8.50
N TRP A 102 3.57 -7.65 -7.55
CA TRP A 102 3.91 -7.43 -6.15
C TRP A 102 4.20 -8.79 -5.51
N LYS A 103 3.19 -9.65 -5.53
CA LYS A 103 3.32 -10.98 -4.97
C LYS A 103 3.88 -10.87 -3.54
N MET A 104 2.98 -10.53 -2.62
CA MET A 104 3.37 -10.39 -1.23
C MET A 104 3.16 -11.70 -0.47
N ASP A 105 4.06 -12.64 -0.71
CA ASP A 105 4.00 -13.93 -0.06
C ASP A 105 5.08 -14.02 1.02
N ILE A 106 6.31 -13.79 0.59
CA ILE A 106 7.44 -13.84 1.49
C ILE A 106 7.60 -12.48 2.19
N SER A 107 7.01 -11.47 1.57
CA SER A 107 7.07 -10.12 2.11
C SER A 107 6.33 -10.07 3.46
N GLU A 108 5.55 -11.11 3.71
CA GLU A 108 4.81 -11.19 4.95
C GLU A 108 5.42 -12.25 5.88
N ILE A 109 6.10 -13.20 5.26
CA ILE A 109 6.75 -14.27 6.00
C ILE A 109 7.93 -13.71 6.78
N LEU A 110 8.36 -12.52 6.37
CA LEU A 110 9.48 -11.87 7.01
C LEU A 110 9.33 -11.97 8.53
N GLU A 111 8.27 -11.34 9.03
CA GLU A 111 7.99 -11.36 10.45
C GLU A 111 6.72 -10.56 10.76
N SER A 112 6.75 -9.30 10.39
CA SER A 112 5.62 -8.43 10.61
C SER A 112 5.99 -6.98 10.28
N GLY A 113 7.00 -6.49 10.97
CA GLY A 113 7.47 -5.13 10.76
C GLY A 113 7.51 -4.35 12.09
N PRO A 114 8.22 -3.20 12.05
CA PRO A 114 8.35 -2.36 13.23
C PRO A 114 7.05 -1.59 13.50
N SER A 115 6.43 -1.92 14.63
CA SER A 115 5.19 -1.28 15.01
C SER A 115 4.92 -1.51 16.50
N SER A 116 4.74 -2.77 16.85
CA SER A 116 4.47 -3.14 18.22
C SER A 116 4.84 -4.61 18.46
N GLY A 117 5.25 -4.89 19.69
CA GLY A 117 5.63 -6.25 20.04
C GLY A 117 4.53 -7.25 19.66
N GLY A 1 -22.15 -9.42 4.63
CA GLY A 1 -20.99 -9.11 3.83
C GLY A 1 -20.19 -10.37 3.50
N SER A 2 -19.00 -10.15 2.94
CA SER A 2 -18.13 -11.25 2.59
C SER A 2 -16.74 -10.73 2.23
N SER A 3 -15.91 -10.59 3.25
CA SER A 3 -14.56 -10.09 3.07
C SER A 3 -13.78 -10.19 4.37
N GLY A 4 -12.98 -11.23 4.47
CA GLY A 4 -12.18 -11.46 5.67
C GLY A 4 -10.94 -10.56 5.67
N SER A 5 -11.13 -9.34 6.15
CA SER A 5 -10.04 -8.38 6.21
C SER A 5 -10.21 -7.49 7.45
N SER A 6 -9.07 -7.05 7.98
CA SER A 6 -9.08 -6.20 9.15
C SER A 6 -7.67 -5.63 9.38
N GLY A 7 -6.74 -6.53 9.65
CA GLY A 7 -5.36 -6.14 9.89
C GLY A 7 -4.45 -7.36 9.93
N LEU A 8 -4.54 -8.10 11.04
CA LEU A 8 -3.73 -9.29 11.21
C LEU A 8 -2.28 -8.88 11.46
N ASN A 9 -1.63 -8.43 10.40
CA ASN A 9 -0.25 -7.99 10.50
C ASN A 9 -0.12 -6.55 10.01
N ASP A 10 0.16 -5.67 10.95
CA ASP A 10 0.31 -4.26 10.63
C ASP A 10 -1.02 -3.72 10.10
N GLU A 11 -1.47 -2.62 10.69
CA GLU A 11 -2.72 -2.01 10.29
C GLU A 11 -2.47 -1.01 9.15
N LEU A 12 -1.38 -0.28 9.27
CA LEU A 12 -1.02 0.71 8.27
C LEU A 12 -0.21 0.03 7.15
N LEU A 13 0.60 -0.95 7.56
CA LEU A 13 1.43 -1.67 6.62
C LEU A 13 0.56 -2.71 5.88
N GLY A 14 0.95 -2.99 4.65
CA GLY A 14 0.23 -3.95 3.84
C GLY A 14 -1.16 -3.42 3.48
N LYS A 15 -1.35 -2.13 3.72
CA LYS A 15 -2.62 -1.50 3.43
C LYS A 15 -2.39 -0.26 2.56
N VAL A 16 -3.45 0.16 1.88
CA VAL A 16 -3.37 1.33 1.02
C VAL A 16 -3.44 2.60 1.88
N VAL A 17 -2.66 3.59 1.47
CA VAL A 17 -2.63 4.85 2.19
C VAL A 17 -2.50 6.01 1.18
N SER A 18 -2.91 7.18 1.63
CA SER A 18 -2.86 8.36 0.78
C SER A 18 -1.62 9.19 1.12
N VAL A 19 -0.85 9.52 0.10
CA VAL A 19 0.35 10.30 0.27
C VAL A 19 0.06 11.77 -0.09
N VAL A 20 0.49 12.65 0.79
CA VAL A 20 0.29 14.08 0.58
C VAL A 20 1.53 14.67 -0.09
N SER A 21 1.29 15.41 -1.16
CA SER A 21 2.37 16.04 -1.89
C SER A 21 2.90 17.25 -1.12
N ALA A 22 4.19 17.20 -0.80
CA ALA A 22 4.82 18.28 -0.06
C ALA A 22 4.78 19.55 -0.90
N THR A 23 4.58 19.36 -2.20
CA THR A 23 4.52 20.48 -3.11
C THR A 23 3.08 20.87 -3.38
N GLU A 24 2.17 20.00 -2.97
CA GLU A 24 0.75 20.24 -3.16
C GLU A 24 -0.07 19.37 -2.22
N ARG A 25 -0.21 19.86 -0.99
CA ARG A 25 -0.97 19.13 0.02
C ARG A 25 -2.24 18.55 -0.58
N THR A 26 -2.82 19.30 -1.51
CA THR A 26 -4.04 18.89 -2.18
C THR A 26 -3.83 17.54 -2.87
N GLU A 27 -3.07 17.58 -3.96
CA GLU A 27 -2.79 16.38 -4.71
C GLU A 27 -2.31 15.27 -3.78
N TRP A 28 -2.94 14.11 -3.90
CA TRP A 28 -2.59 12.97 -3.09
C TRP A 28 -2.75 11.70 -3.94
N TYR A 29 -1.87 10.74 -3.68
CA TYR A 29 -1.91 9.49 -4.42
C TYR A 29 -1.81 8.30 -3.47
N PRO A 30 -2.48 7.18 -3.88
CA PRO A 30 -2.48 5.97 -3.08
C PRO A 30 -1.13 5.25 -3.17
N ALA A 31 -0.81 4.53 -2.11
CA ALA A 31 0.42 3.78 -2.05
C ALA A 31 0.35 2.74 -0.94
N LEU A 32 0.83 1.54 -1.26
CA LEU A 32 0.82 0.45 -0.31
C LEU A 32 2.13 0.46 0.48
N VAL A 33 2.01 0.79 1.76
CA VAL A 33 3.18 0.83 2.64
C VAL A 33 3.92 -0.50 2.56
N ILE A 34 5.23 -0.41 2.69
CA ILE A 34 6.07 -1.60 2.64
C ILE A 34 7.36 -1.36 3.42
N SER A 35 8.24 -2.35 3.40
CA SER A 35 9.50 -2.25 4.09
C SER A 35 10.66 -2.49 3.12
N PRO A 36 11.76 -1.72 3.33
CA PRO A 36 12.93 -1.85 2.47
C PRO A 36 13.72 -3.11 2.82
N SER A 37 13.51 -4.13 2.00
CA SER A 37 14.19 -5.40 2.20
C SER A 37 15.29 -5.57 1.15
N CYS A 38 14.89 -5.41 -0.11
CA CYS A 38 15.82 -5.55 -1.21
C CYS A 38 16.43 -4.18 -1.50
N ASN A 39 15.56 -3.20 -1.68
CA ASN A 39 15.99 -1.85 -1.96
C ASN A 39 17.12 -1.46 -1.00
N ASP A 40 18.17 -0.88 -1.57
CA ASP A 40 19.31 -0.47 -0.78
C ASP A 40 19.66 0.98 -1.12
N ASP A 41 19.90 1.22 -2.39
CA ASP A 41 20.25 2.54 -2.86
C ASP A 41 19.31 3.56 -2.22
N ILE A 42 18.01 3.34 -2.42
CA ILE A 42 17.00 4.22 -1.88
C ILE A 42 16.96 4.06 -0.36
N THR A 43 18.08 4.36 0.28
CA THR A 43 18.17 4.25 1.72
C THR A 43 17.08 5.07 2.39
N VAL A 44 16.17 4.37 3.05
CA VAL A 44 15.07 5.01 3.74
C VAL A 44 15.58 5.60 5.07
N LYS A 45 15.12 6.81 5.35
CA LYS A 45 15.52 7.48 6.57
C LYS A 45 14.68 6.95 7.74
N LYS A 46 14.52 7.81 8.74
CA LYS A 46 13.74 7.45 9.91
C LYS A 46 12.32 8.00 9.77
N ASP A 47 12.23 9.17 9.15
CA ASP A 47 10.95 9.81 8.94
C ASP A 47 10.45 9.51 7.53
N GLN A 48 10.96 8.43 6.96
CA GLN A 48 10.58 8.02 5.63
C GLN A 48 10.29 6.52 5.58
N CYS A 49 9.36 6.15 4.72
CA CYS A 49 8.97 4.76 4.57
C CYS A 49 8.77 4.48 3.09
N LEU A 50 8.99 3.22 2.72
CA LEU A 50 8.83 2.81 1.33
C LEU A 50 7.38 2.34 1.11
N VAL A 51 6.75 2.95 0.11
CA VAL A 51 5.38 2.61 -0.21
C VAL A 51 5.32 2.06 -1.63
N ARG A 52 4.14 1.57 -2.00
CA ARG A 52 3.94 1.01 -3.32
C ARG A 52 2.73 1.67 -4.00
N SER A 53 3.03 2.54 -4.96
CA SER A 53 1.99 3.24 -5.69
C SER A 53 1.10 2.24 -6.44
N PHE A 54 -0.13 2.65 -6.67
CA PHE A 54 -1.08 1.81 -7.37
C PHE A 54 -1.39 2.36 -8.76
N ILE A 55 -0.55 3.30 -9.20
CA ILE A 55 -0.72 3.91 -10.49
C ILE A 55 0.25 3.26 -11.49
N ASP A 56 1.53 3.45 -11.22
CA ASP A 56 2.57 2.90 -12.08
C ASP A 56 3.20 1.69 -11.38
N SER A 57 2.90 1.56 -10.10
CA SER A 57 3.43 0.45 -9.32
C SER A 57 4.94 0.64 -9.11
N LYS A 58 5.31 1.85 -8.72
CA LYS A 58 6.71 2.18 -8.48
C LYS A 58 6.96 2.24 -6.98
N PHE A 59 8.24 2.19 -6.62
CA PHE A 59 8.63 2.24 -5.23
C PHE A 59 9.07 3.65 -4.83
N TYR A 60 8.30 4.25 -3.94
CA TYR A 60 8.60 5.60 -3.48
C TYR A 60 8.81 5.63 -1.97
N SER A 61 9.61 6.58 -1.53
CA SER A 61 9.91 6.72 -0.11
C SER A 61 9.42 8.09 0.39
N ILE A 62 8.30 8.05 1.09
CA ILE A 62 7.71 9.26 1.63
C ILE A 62 7.77 9.21 3.16
N ALA A 63 7.29 10.29 3.77
CA ALA A 63 7.28 10.38 5.23
C ALA A 63 5.88 10.00 5.74
N ARG A 64 5.88 9.18 6.78
CA ARG A 64 4.63 8.74 7.38
C ARG A 64 3.72 9.95 7.66
N LYS A 65 4.35 11.11 7.77
CA LYS A 65 3.63 12.34 8.04
C LYS A 65 2.80 12.72 6.81
N ASP A 66 3.44 12.58 5.65
CA ASP A 66 2.78 12.90 4.39
C ASP A 66 1.68 11.88 4.12
N ILE A 67 1.81 10.73 4.77
CA ILE A 67 0.84 9.66 4.61
C ILE A 67 -0.28 9.84 5.63
N LYS A 68 -1.47 9.37 5.25
CA LYS A 68 -2.62 9.47 6.13
C LYS A 68 -3.72 8.55 5.62
N GLU A 69 -4.36 7.87 6.56
CA GLU A 69 -5.44 6.95 6.21
C GLU A 69 -6.28 7.51 5.07
N VAL A 70 -6.83 6.60 4.26
CA VAL A 70 -7.65 7.00 3.14
C VAL A 70 -8.75 5.95 2.93
N ASP A 71 -9.87 6.43 2.40
CA ASP A 71 -11.00 5.54 2.14
C ASP A 71 -11.12 5.31 0.63
N ILE A 72 -10.36 4.35 0.15
CA ILE A 72 -10.37 4.01 -1.26
C ILE A 72 -11.61 3.16 -1.57
N LEU A 73 -11.89 2.23 -0.66
CA LEU A 73 -13.03 1.35 -0.82
C LEU A 73 -14.32 2.15 -0.57
N ASN A 74 -14.14 3.39 -0.17
CA ASN A 74 -15.28 4.26 0.09
C ASN A 74 -15.39 5.30 -1.02
N LEU A 75 -14.64 5.07 -2.09
CA LEU A 75 -14.65 5.97 -3.22
C LEU A 75 -15.76 5.57 -4.19
N PRO A 76 -16.21 6.57 -4.99
CA PRO A 76 -17.27 6.34 -5.95
C PRO A 76 -16.74 5.55 -7.16
N GLU A 77 -17.60 4.68 -7.68
CA GLU A 77 -17.23 3.87 -8.83
C GLU A 77 -16.66 4.75 -9.94
N SER A 78 -17.01 6.02 -9.87
CA SER A 78 -16.53 6.98 -10.86
C SER A 78 -15.01 7.12 -10.76
N GLU A 79 -14.56 7.53 -9.58
CA GLU A 79 -13.14 7.72 -9.34
C GLU A 79 -12.38 6.45 -9.69
N LEU A 80 -12.90 5.32 -9.21
CA LEU A 80 -12.28 4.03 -9.47
C LEU A 80 -12.33 3.74 -10.97
N SER A 81 -13.52 3.88 -11.53
CA SER A 81 -13.71 3.63 -12.95
C SER A 81 -12.70 4.45 -13.76
N THR A 82 -12.18 5.48 -13.13
CA THR A 82 -11.19 6.34 -13.79
C THR A 82 -9.83 6.20 -13.10
N LYS A 83 -9.63 7.02 -12.08
CA LYS A 83 -8.38 7.00 -11.35
C LYS A 83 -7.91 5.55 -11.19
N PRO A 84 -6.72 5.27 -11.79
CA PRO A 84 -6.14 3.94 -11.71
C PRO A 84 -5.55 3.66 -10.33
N GLY A 85 -4.76 4.62 -9.86
CA GLY A 85 -4.14 4.50 -8.56
C GLY A 85 -5.16 4.11 -7.49
N LEU A 86 -6.34 4.69 -7.61
CA LEU A 86 -7.41 4.42 -6.67
C LEU A 86 -7.97 3.02 -6.92
N GLN A 87 -8.53 2.84 -8.11
CA GLN A 87 -9.10 1.57 -8.49
C GLN A 87 -8.25 0.42 -7.92
N LYS A 88 -7.10 0.24 -8.53
CA LYS A 88 -6.19 -0.82 -8.09
C LYS A 88 -6.15 -0.86 -6.57
N ALA A 89 -5.68 0.23 -5.99
CA ALA A 89 -5.58 0.33 -4.55
C ALA A 89 -6.83 -0.29 -3.92
N SER A 90 -7.97 0.14 -4.42
CA SER A 90 -9.24 -0.35 -3.92
C SER A 90 -9.35 -1.86 -4.13
N ILE A 91 -9.00 -2.29 -5.34
CA ILE A 91 -9.04 -3.70 -5.68
C ILE A 91 -8.30 -4.50 -4.60
N PHE A 92 -7.16 -3.96 -4.20
CA PHE A 92 -6.36 -4.61 -3.17
C PHE A 92 -7.03 -4.53 -1.80
N LEU A 93 -8.05 -3.69 -1.73
CA LEU A 93 -8.78 -3.51 -0.49
C LEU A 93 -9.99 -4.45 -0.48
N LYS A 94 -10.25 -5.04 -1.63
CA LYS A 94 -11.36 -5.96 -1.76
C LYS A 94 -10.83 -7.36 -2.08
N THR A 95 -9.97 -7.42 -3.08
CA THR A 95 -9.38 -8.68 -3.49
C THR A 95 -8.23 -9.07 -2.54
N ARG A 96 -7.78 -8.09 -1.78
CA ARG A 96 -6.70 -8.31 -0.83
C ARG A 96 -5.62 -9.20 -1.46
N VAL A 97 -5.23 -8.83 -2.67
CA VAL A 97 -4.21 -9.58 -3.39
C VAL A 97 -3.67 -8.73 -4.53
N VAL A 98 -2.43 -8.30 -4.38
CA VAL A 98 -1.78 -7.49 -5.39
C VAL A 98 -1.68 -8.29 -6.69
N PRO A 99 -1.44 -7.54 -7.81
CA PRO A 99 -1.31 -8.17 -9.11
C PRO A 99 0.04 -8.87 -9.26
N ASP A 100 0.06 -9.86 -10.14
CA ASP A 100 1.27 -10.63 -10.38
C ASP A 100 2.43 -9.66 -10.65
N ASN A 101 2.08 -8.49 -11.16
CA ASN A 101 3.07 -7.48 -11.47
C ASN A 101 3.87 -7.15 -10.21
N TRP A 102 3.15 -7.13 -9.08
CA TRP A 102 3.77 -6.84 -7.81
C TRP A 102 4.57 -8.06 -7.36
N LYS A 103 3.86 -9.16 -7.19
CA LYS A 103 4.49 -10.40 -6.77
C LYS A 103 4.97 -10.27 -5.32
N MET A 104 4.02 -10.01 -4.44
CA MET A 104 4.32 -9.86 -3.03
C MET A 104 4.34 -11.20 -2.31
N ASP A 105 4.97 -11.22 -1.15
CA ASP A 105 5.05 -12.43 -0.36
C ASP A 105 5.78 -12.14 0.95
N ILE A 106 5.51 -10.95 1.48
CA ILE A 106 6.14 -10.54 2.72
C ILE A 106 5.19 -10.84 3.88
N SER A 107 3.90 -10.79 3.58
CA SER A 107 2.88 -11.06 4.59
C SER A 107 3.16 -12.40 5.27
N GLU A 108 3.82 -13.28 4.53
CA GLU A 108 4.15 -14.60 5.05
C GLU A 108 5.41 -14.52 5.93
N ILE A 109 6.22 -13.51 5.66
CA ILE A 109 7.44 -13.33 6.40
C ILE A 109 7.11 -13.00 7.86
N LEU A 110 5.88 -12.52 8.06
CA LEU A 110 5.43 -12.17 9.39
C LEU A 110 4.15 -12.96 9.70
N GLU A 111 3.07 -12.56 9.04
CA GLU A 111 1.79 -13.21 9.24
C GLU A 111 1.49 -13.37 10.73
N SER A 112 0.44 -14.12 11.02
CA SER A 112 0.04 -14.35 12.40
C SER A 112 -1.24 -15.17 12.45
N GLY A 113 -1.63 -15.55 13.65
CA GLY A 113 -2.84 -16.33 13.84
C GLY A 113 -3.90 -15.53 14.60
N PRO A 114 -4.68 -16.26 15.44
CA PRO A 114 -5.72 -15.63 16.23
C PRO A 114 -5.14 -14.84 17.40
N SER A 115 -5.97 -13.98 17.97
CA SER A 115 -5.54 -13.16 19.08
C SER A 115 -6.72 -12.90 20.02
N SER A 116 -7.75 -12.26 19.48
CA SER A 116 -8.94 -11.97 20.25
C SER A 116 -8.55 -11.25 21.54
N GLY A 117 -8.30 -9.96 21.42
CA GLY A 117 -7.93 -9.15 22.57
C GLY A 117 -9.02 -8.13 22.91
N GLY A 1 -13.34 -15.08 3.00
CA GLY A 1 -12.96 -15.67 4.27
C GLY A 1 -14.18 -15.84 5.18
N SER A 2 -13.98 -16.61 6.24
CA SER A 2 -15.05 -16.86 7.19
C SER A 2 -14.46 -17.21 8.56
N SER A 3 -13.64 -18.25 8.57
CA SER A 3 -13.00 -18.69 9.80
C SER A 3 -11.49 -18.60 9.67
N GLY A 4 -10.91 -17.73 10.47
CA GLY A 4 -9.46 -17.54 10.45
C GLY A 4 -9.10 -16.07 10.65
N SER A 5 -9.07 -15.66 11.91
CA SER A 5 -8.75 -14.28 12.24
C SER A 5 -7.80 -14.25 13.44
N SER A 6 -6.51 -14.24 13.13
CA SER A 6 -5.50 -14.20 14.17
C SER A 6 -4.20 -13.63 13.61
N GLY A 7 -3.71 -12.59 14.27
CA GLY A 7 -2.48 -11.94 13.85
C GLY A 7 -2.69 -10.44 13.67
N LEU A 8 -1.83 -9.67 14.34
CA LEU A 8 -1.91 -8.22 14.25
C LEU A 8 -0.50 -7.64 14.13
N ASN A 9 -0.24 -7.06 12.97
CA ASN A 9 1.06 -6.47 12.70
C ASN A 9 0.89 -5.25 11.79
N ASP A 10 0.87 -4.09 12.42
CA ASP A 10 0.72 -2.84 11.68
C ASP A 10 -0.64 -2.84 10.98
N GLU A 11 -1.37 -1.75 11.16
CA GLU A 11 -2.68 -1.61 10.55
C GLU A 11 -2.61 -0.69 9.34
N LEU A 12 -1.80 0.36 9.47
CA LEU A 12 -1.63 1.32 8.40
C LEU A 12 -0.71 0.72 7.32
N LEU A 13 0.26 -0.05 7.79
CA LEU A 13 1.20 -0.68 6.89
C LEU A 13 0.55 -1.91 6.25
N GLY A 14 0.95 -2.18 5.02
CA GLY A 14 0.41 -3.32 4.29
C GLY A 14 -0.98 -3.01 3.73
N LYS A 15 -1.40 -1.77 3.93
CA LYS A 15 -2.70 -1.34 3.47
C LYS A 15 -2.54 -0.08 2.61
N VAL A 16 -3.60 0.25 1.89
CA VAL A 16 -3.58 1.42 1.03
C VAL A 16 -3.65 2.68 1.89
N VAL A 17 -2.80 3.64 1.54
CA VAL A 17 -2.74 4.89 2.27
C VAL A 17 -2.56 6.05 1.28
N SER A 18 -2.93 7.23 1.73
CA SER A 18 -2.82 8.42 0.89
C SER A 18 -1.56 9.20 1.26
N VAL A 19 -0.83 9.61 0.23
CA VAL A 19 0.39 10.37 0.44
C VAL A 19 0.17 11.82 0.01
N VAL A 20 0.45 12.72 0.94
CA VAL A 20 0.29 14.14 0.67
C VAL A 20 1.52 14.66 -0.07
N SER A 21 1.27 15.26 -1.23
CA SER A 21 2.33 15.80 -2.04
C SER A 21 2.94 17.02 -1.35
N ALA A 22 4.27 17.09 -1.39
CA ALA A 22 4.98 18.20 -0.78
C ALA A 22 4.82 19.45 -1.65
N THR A 23 4.70 19.22 -2.95
CA THR A 23 4.55 20.30 -3.89
C THR A 23 3.11 20.81 -3.88
N GLU A 24 2.20 19.93 -3.50
CA GLU A 24 0.79 20.27 -3.44
C GLU A 24 0.09 19.45 -2.35
N ARG A 25 -0.01 20.05 -1.17
CA ARG A 25 -0.65 19.38 -0.05
C ARG A 25 -1.96 18.73 -0.50
N THR A 26 -2.68 19.44 -1.36
CA THR A 26 -3.94 18.95 -1.86
C THR A 26 -3.75 17.60 -2.56
N GLU A 27 -3.04 17.65 -3.69
CA GLU A 27 -2.78 16.44 -4.45
C GLU A 27 -2.30 15.31 -3.53
N TRP A 28 -2.93 14.16 -3.69
CA TRP A 28 -2.58 13.00 -2.88
C TRP A 28 -2.69 11.76 -3.77
N TYR A 29 -1.79 10.82 -3.52
CA TYR A 29 -1.78 9.58 -4.27
C TYR A 29 -1.73 8.36 -3.35
N PRO A 30 -2.41 7.26 -3.79
CA PRO A 30 -2.44 6.04 -3.01
C PRO A 30 -1.12 5.30 -3.10
N ALA A 31 -0.78 4.62 -2.01
CA ALA A 31 0.46 3.86 -1.96
C ALA A 31 0.36 2.82 -0.84
N LEU A 32 0.86 1.63 -1.14
CA LEU A 32 0.84 0.54 -0.18
C LEU A 32 2.17 0.51 0.58
N VAL A 33 2.12 0.98 1.82
CA VAL A 33 3.31 1.01 2.65
C VAL A 33 3.93 -0.38 2.70
N ILE A 34 5.25 -0.42 2.83
CA ILE A 34 5.97 -1.67 2.89
C ILE A 34 7.34 -1.44 3.51
N SER A 35 8.12 -2.51 3.55
CA SER A 35 9.47 -2.44 4.13
C SER A 35 10.50 -2.91 3.10
N PRO A 36 11.55 -2.07 2.90
CA PRO A 36 12.60 -2.39 1.95
C PRO A 36 13.53 -3.47 2.52
N SER A 37 12.95 -4.65 2.75
CA SER A 37 13.71 -5.75 3.28
C SER A 37 14.82 -6.15 2.31
N CYS A 38 14.43 -6.37 1.07
CA CYS A 38 15.38 -6.74 0.03
C CYS A 38 16.17 -5.50 -0.37
N ASN A 39 15.44 -4.51 -0.88
CA ASN A 39 16.06 -3.26 -1.31
C ASN A 39 16.98 -2.75 -0.20
N ASP A 40 18.05 -2.10 -0.63
CA ASP A 40 19.01 -1.55 0.32
C ASP A 40 19.49 -0.18 -0.18
N ASP A 41 19.96 -0.16 -1.41
CA ASP A 41 20.45 1.07 -2.01
C ASP A 41 19.45 2.20 -1.72
N ILE A 42 18.19 1.92 -2.00
CA ILE A 42 17.14 2.90 -1.77
C ILE A 42 16.93 3.06 -0.27
N THR A 43 17.98 3.53 0.39
CA THR A 43 17.92 3.74 1.83
C THR A 43 16.71 4.61 2.20
N VAL A 44 16.11 4.29 3.34
CA VAL A 44 14.95 5.03 3.80
C VAL A 44 15.31 5.76 5.10
N LYS A 45 14.95 7.04 5.14
CA LYS A 45 15.24 7.85 6.30
C LYS A 45 14.44 7.32 7.49
N LYS A 46 14.80 7.80 8.68
CA LYS A 46 14.13 7.38 9.89
C LYS A 46 12.69 7.93 9.90
N ASP A 47 12.50 8.98 9.12
CA ASP A 47 11.19 9.60 9.02
C ASP A 47 10.59 9.32 7.63
N GLN A 48 11.07 8.24 7.04
CA GLN A 48 10.59 7.84 5.72
C GLN A 48 10.25 6.35 5.70
N CYS A 49 9.47 5.96 4.70
CA CYS A 49 9.06 4.58 4.56
C CYS A 49 8.81 4.31 3.07
N LEU A 50 9.09 3.07 2.68
CA LEU A 50 8.90 2.67 1.30
C LEU A 50 7.45 2.24 1.09
N VAL A 51 6.80 2.90 0.13
CA VAL A 51 5.41 2.60 -0.18
C VAL A 51 5.32 2.08 -1.61
N ARG A 52 4.21 1.40 -1.90
CA ARG A 52 3.98 0.85 -3.23
C ARG A 52 2.82 1.57 -3.90
N SER A 53 3.15 2.35 -4.91
CA SER A 53 2.14 3.10 -5.65
C SER A 53 1.17 2.13 -6.33
N PHE A 54 -0.04 2.63 -6.56
CA PHE A 54 -1.06 1.82 -7.19
C PHE A 54 -1.39 2.34 -8.59
N ILE A 55 -0.57 3.28 -9.04
CA ILE A 55 -0.76 3.88 -10.35
C ILE A 55 0.15 3.17 -11.37
N ASP A 56 1.45 3.32 -11.15
CA ASP A 56 2.43 2.71 -12.03
C ASP A 56 3.04 1.49 -11.33
N SER A 57 2.75 1.37 -10.04
CA SER A 57 3.26 0.26 -9.26
C SER A 57 4.77 0.40 -9.09
N LYS A 58 5.19 1.59 -8.68
CA LYS A 58 6.60 1.85 -8.48
C LYS A 58 6.89 1.93 -6.99
N PHE A 59 8.16 2.19 -6.68
CA PHE A 59 8.58 2.29 -5.28
C PHE A 59 9.02 3.72 -4.96
N TYR A 60 8.28 4.33 -4.03
CA TYR A 60 8.58 5.69 -3.61
C TYR A 60 8.92 5.75 -2.12
N SER A 61 9.65 6.78 -1.75
CA SER A 61 10.05 6.96 -0.37
C SER A 61 9.49 8.27 0.17
N ILE A 62 8.39 8.15 0.90
CA ILE A 62 7.74 9.31 1.48
C ILE A 62 7.85 9.25 3.00
N ALA A 63 7.32 10.28 3.65
CA ALA A 63 7.35 10.35 5.10
C ALA A 63 5.99 9.93 5.66
N ARG A 64 6.03 9.09 6.68
CA ARG A 64 4.81 8.61 7.30
C ARG A 64 3.94 9.80 7.73
N LYS A 65 4.58 10.95 7.86
CA LYS A 65 3.87 12.15 8.26
C LYS A 65 3.01 12.66 7.10
N ASP A 66 3.52 12.42 5.89
CA ASP A 66 2.82 12.83 4.70
C ASP A 66 1.70 11.84 4.39
N ILE A 67 1.83 10.66 4.97
CA ILE A 67 0.85 9.61 4.77
C ILE A 67 -0.30 9.80 5.77
N LYS A 68 -1.50 9.46 5.32
CA LYS A 68 -2.68 9.58 6.16
C LYS A 68 -3.77 8.64 5.65
N GLU A 69 -4.40 7.96 6.59
CA GLU A 69 -5.45 7.01 6.25
C GLU A 69 -6.31 7.57 5.11
N VAL A 70 -6.78 6.65 4.28
CA VAL A 70 -7.62 7.03 3.14
C VAL A 70 -8.65 5.93 2.89
N ASP A 71 -9.81 6.36 2.41
CA ASP A 71 -10.88 5.42 2.11
C ASP A 71 -11.00 5.25 0.60
N ILE A 72 -10.14 4.40 0.05
CA ILE A 72 -10.14 4.15 -1.37
C ILE A 72 -11.31 3.23 -1.72
N LEU A 73 -11.57 2.29 -0.83
CA LEU A 73 -12.66 1.34 -1.02
C LEU A 73 -14.00 2.05 -0.79
N ASN A 74 -13.89 3.32 -0.40
CA ASN A 74 -15.08 4.11 -0.15
C ASN A 74 -15.34 5.06 -1.33
N LEU A 75 -14.34 5.11 -2.22
CA LEU A 75 -14.45 5.96 -3.39
C LEU A 75 -15.57 5.45 -4.29
N PRO A 76 -16.15 6.40 -5.08
CA PRO A 76 -17.23 6.05 -5.99
C PRO A 76 -16.70 5.30 -7.21
N GLU A 77 -17.52 4.40 -7.71
CA GLU A 77 -17.15 3.60 -8.88
C GLU A 77 -16.65 4.52 -10.00
N SER A 78 -17.07 5.78 -9.93
CA SER A 78 -16.68 6.76 -10.92
C SER A 78 -15.18 7.04 -10.81
N GLU A 79 -14.74 7.28 -9.58
CA GLU A 79 -13.34 7.56 -9.34
C GLU A 79 -12.49 6.33 -9.64
N LEU A 80 -12.97 5.19 -9.18
CA LEU A 80 -12.27 3.93 -9.41
C LEU A 80 -12.22 3.63 -10.89
N SER A 81 -13.40 3.51 -11.48
CA SER A 81 -13.51 3.23 -12.90
C SER A 81 -12.51 4.09 -13.69
N THR A 82 -12.19 5.24 -13.10
CA THR A 82 -11.25 6.16 -13.73
C THR A 82 -9.88 6.07 -13.07
N LYS A 83 -9.70 6.86 -12.02
CA LYS A 83 -8.45 6.88 -11.29
C LYS A 83 -7.93 5.45 -11.15
N PRO A 84 -6.73 5.21 -11.76
CA PRO A 84 -6.11 3.89 -11.73
C PRO A 84 -5.50 3.63 -10.35
N GLY A 85 -4.79 4.63 -9.85
CA GLY A 85 -4.14 4.51 -8.55
C GLY A 85 -5.16 4.13 -7.47
N LEU A 86 -6.32 4.77 -7.54
CA LEU A 86 -7.37 4.52 -6.57
C LEU A 86 -7.96 3.13 -6.83
N GLN A 87 -8.33 2.90 -8.09
CA GLN A 87 -8.91 1.63 -8.48
C GLN A 87 -8.07 0.48 -7.94
N LYS A 88 -6.92 0.27 -8.56
CA LYS A 88 -6.03 -0.79 -8.15
C LYS A 88 -5.95 -0.83 -6.62
N ALA A 89 -5.79 0.36 -6.05
CA ALA A 89 -5.70 0.49 -4.60
C ALA A 89 -6.95 -0.13 -3.96
N SER A 90 -8.09 0.27 -4.49
CA SER A 90 -9.36 -0.22 -3.98
C SER A 90 -9.46 -1.73 -4.22
N ILE A 91 -9.13 -2.14 -5.44
CA ILE A 91 -9.19 -3.53 -5.81
C ILE A 91 -8.50 -4.37 -4.72
N PHE A 92 -7.30 -3.94 -4.36
CA PHE A 92 -6.54 -4.64 -3.33
C PHE A 92 -7.22 -4.52 -1.97
N LEU A 93 -8.19 -3.62 -1.90
CA LEU A 93 -8.92 -3.40 -0.66
C LEU A 93 -10.18 -4.27 -0.67
N LYS A 94 -10.46 -4.86 -1.82
CA LYS A 94 -11.62 -5.71 -1.96
C LYS A 94 -11.16 -7.14 -2.27
N THR A 95 -10.29 -7.25 -3.26
CA THR A 95 -9.78 -8.55 -3.66
C THR A 95 -8.68 -9.01 -2.68
N ARG A 96 -8.01 -8.03 -2.11
CA ARG A 96 -6.94 -8.31 -1.16
C ARG A 96 -5.87 -9.19 -1.81
N VAL A 97 -5.59 -8.89 -3.07
CA VAL A 97 -4.60 -9.64 -3.81
C VAL A 97 -3.95 -8.73 -4.86
N VAL A 98 -2.75 -8.25 -4.54
CA VAL A 98 -2.02 -7.38 -5.44
C VAL A 98 -1.72 -8.13 -6.74
N PRO A 99 -1.37 -7.34 -7.78
CA PRO A 99 -1.06 -7.91 -9.08
C PRO A 99 0.32 -8.58 -9.08
N ASP A 100 0.46 -9.59 -9.91
CA ASP A 100 1.72 -10.32 -10.01
C ASP A 100 2.86 -9.31 -10.19
N ASN A 101 2.51 -8.15 -10.72
CA ASN A 101 3.50 -7.10 -10.96
C ASN A 101 4.14 -6.71 -9.63
N TRP A 102 3.47 -7.10 -8.55
CA TRP A 102 3.96 -6.80 -7.21
C TRP A 102 4.62 -8.06 -6.64
N LYS A 103 3.82 -9.11 -6.57
CA LYS A 103 4.30 -10.38 -6.04
C LYS A 103 4.68 -10.22 -4.57
N MET A 104 3.70 -9.80 -3.79
CA MET A 104 3.92 -9.60 -2.36
C MET A 104 4.58 -10.82 -1.73
N ASP A 105 4.81 -10.72 -0.42
CA ASP A 105 5.43 -11.81 0.31
C ASP A 105 4.60 -12.14 1.55
N ILE A 106 4.21 -11.08 2.25
CA ILE A 106 3.40 -11.24 3.45
C ILE A 106 1.92 -11.24 3.06
N SER A 107 1.59 -10.42 2.08
CA SER A 107 0.22 -10.32 1.62
C SER A 107 -0.36 -11.70 1.40
N GLU A 108 0.53 -12.65 1.12
CA GLU A 108 0.12 -14.02 0.87
C GLU A 108 0.12 -14.81 2.19
N ILE A 109 1.01 -14.40 3.08
CA ILE A 109 1.13 -15.06 4.38
C ILE A 109 -0.15 -14.82 5.19
N LEU A 110 -0.91 -13.83 4.74
CA LEU A 110 -2.15 -13.49 5.41
C LEU A 110 -3.24 -14.48 4.99
N GLU A 111 -3.52 -14.49 3.69
CA GLU A 111 -4.53 -15.37 3.15
C GLU A 111 -4.15 -16.83 3.40
N SER A 112 -5.14 -17.60 3.85
CA SER A 112 -4.93 -19.01 4.13
C SER A 112 -3.85 -19.16 5.20
N GLY A 113 -4.28 -19.61 6.37
CA GLY A 113 -3.36 -19.81 7.48
C GLY A 113 -3.76 -21.04 8.31
N PRO A 114 -2.75 -21.59 9.03
CA PRO A 114 -2.99 -22.77 9.86
C PRO A 114 -3.75 -22.40 11.13
N SER A 115 -4.57 -23.33 11.58
CA SER A 115 -5.36 -23.12 12.78
C SER A 115 -5.98 -24.44 13.24
N SER A 116 -7.00 -24.87 12.50
CA SER A 116 -7.69 -26.11 12.82
C SER A 116 -6.69 -27.27 12.86
N GLY A 117 -7.13 -28.37 13.44
CA GLY A 117 -6.29 -29.55 13.54
C GLY A 117 -6.64 -30.57 12.47
N GLY A 1 12.85 -21.59 0.01
CA GLY A 1 12.90 -21.11 1.38
C GLY A 1 12.23 -19.74 1.51
N SER A 2 11.28 -19.68 2.44
CA SER A 2 10.55 -18.44 2.68
C SER A 2 10.07 -18.39 4.12
N SER A 3 10.85 -17.70 4.95
CA SER A 3 10.51 -17.57 6.36
C SER A 3 9.17 -16.84 6.51
N GLY A 4 8.52 -17.11 7.63
CA GLY A 4 7.23 -16.49 7.90
C GLY A 4 7.09 -16.18 9.40
N SER A 5 7.09 -17.24 10.19
CA SER A 5 6.97 -17.10 11.63
C SER A 5 7.79 -15.92 12.12
N SER A 6 7.41 -15.40 13.28
CA SER A 6 8.10 -14.26 13.87
C SER A 6 7.90 -13.02 12.99
N GLY A 7 7.04 -12.14 13.47
CA GLY A 7 6.75 -10.91 12.75
C GLY A 7 5.57 -10.17 13.37
N LEU A 8 5.56 -8.86 13.17
CA LEU A 8 4.50 -8.03 13.72
C LEU A 8 3.57 -7.59 12.58
N ASN A 9 2.37 -7.16 12.96
CA ASN A 9 1.40 -6.71 11.99
C ASN A 9 1.09 -5.22 12.22
N ASP A 10 0.65 -4.57 11.16
CA ASP A 10 0.32 -3.17 11.23
C ASP A 10 -1.07 -2.94 10.64
N GLU A 11 -1.68 -1.83 11.04
CA GLU A 11 -3.01 -1.49 10.55
C GLU A 11 -2.91 -0.46 9.42
N LEU A 12 -1.97 0.47 9.58
CA LEU A 12 -1.76 1.50 8.59
C LEU A 12 -0.74 1.02 7.56
N LEU A 13 0.23 0.28 8.05
CA LEU A 13 1.28 -0.25 7.19
C LEU A 13 0.78 -1.52 6.50
N GLY A 14 1.28 -1.74 5.29
CA GLY A 14 0.89 -2.91 4.53
C GLY A 14 -0.49 -2.71 3.89
N LYS A 15 -1.05 -1.53 4.13
CA LYS A 15 -2.37 -1.20 3.59
C LYS A 15 -2.25 0.05 2.72
N VAL A 16 -3.33 0.33 2.00
CA VAL A 16 -3.37 1.49 1.13
C VAL A 16 -3.49 2.76 1.97
N VAL A 17 -2.88 3.82 1.49
CA VAL A 17 -2.92 5.10 2.19
C VAL A 17 -2.82 6.23 1.17
N SER A 18 -3.19 7.43 1.62
CA SER A 18 -3.15 8.60 0.76
C SER A 18 -1.88 9.40 1.04
N VAL A 19 -1.03 9.49 0.02
CA VAL A 19 0.22 10.22 0.14
C VAL A 19 -0.01 11.67 -0.29
N VAL A 20 0.23 12.58 0.64
CA VAL A 20 0.06 13.99 0.38
C VAL A 20 1.32 14.54 -0.30
N SER A 21 1.12 15.17 -1.44
CA SER A 21 2.22 15.73 -2.19
C SER A 21 2.81 16.93 -1.44
N ALA A 22 4.11 16.85 -1.21
CA ALA A 22 4.81 17.91 -0.50
C ALA A 22 4.59 19.23 -1.23
N THR A 23 4.87 19.22 -2.53
CA THR A 23 4.71 20.41 -3.34
C THR A 23 3.23 20.63 -3.67
N GLU A 24 2.42 19.65 -3.31
CA GLU A 24 0.99 19.72 -3.55
C GLU A 24 0.21 19.12 -2.38
N ARG A 25 0.06 19.92 -1.34
CA ARG A 25 -0.65 19.48 -0.15
C ARG A 25 -2.02 18.92 -0.53
N THR A 26 -2.47 19.31 -1.72
CA THR A 26 -3.77 18.86 -2.22
C THR A 26 -3.64 17.48 -2.85
N GLU A 27 -3.17 17.47 -4.09
CA GLU A 27 -3.00 16.22 -4.82
C GLU A 27 -2.48 15.13 -3.88
N TRP A 28 -3.10 13.97 -3.97
CA TRP A 28 -2.71 12.83 -3.14
C TRP A 28 -2.85 11.56 -3.98
N TYR A 29 -1.90 10.65 -3.80
CA TYR A 29 -1.92 9.41 -4.52
C TYR A 29 -1.84 8.21 -3.57
N PRO A 30 -2.47 7.09 -3.99
CA PRO A 30 -2.48 5.89 -3.17
C PRO A 30 -1.13 5.17 -3.23
N ALA A 31 -0.80 4.51 -2.14
CA ALA A 31 0.47 3.78 -2.05
C ALA A 31 0.39 2.78 -0.91
N LEU A 32 0.94 1.60 -1.16
CA LEU A 32 0.93 0.54 -0.16
C LEU A 32 2.23 0.63 0.66
N VAL A 33 2.07 1.01 1.91
CA VAL A 33 3.21 1.14 2.81
C VAL A 33 3.86 -0.24 3.00
N ILE A 34 5.17 -0.23 3.06
CA ILE A 34 5.92 -1.47 3.25
C ILE A 34 7.32 -1.14 3.78
N SER A 35 8.12 -2.18 3.91
CA SER A 35 9.48 -2.02 4.41
C SER A 35 10.47 -2.59 3.40
N PRO A 36 11.68 -1.95 3.36
CA PRO A 36 12.73 -2.37 2.45
C PRO A 36 13.39 -3.65 2.94
N SER A 37 13.13 -4.73 2.22
CA SER A 37 13.70 -6.03 2.57
C SER A 37 14.79 -6.40 1.58
N CYS A 38 14.41 -6.51 0.32
CA CYS A 38 15.34 -6.87 -0.73
C CYS A 38 16.14 -5.62 -1.10
N ASN A 39 15.42 -4.62 -1.61
CA ASN A 39 16.04 -3.37 -2.02
C ASN A 39 16.95 -2.88 -0.89
N ASP A 40 18.23 -2.77 -1.21
CA ASP A 40 19.21 -2.30 -0.24
C ASP A 40 19.56 -0.84 -0.54
N ASP A 41 20.05 -0.62 -1.74
CA ASP A 41 20.44 0.71 -2.16
C ASP A 41 19.36 1.71 -1.72
N ILE A 42 18.12 1.37 -2.03
CA ILE A 42 16.99 2.22 -1.68
C ILE A 42 17.22 2.79 -0.27
N THR A 43 17.70 4.02 -0.24
CA THR A 43 17.95 4.69 1.03
C THR A 43 16.68 5.33 1.56
N VAL A 44 16.21 4.82 2.69
CA VAL A 44 15.00 5.33 3.31
C VAL A 44 15.37 6.05 4.61
N LYS A 45 14.88 7.29 4.72
CA LYS A 45 15.15 8.08 5.90
C LYS A 45 14.52 7.41 7.13
N LYS A 46 14.53 8.15 8.23
CA LYS A 46 13.96 7.63 9.47
C LYS A 46 12.47 7.95 9.51
N ASP A 47 12.14 9.15 9.04
CA ASP A 47 10.75 9.58 9.02
C ASP A 47 10.14 9.28 7.65
N GLN A 48 10.73 8.28 6.99
CA GLN A 48 10.25 7.88 5.67
C GLN A 48 9.93 6.38 5.67
N CYS A 49 9.02 6.01 4.78
CA CYS A 49 8.61 4.62 4.66
C CYS A 49 8.50 4.29 3.17
N LEU A 50 8.76 3.02 2.87
CA LEU A 50 8.70 2.56 1.49
C LEU A 50 7.25 2.16 1.16
N VAL A 51 6.66 2.92 0.25
CA VAL A 51 5.29 2.67 -0.16
C VAL A 51 5.28 2.18 -1.61
N ARG A 52 4.22 1.47 -1.96
CA ARG A 52 4.07 0.94 -3.30
C ARG A 52 2.87 1.57 -3.99
N SER A 53 3.17 2.41 -4.98
CA SER A 53 2.12 3.08 -5.72
C SER A 53 1.25 2.06 -6.45
N PHE A 54 0.00 2.45 -6.69
CA PHE A 54 -0.94 1.57 -7.37
C PHE A 54 -1.26 2.09 -8.77
N ILE A 55 -0.46 3.06 -9.19
CA ILE A 55 -0.64 3.65 -10.51
C ILE A 55 0.32 2.98 -11.50
N ASP A 56 1.60 3.19 -11.26
CA ASP A 56 2.63 2.61 -12.11
C ASP A 56 3.21 1.37 -11.44
N SER A 57 2.81 1.17 -10.18
CA SER A 57 3.29 0.03 -9.43
C SER A 57 4.80 0.14 -9.20
N LYS A 58 5.21 1.31 -8.72
CA LYS A 58 6.62 1.57 -8.46
C LYS A 58 6.81 1.78 -6.96
N PHE A 59 8.08 1.89 -6.57
CA PHE A 59 8.42 2.11 -5.18
C PHE A 59 8.85 3.55 -4.93
N TYR A 60 8.21 4.18 -3.96
CA TYR A 60 8.51 5.55 -3.61
C TYR A 60 8.87 5.68 -2.12
N SER A 61 9.58 6.74 -1.80
CA SER A 61 9.98 6.99 -0.44
C SER A 61 9.39 8.32 0.05
N ILE A 62 8.29 8.21 0.77
CA ILE A 62 7.62 9.38 1.31
C ILE A 62 7.73 9.39 2.82
N ALA A 63 7.18 10.43 3.43
CA ALA A 63 7.21 10.57 4.87
C ALA A 63 5.85 10.17 5.45
N ARG A 64 5.90 9.50 6.59
CA ARG A 64 4.69 9.06 7.25
C ARG A 64 3.80 10.26 7.60
N LYS A 65 4.42 11.43 7.57
CA LYS A 65 3.71 12.65 7.88
C LYS A 65 2.84 13.05 6.69
N ASP A 66 3.18 12.50 5.54
CA ASP A 66 2.45 12.79 4.31
C ASP A 66 1.37 11.73 4.11
N ILE A 67 1.54 10.62 4.82
CA ILE A 67 0.59 9.51 4.72
C ILE A 67 -0.52 9.73 5.74
N LYS A 68 -1.75 9.52 5.28
CA LYS A 68 -2.91 9.68 6.13
C LYS A 68 -4.02 8.73 5.66
N GLU A 69 -4.70 8.13 6.64
CA GLU A 69 -5.77 7.20 6.34
C GLU A 69 -6.58 7.70 5.15
N VAL A 70 -7.20 6.76 4.45
CA VAL A 70 -8.02 7.08 3.29
C VAL A 70 -9.18 6.10 3.20
N ASP A 71 -10.10 6.41 2.29
CA ASP A 71 -11.26 5.57 2.09
C ASP A 71 -11.41 5.25 0.60
N ILE A 72 -10.48 4.42 0.12
CA ILE A 72 -10.49 4.03 -1.28
C ILE A 72 -11.73 3.17 -1.55
N LEU A 73 -11.99 2.25 -0.65
CA LEU A 73 -13.14 1.37 -0.77
C LEU A 73 -14.41 2.15 -0.47
N ASN A 74 -14.23 3.40 -0.08
CA ASN A 74 -15.35 4.26 0.24
C ASN A 74 -15.45 5.38 -0.81
N LEU A 75 -14.71 5.21 -1.88
CA LEU A 75 -14.70 6.19 -2.95
C LEU A 75 -15.80 5.85 -3.96
N PRO A 76 -16.22 6.88 -4.73
CA PRO A 76 -17.26 6.71 -5.72
C PRO A 76 -16.74 5.96 -6.95
N GLU A 77 -17.54 5.04 -7.44
CA GLU A 77 -17.17 4.26 -8.61
C GLU A 77 -16.54 5.15 -9.68
N SER A 78 -16.95 6.42 -9.65
CA SER A 78 -16.44 7.39 -10.60
C SER A 78 -14.92 7.47 -10.51
N GLU A 79 -14.44 7.77 -9.31
CA GLU A 79 -13.01 7.88 -9.08
C GLU A 79 -12.32 6.57 -9.44
N LEU A 80 -12.85 5.49 -8.89
CA LEU A 80 -12.29 4.17 -9.15
C LEU A 80 -12.12 3.98 -10.66
N SER A 81 -13.24 4.09 -11.36
CA SER A 81 -13.24 3.93 -12.81
C SER A 81 -12.11 4.78 -13.42
N THR A 82 -12.20 6.08 -13.16
CA THR A 82 -11.20 7.00 -13.69
C THR A 82 -9.84 6.76 -13.03
N LYS A 83 -9.66 7.37 -11.86
CA LYS A 83 -8.43 7.23 -11.13
C LYS A 83 -8.01 5.75 -11.10
N PRO A 84 -6.84 5.48 -11.73
CA PRO A 84 -6.34 4.12 -11.79
C PRO A 84 -5.75 3.69 -10.44
N GLY A 85 -4.75 4.46 -9.99
CA GLY A 85 -4.11 4.18 -8.73
C GLY A 85 -5.13 3.78 -7.66
N LEU A 86 -6.26 4.47 -7.68
CA LEU A 86 -7.33 4.19 -6.74
C LEU A 86 -7.84 2.77 -6.95
N GLN A 87 -8.52 2.58 -8.08
CA GLN A 87 -9.07 1.29 -8.42
C GLN A 87 -8.13 0.17 -7.95
N LYS A 88 -6.92 0.20 -8.47
CA LYS A 88 -5.92 -0.79 -8.12
C LYS A 88 -5.89 -0.96 -6.59
N ALA A 89 -5.47 0.11 -5.92
CA ALA A 89 -5.39 0.08 -4.47
C ALA A 89 -6.68 -0.52 -3.90
N SER A 90 -7.79 -0.11 -4.49
CA SER A 90 -9.10 -0.60 -4.06
C SER A 90 -9.17 -2.12 -4.26
N ILE A 91 -8.76 -2.54 -5.44
CA ILE A 91 -8.78 -3.96 -5.78
C ILE A 91 -8.11 -4.75 -4.65
N PHE A 92 -7.02 -4.20 -4.16
CA PHE A 92 -6.27 -4.84 -3.08
C PHE A 92 -7.03 -4.75 -1.76
N LEU A 93 -8.04 -3.88 -1.74
CA LEU A 93 -8.84 -3.70 -0.55
C LEU A 93 -10.04 -4.65 -0.59
N LYS A 94 -10.22 -5.27 -1.75
CA LYS A 94 -11.31 -6.21 -1.94
C LYS A 94 -10.75 -7.61 -2.17
N THR A 95 -9.70 -7.67 -2.99
CA THR A 95 -9.06 -8.93 -3.29
C THR A 95 -8.01 -9.27 -2.23
N ARG A 96 -7.28 -8.25 -1.82
CA ARG A 96 -6.25 -8.43 -0.81
C ARG A 96 -5.13 -9.32 -1.35
N VAL A 97 -4.83 -9.13 -2.63
CA VAL A 97 -3.78 -9.90 -3.28
C VAL A 97 -3.18 -9.09 -4.42
N VAL A 98 -2.02 -8.51 -4.15
CA VAL A 98 -1.34 -7.71 -5.15
C VAL A 98 -0.98 -8.58 -6.35
N PRO A 99 -0.67 -7.91 -7.48
CA PRO A 99 -0.31 -8.61 -8.71
C PRO A 99 1.10 -9.18 -8.62
N ASP A 100 1.32 -10.25 -9.36
CA ASP A 100 2.62 -10.91 -9.37
C ASP A 100 3.70 -9.87 -9.67
N ASN A 101 3.27 -8.78 -10.31
CA ASN A 101 4.18 -7.72 -10.67
C ASN A 101 4.71 -7.05 -9.40
N TRP A 102 4.03 -7.33 -8.30
CA TRP A 102 4.42 -6.78 -7.01
C TRP A 102 5.25 -7.83 -6.27
N LYS A 103 4.64 -8.99 -6.10
CA LYS A 103 5.31 -10.08 -5.41
C LYS A 103 5.71 -9.62 -4.00
N MET A 104 4.71 -9.22 -3.24
CA MET A 104 4.95 -8.76 -1.88
C MET A 104 5.75 -9.78 -1.09
N ASP A 105 5.99 -9.45 0.18
CA ASP A 105 6.74 -10.33 1.05
C ASP A 105 6.02 -10.44 2.40
N ILE A 106 5.69 -9.29 2.95
CA ILE A 106 4.99 -9.25 4.23
C ILE A 106 3.48 -9.16 3.99
N SER A 107 3.12 -8.39 2.97
CA SER A 107 1.72 -8.21 2.63
C SER A 107 1.08 -9.57 2.37
N GLU A 108 1.92 -10.55 2.10
CA GLU A 108 1.44 -11.90 1.84
C GLU A 108 1.36 -12.70 3.14
N ILE A 109 2.04 -12.19 4.16
CA ILE A 109 2.05 -12.84 5.45
C ILE A 109 0.84 -12.38 6.26
N LEU A 110 0.40 -11.16 5.97
CA LEU A 110 -0.74 -10.59 6.66
C LEU A 110 -1.83 -11.65 6.78
N GLU A 111 -2.22 -12.19 5.65
CA GLU A 111 -3.26 -13.21 5.61
C GLU A 111 -2.79 -14.46 6.36
N SER A 112 -3.70 -15.42 6.44
CA SER A 112 -3.41 -16.67 7.12
C SER A 112 -3.99 -17.85 6.35
N GLY A 113 -3.37 -19.00 6.52
CA GLY A 113 -3.81 -20.20 5.84
C GLY A 113 -3.80 -21.41 6.80
N PRO A 114 -4.63 -22.42 6.44
CA PRO A 114 -4.73 -23.63 7.26
C PRO A 114 -3.50 -24.52 7.06
N SER A 115 -3.28 -25.40 8.03
CA SER A 115 -2.15 -26.30 7.98
C SER A 115 -0.84 -25.52 7.83
N SER A 116 -0.08 -25.48 8.92
CA SER A 116 1.18 -24.77 8.93
C SER A 116 1.83 -24.88 10.30
N GLY A 117 3.01 -25.48 10.33
CA GLY A 117 3.74 -25.65 11.57
C GLY A 117 3.87 -27.14 11.93
N GLY A 1 -18.54 -11.53 -4.03
CA GLY A 1 -19.52 -11.81 -2.99
C GLY A 1 -18.86 -12.27 -1.70
N SER A 2 -18.18 -13.41 -1.80
CA SER A 2 -17.49 -13.97 -0.64
C SER A 2 -16.00 -13.62 -0.71
N SER A 3 -15.58 -12.77 0.22
CA SER A 3 -14.20 -12.35 0.27
C SER A 3 -13.63 -12.62 1.67
N GLY A 4 -13.04 -13.80 1.83
CA GLY A 4 -12.46 -14.20 3.10
C GLY A 4 -11.01 -13.70 3.21
N SER A 5 -10.84 -12.71 4.07
CA SER A 5 -9.52 -12.14 4.29
C SER A 5 -9.55 -11.16 5.46
N SER A 6 -9.07 -11.63 6.60
CA SER A 6 -9.03 -10.81 7.80
C SER A 6 -7.93 -11.28 8.73
N GLY A 7 -6.95 -10.41 8.95
CA GLY A 7 -5.83 -10.73 9.81
C GLY A 7 -5.51 -9.56 10.74
N LEU A 8 -4.38 -9.68 11.43
CA LEU A 8 -3.95 -8.64 12.35
C LEU A 8 -2.45 -8.41 12.19
N ASN A 9 -2.09 -7.93 11.00
CA ASN A 9 -0.70 -7.65 10.70
C ASN A 9 -0.57 -6.22 10.17
N ASP A 10 -0.28 -5.31 11.08
CA ASP A 10 -0.13 -3.91 10.72
C ASP A 10 -1.45 -3.38 10.13
N GLU A 11 -1.95 -2.33 10.75
CA GLU A 11 -3.20 -1.72 10.31
C GLU A 11 -2.93 -0.76 9.15
N LEU A 12 -1.88 0.02 9.30
CA LEU A 12 -1.51 0.98 8.28
C LEU A 12 -0.60 0.31 7.25
N LEU A 13 0.25 -0.58 7.75
CA LEU A 13 1.18 -1.29 6.88
C LEU A 13 0.42 -2.38 6.13
N GLY A 14 0.89 -2.66 4.92
CA GLY A 14 0.27 -3.67 4.09
C GLY A 14 -1.13 -3.24 3.64
N LYS A 15 -1.39 -1.94 3.80
CA LYS A 15 -2.68 -1.39 3.42
C LYS A 15 -2.45 -0.13 2.58
N VAL A 16 -3.50 0.27 1.88
CA VAL A 16 -3.43 1.45 1.03
C VAL A 16 -3.46 2.70 1.91
N VAL A 17 -2.73 3.71 1.46
CA VAL A 17 -2.66 4.97 2.20
C VAL A 17 -2.55 6.12 1.20
N SER A 18 -2.95 7.29 1.66
CA SER A 18 -2.91 8.49 0.83
C SER A 18 -1.66 9.32 1.17
N VAL A 19 -0.89 9.61 0.14
CA VAL A 19 0.32 10.39 0.30
C VAL A 19 0.04 11.85 -0.07
N VAL A 20 0.35 12.73 0.86
CA VAL A 20 0.13 14.15 0.64
C VAL A 20 1.38 14.76 -0.01
N SER A 21 1.17 15.43 -1.13
CA SER A 21 2.26 16.06 -1.85
C SER A 21 2.74 17.29 -1.10
N ALA A 22 4.06 17.44 -1.06
CA ALA A 22 4.67 18.57 -0.37
C ALA A 22 4.54 19.82 -1.25
N THR A 23 4.59 19.60 -2.56
CA THR A 23 4.48 20.69 -3.51
C THR A 23 3.02 21.09 -3.70
N GLU A 24 2.13 20.17 -3.36
CA GLU A 24 0.70 20.41 -3.48
C GLU A 24 -0.08 19.53 -2.51
N ARG A 25 -0.22 20.04 -1.29
CA ARG A 25 -0.94 19.32 -0.26
C ARG A 25 -2.18 18.64 -0.85
N THR A 26 -2.94 19.42 -1.60
CA THR A 26 -4.15 18.92 -2.22
C THR A 26 -3.86 17.58 -2.92
N GLU A 27 -3.06 17.66 -3.97
CA GLU A 27 -2.70 16.47 -4.72
C GLU A 27 -2.27 15.35 -3.77
N TRP A 28 -2.92 14.20 -3.92
CA TRP A 28 -2.60 13.05 -3.09
C TRP A 28 -2.74 11.79 -3.96
N TYR A 29 -1.88 10.83 -3.67
CA TYR A 29 -1.90 9.58 -4.41
C TYR A 29 -1.84 8.38 -3.46
N PRO A 30 -2.53 7.28 -3.88
CA PRO A 30 -2.55 6.07 -3.08
C PRO A 30 -1.22 5.31 -3.17
N ALA A 31 -0.92 4.58 -2.11
CA ALA A 31 0.31 3.82 -2.05
C ALA A 31 0.20 2.75 -0.96
N LEU A 32 0.79 1.61 -1.23
CA LEU A 32 0.77 0.50 -0.28
C LEU A 32 2.06 0.51 0.54
N VAL A 33 1.91 0.78 1.83
CA VAL A 33 3.05 0.82 2.73
C VAL A 33 3.69 -0.58 2.80
N ILE A 34 5.01 -0.57 2.92
CA ILE A 34 5.75 -1.82 2.99
C ILE A 34 7.09 -1.57 3.70
N SER A 35 7.91 -2.61 3.71
CA SER A 35 9.22 -2.51 4.35
C SER A 35 10.30 -2.93 3.37
N PRO A 36 11.42 -2.16 3.37
CA PRO A 36 12.54 -2.44 2.50
C PRO A 36 13.34 -3.64 3.00
N SER A 37 13.09 -4.78 2.37
CA SER A 37 13.77 -6.01 2.74
C SER A 37 14.79 -6.38 1.67
N CYS A 38 14.28 -6.55 0.45
CA CYS A 38 15.13 -6.91 -0.68
C CYS A 38 16.01 -5.71 -1.02
N ASN A 39 15.34 -4.63 -1.42
CA ASN A 39 16.04 -3.41 -1.79
C ASN A 39 17.09 -3.10 -0.73
N ASP A 40 17.97 -2.17 -1.06
CA ASP A 40 19.03 -1.76 -0.15
C ASP A 40 19.44 -0.32 -0.45
N ASP A 41 19.82 -0.10 -1.71
CA ASP A 41 20.24 1.22 -2.14
C ASP A 41 19.18 2.25 -1.73
N ILE A 42 17.93 1.90 -1.98
CA ILE A 42 16.83 2.77 -1.64
C ILE A 42 16.93 3.16 -0.16
N THR A 43 17.62 4.26 0.09
CA THR A 43 17.80 4.74 1.44
C THR A 43 16.47 5.29 1.99
N VAL A 44 15.98 4.64 3.03
CA VAL A 44 14.74 5.05 3.64
C VAL A 44 15.03 5.77 4.96
N LYS A 45 14.76 7.07 4.96
CA LYS A 45 15.00 7.88 6.14
C LYS A 45 14.27 7.25 7.34
N LYS A 46 14.62 7.75 8.52
CA LYS A 46 14.00 7.26 9.74
C LYS A 46 12.52 7.64 9.76
N ASP A 47 12.24 8.81 9.23
CA ASP A 47 10.87 9.30 9.17
C ASP A 47 10.28 8.99 7.80
N GLN A 48 10.90 8.04 7.12
CA GLN A 48 10.45 7.65 5.80
C GLN A 48 10.02 6.18 5.79
N CYS A 49 9.28 5.81 4.75
CA CYS A 49 8.80 4.45 4.63
C CYS A 49 8.62 4.14 3.14
N LEU A 50 8.84 2.88 2.80
CA LEU A 50 8.70 2.44 1.41
C LEU A 50 7.24 2.11 1.13
N VAL A 51 6.67 2.84 0.17
CA VAL A 51 5.29 2.63 -0.21
C VAL A 51 5.22 2.14 -1.65
N ARG A 52 4.12 1.50 -1.99
CA ARG A 52 3.91 0.99 -3.33
C ARG A 52 2.71 1.66 -3.98
N SER A 53 2.99 2.52 -4.94
CA SER A 53 1.94 3.23 -5.66
C SER A 53 1.05 2.24 -6.40
N PHE A 54 -0.19 2.66 -6.62
CA PHE A 54 -1.15 1.81 -7.31
C PHE A 54 -1.47 2.37 -8.70
N ILE A 55 -0.62 3.29 -9.14
CA ILE A 55 -0.79 3.91 -10.44
C ILE A 55 0.13 3.24 -11.45
N ASP A 56 1.43 3.39 -11.21
CA ASP A 56 2.43 2.80 -12.09
C ASP A 56 3.05 1.59 -11.41
N SER A 57 2.73 1.43 -10.12
CA SER A 57 3.24 0.32 -9.35
C SER A 57 4.76 0.46 -9.19
N LYS A 58 5.16 1.62 -8.68
CA LYS A 58 6.57 1.89 -8.46
C LYS A 58 6.84 1.96 -6.96
N PHE A 59 8.13 2.09 -6.63
CA PHE A 59 8.54 2.16 -5.25
C PHE A 59 8.98 3.58 -4.89
N TYR A 60 8.16 4.26 -4.11
CA TYR A 60 8.45 5.62 -3.68
C TYR A 60 8.78 5.67 -2.18
N SER A 61 9.58 6.65 -1.82
CA SER A 61 9.98 6.83 -0.44
C SER A 61 9.48 8.19 0.08
N ILE A 62 8.37 8.13 0.80
CA ILE A 62 7.78 9.34 1.35
C ILE A 62 7.90 9.31 2.88
N ALA A 63 7.44 10.38 3.50
CA ALA A 63 7.48 10.49 4.95
C ALA A 63 6.11 10.17 5.53
N ARG A 64 6.12 9.48 6.66
CA ARG A 64 4.89 9.11 7.32
C ARG A 64 4.08 10.36 7.68
N LYS A 65 4.76 11.50 7.63
CA LYS A 65 4.13 12.77 7.95
C LYS A 65 3.27 13.21 6.76
N ASP A 66 3.46 12.53 5.64
CA ASP A 66 2.72 12.85 4.44
C ASP A 66 1.66 11.77 4.20
N ILE A 67 1.92 10.60 4.78
CA ILE A 67 0.99 9.48 4.63
C ILE A 67 -0.11 9.59 5.70
N LYS A 68 -1.33 9.33 5.27
CA LYS A 68 -2.47 9.40 6.17
C LYS A 68 -3.58 8.50 5.64
N GLU A 69 -4.19 7.77 6.56
CA GLU A 69 -5.27 6.86 6.20
C GLU A 69 -6.15 7.48 5.10
N VAL A 70 -6.71 6.62 4.28
CA VAL A 70 -7.56 7.07 3.20
C VAL A 70 -8.69 6.05 2.98
N ASP A 71 -9.77 6.53 2.38
CA ASP A 71 -10.91 5.68 2.11
C ASP A 71 -11.05 5.47 0.60
N ILE A 72 -10.31 4.48 0.11
CA ILE A 72 -10.35 4.18 -1.31
C ILE A 72 -11.57 3.31 -1.61
N LEU A 73 -11.86 2.40 -0.69
CA LEU A 73 -13.00 1.52 -0.86
C LEU A 73 -14.29 2.29 -0.59
N ASN A 74 -14.11 3.57 -0.25
CA ASN A 74 -15.25 4.43 0.03
C ASN A 74 -15.42 5.43 -1.11
N LEU A 75 -14.62 5.23 -2.15
CA LEU A 75 -14.67 6.10 -3.32
C LEU A 75 -15.77 5.62 -4.27
N PRO A 76 -16.28 6.57 -5.08
CA PRO A 76 -17.34 6.26 -6.03
C PRO A 76 -16.77 5.48 -7.23
N GLU A 77 -17.58 4.57 -7.75
CA GLU A 77 -17.17 3.77 -8.89
C GLU A 77 -16.57 4.66 -9.98
N SER A 78 -16.99 5.92 -9.96
CA SER A 78 -16.51 6.88 -10.94
C SER A 78 -14.99 7.07 -10.79
N GLU A 79 -14.60 7.41 -9.58
CA GLU A 79 -13.18 7.62 -9.29
C GLU A 79 -12.39 6.34 -9.57
N LEU A 80 -12.99 5.22 -9.20
CA LEU A 80 -12.35 3.92 -9.40
C LEU A 80 -12.24 3.65 -10.90
N SER A 81 -13.37 3.71 -11.58
CA SER A 81 -13.40 3.48 -13.01
C SER A 81 -12.41 4.41 -13.71
N THR A 82 -12.23 5.58 -13.14
CA THR A 82 -11.32 6.57 -13.70
C THR A 82 -9.94 6.45 -13.04
N LYS A 83 -9.78 7.15 -11.94
CA LYS A 83 -8.51 7.13 -11.21
C LYS A 83 -8.03 5.68 -11.09
N PRO A 84 -6.84 5.43 -11.71
CA PRO A 84 -6.25 4.10 -11.67
C PRO A 84 -5.64 3.80 -10.30
N GLY A 85 -4.81 4.73 -9.85
CA GLY A 85 -4.15 4.58 -8.55
C GLY A 85 -5.17 4.15 -7.48
N LEU A 86 -6.30 4.82 -7.50
CA LEU A 86 -7.35 4.51 -6.53
C LEU A 86 -7.87 3.10 -6.78
N GLN A 87 -8.38 2.88 -7.98
CA GLN A 87 -8.91 1.58 -8.36
C GLN A 87 -8.02 0.47 -7.80
N LYS A 88 -6.88 0.30 -8.43
CA LYS A 88 -5.93 -0.72 -8.01
C LYS A 88 -5.88 -0.76 -6.48
N ALA A 89 -5.69 0.41 -5.90
CA ALA A 89 -5.62 0.52 -4.45
C ALA A 89 -6.84 -0.17 -3.83
N SER A 90 -8.01 0.17 -4.37
CA SER A 90 -9.25 -0.41 -3.87
C SER A 90 -9.25 -1.92 -4.11
N ILE A 91 -8.83 -2.30 -5.30
CA ILE A 91 -8.78 -3.70 -5.67
C ILE A 91 -8.12 -4.49 -4.54
N PHE A 92 -6.94 -4.03 -4.14
CA PHE A 92 -6.20 -4.68 -3.08
C PHE A 92 -6.96 -4.59 -1.75
N LEU A 93 -7.95 -3.72 -1.73
CA LEU A 93 -8.76 -3.53 -0.53
C LEU A 93 -9.96 -4.48 -0.57
N LYS A 94 -10.16 -5.07 -1.73
CA LYS A 94 -11.26 -6.00 -1.92
C LYS A 94 -10.71 -7.41 -2.18
N THR A 95 -9.74 -7.46 -3.09
CA THR A 95 -9.12 -8.73 -3.44
C THR A 95 -8.05 -9.10 -2.41
N ARG A 96 -7.73 -8.13 -1.56
CA ARG A 96 -6.74 -8.35 -0.53
C ARG A 96 -5.55 -9.14 -1.09
N VAL A 97 -5.14 -8.75 -2.29
CA VAL A 97 -4.02 -9.41 -2.95
C VAL A 97 -3.60 -8.60 -4.17
N VAL A 98 -2.33 -8.19 -4.16
CA VAL A 98 -1.80 -7.41 -5.26
C VAL A 98 -1.73 -8.27 -6.51
N PRO A 99 -1.59 -7.58 -7.68
CA PRO A 99 -1.52 -8.26 -8.95
C PRO A 99 -0.16 -8.93 -9.14
N ASP A 100 -0.17 -10.01 -9.91
CA ASP A 100 1.06 -10.75 -10.18
C ASP A 100 2.15 -9.77 -10.62
N ASN A 101 1.71 -8.64 -11.15
CA ASN A 101 2.64 -7.62 -11.61
C ASN A 101 3.47 -7.12 -10.42
N TRP A 102 2.85 -7.13 -9.26
CA TRP A 102 3.51 -6.68 -8.04
C TRP A 102 4.45 -7.80 -7.59
N LYS A 103 3.88 -8.98 -7.41
CA LYS A 103 4.67 -10.13 -6.97
C LYS A 103 5.53 -9.73 -5.78
N MET A 104 4.87 -9.58 -4.63
CA MET A 104 5.57 -9.21 -3.41
C MET A 104 6.81 -10.08 -3.19
N ASP A 105 7.52 -9.79 -2.13
CA ASP A 105 8.72 -10.53 -1.80
C ASP A 105 8.56 -11.17 -0.42
N ILE A 106 8.09 -10.37 0.53
CA ILE A 106 7.88 -10.84 1.88
C ILE A 106 6.43 -11.28 2.05
N SER A 107 5.55 -10.57 1.36
CA SER A 107 4.13 -10.87 1.42
C SER A 107 3.90 -12.36 1.20
N GLU A 108 4.86 -12.98 0.54
CA GLU A 108 4.78 -14.41 0.25
C GLU A 108 5.54 -15.21 1.31
N ILE A 109 6.62 -14.61 1.80
CA ILE A 109 7.43 -15.25 2.82
C ILE A 109 6.63 -15.36 4.12
N LEU A 110 5.62 -14.51 4.23
CA LEU A 110 4.77 -14.50 5.40
C LEU A 110 4.23 -15.91 5.65
N GLU A 111 3.40 -16.37 4.73
CA GLU A 111 2.81 -17.69 4.84
C GLU A 111 1.76 -17.72 5.95
N SER A 112 2.20 -17.40 7.15
CA SER A 112 1.31 -17.37 8.29
C SER A 112 0.84 -18.80 8.62
N GLY A 113 0.86 -19.11 9.90
CA GLY A 113 0.44 -20.43 10.35
C GLY A 113 0.64 -20.58 11.87
N PRO A 114 0.99 -21.83 12.28
CA PRO A 114 1.21 -22.11 13.69
C PRO A 114 2.55 -21.55 14.15
N SER A 115 2.70 -20.25 13.98
CA SER A 115 3.93 -19.58 14.37
C SER A 115 3.66 -18.09 14.59
N SER A 116 3.99 -17.62 15.78
CA SER A 116 3.80 -16.22 16.13
C SER A 116 2.31 -15.87 16.02
N GLY A 117 1.92 -15.49 14.81
CA GLY A 117 0.54 -15.12 14.56
C GLY A 117 -0.38 -16.33 14.65
N GLY A 1 -11.19 -16.38 -2.86
CA GLY A 1 -10.95 -17.26 -1.73
C GLY A 1 -9.58 -16.98 -1.10
N SER A 2 -8.68 -17.93 -1.27
CA SER A 2 -7.33 -17.81 -0.73
C SER A 2 -7.40 -17.26 0.70
N SER A 3 -7.67 -18.17 1.63
CA SER A 3 -7.77 -17.80 3.03
C SER A 3 -6.36 -17.68 3.64
N GLY A 4 -6.28 -16.90 4.70
CA GLY A 4 -5.01 -16.69 5.38
C GLY A 4 -5.19 -16.68 6.90
N SER A 5 -5.46 -15.49 7.43
CA SER A 5 -5.66 -15.34 8.86
C SER A 5 -4.44 -15.88 9.62
N SER A 6 -3.45 -15.00 9.77
CA SER A 6 -2.23 -15.36 10.48
C SER A 6 -1.27 -14.18 10.50
N GLY A 7 -0.90 -13.72 9.31
CA GLY A 7 0.01 -12.60 9.19
C GLY A 7 -0.51 -11.39 9.95
N LEU A 8 -1.04 -10.43 9.19
CA LEU A 8 -1.56 -9.22 9.80
C LEU A 8 -0.43 -8.46 10.49
N ASN A 9 0.16 -7.53 9.74
CA ASN A 9 1.25 -6.74 10.27
C ASN A 9 0.87 -5.26 10.20
N ASP A 10 0.72 -4.67 11.38
CA ASP A 10 0.36 -3.26 11.48
C ASP A 10 -1.05 -3.06 10.89
N GLU A 11 -1.64 -1.93 11.26
CA GLU A 11 -2.98 -1.62 10.78
C GLU A 11 -2.91 -0.63 9.62
N LEU A 12 -1.95 0.28 9.70
CA LEU A 12 -1.76 1.28 8.66
C LEU A 12 -0.79 0.74 7.62
N LEU A 13 0.19 -0.03 8.10
CA LEU A 13 1.19 -0.60 7.21
C LEU A 13 0.61 -1.86 6.55
N GLY A 14 1.06 -2.10 5.33
CA GLY A 14 0.60 -3.26 4.58
C GLY A 14 -0.75 -2.98 3.92
N LYS A 15 -1.27 -1.78 4.16
CA LYS A 15 -2.54 -1.39 3.60
C LYS A 15 -2.34 -0.15 2.71
N VAL A 16 -3.39 0.17 1.97
CA VAL A 16 -3.33 1.32 1.07
C VAL A 16 -3.41 2.61 1.90
N VAL A 17 -2.56 3.56 1.52
CA VAL A 17 -2.51 4.84 2.22
C VAL A 17 -2.40 5.97 1.19
N SER A 18 -2.81 7.16 1.62
CA SER A 18 -2.76 8.32 0.75
C SER A 18 -1.54 9.17 1.09
N VAL A 19 -0.76 9.47 0.06
CA VAL A 19 0.43 10.29 0.24
C VAL A 19 0.12 11.73 -0.13
N VAL A 20 0.58 12.64 0.72
CA VAL A 20 0.36 14.07 0.49
C VAL A 20 1.60 14.67 -0.15
N SER A 21 1.38 15.40 -1.23
CA SER A 21 2.47 16.05 -1.94
C SER A 21 3.00 17.24 -1.14
N ALA A 22 4.29 17.19 -0.83
CA ALA A 22 4.91 18.25 -0.08
C ALA A 22 4.70 19.58 -0.80
N THR A 23 4.96 19.57 -2.11
CA THR A 23 4.81 20.75 -2.92
C THR A 23 3.34 20.93 -3.33
N GLU A 24 2.57 19.88 -3.10
CA GLU A 24 1.15 19.90 -3.45
C GLU A 24 0.33 19.23 -2.34
N ARG A 25 0.27 19.91 -1.20
CA ARG A 25 -0.48 19.40 -0.07
C ARG A 25 -1.83 18.85 -0.53
N THR A 26 -2.30 19.37 -1.65
CA THR A 26 -3.57 18.94 -2.21
C THR A 26 -3.43 17.57 -2.85
N GLU A 27 -2.87 17.56 -4.05
CA GLU A 27 -2.68 16.33 -4.78
C GLU A 27 -2.22 15.21 -3.83
N TRP A 28 -2.86 14.07 -3.95
CA TRP A 28 -2.52 12.93 -3.12
C TRP A 28 -2.70 11.66 -3.95
N TYR A 29 -1.84 10.69 -3.69
CA TYR A 29 -1.88 9.43 -4.41
C TYR A 29 -1.80 8.25 -3.45
N PRO A 30 -2.47 7.13 -3.84
CA PRO A 30 -2.48 5.93 -3.03
C PRO A 30 -1.14 5.20 -3.12
N ALA A 31 -0.81 4.51 -2.03
CA ALA A 31 0.43 3.76 -1.97
C ALA A 31 0.37 2.76 -0.81
N LEU A 32 0.90 1.57 -1.07
CA LEU A 32 0.91 0.53 -0.06
C LEU A 32 2.20 0.62 0.75
N VAL A 33 2.04 0.92 2.03
CA VAL A 33 3.19 1.04 2.92
C VAL A 33 3.90 -0.31 3.01
N ILE A 34 5.21 -0.24 3.17
CA ILE A 34 6.02 -1.44 3.26
C ILE A 34 7.34 -1.11 3.96
N SER A 35 8.22 -2.10 4.01
CA SER A 35 9.52 -1.93 4.64
C SER A 35 10.62 -2.38 3.70
N PRO A 36 11.79 -1.69 3.79
CA PRO A 36 12.93 -2.01 2.95
C PRO A 36 13.61 -3.29 3.42
N SER A 37 13.29 -4.38 2.74
CA SER A 37 13.87 -5.68 3.08
C SER A 37 14.89 -6.08 2.01
N CYS A 38 14.43 -6.12 0.77
CA CYS A 38 15.29 -6.48 -0.34
C CYS A 38 15.96 -5.22 -0.87
N ASN A 39 15.12 -4.31 -1.36
CA ASN A 39 15.63 -3.05 -1.90
C ASN A 39 16.57 -2.41 -0.89
N ASP A 40 17.73 -2.01 -1.39
CA ASP A 40 18.74 -1.39 -0.55
C ASP A 40 19.12 -0.02 -1.15
N ASP A 41 19.37 -0.03 -2.45
CA ASP A 41 19.74 1.18 -3.15
C ASP A 41 18.81 2.32 -2.72
N ILE A 42 17.51 2.05 -2.83
CA ILE A 42 16.52 3.04 -2.46
C ILE A 42 16.52 3.21 -0.94
N THR A 43 17.64 3.70 -0.44
CA THR A 43 17.78 3.92 0.99
C THR A 43 16.62 4.76 1.53
N VAL A 44 15.96 4.22 2.55
CA VAL A 44 14.83 4.91 3.16
C VAL A 44 15.31 5.66 4.39
N LYS A 45 14.92 6.93 4.47
CA LYS A 45 15.29 7.76 5.59
C LYS A 45 14.69 7.17 6.89
N LYS A 46 15.01 7.82 8.00
CA LYS A 46 14.52 7.37 9.29
C LYS A 46 13.09 7.87 9.48
N ASP A 47 12.85 9.10 9.02
CA ASP A 47 11.53 9.69 9.14
C ASP A 47 10.74 9.44 7.84
N GLN A 48 11.12 8.38 7.16
CA GLN A 48 10.47 8.01 5.92
C GLN A 48 10.24 6.50 5.85
N CYS A 49 9.34 6.10 4.97
CA CYS A 49 9.02 4.70 4.80
C CYS A 49 8.79 4.43 3.31
N LEU A 50 8.94 3.16 2.94
CA LEU A 50 8.75 2.77 1.55
C LEU A 50 7.28 2.42 1.33
N VAL A 51 6.79 2.79 0.16
CA VAL A 51 5.40 2.52 -0.19
C VAL A 51 5.34 2.00 -1.63
N ARG A 52 4.18 1.44 -1.97
CA ARG A 52 3.98 0.91 -3.30
C ARG A 52 2.75 1.54 -3.95
N SER A 53 3.01 2.43 -4.90
CA SER A 53 1.95 3.12 -5.60
C SER A 53 1.09 2.11 -6.37
N PHE A 54 -0.16 2.49 -6.59
CA PHE A 54 -1.09 1.64 -7.29
C PHE A 54 -1.41 2.20 -8.69
N ILE A 55 -0.57 3.13 -9.12
CA ILE A 55 -0.74 3.76 -10.42
C ILE A 55 0.18 3.09 -11.42
N ASP A 56 1.48 3.26 -11.19
CA ASP A 56 2.49 2.68 -12.07
C ASP A 56 3.14 1.48 -11.37
N SER A 57 2.85 1.35 -10.08
CA SER A 57 3.39 0.26 -9.30
C SER A 57 4.90 0.46 -9.11
N LYS A 58 5.27 1.65 -8.67
CA LYS A 58 6.66 1.97 -8.45
C LYS A 58 6.92 2.10 -6.95
N PHE A 59 8.20 2.22 -6.61
CA PHE A 59 8.59 2.36 -5.22
C PHE A 59 9.02 3.78 -4.90
N TYR A 60 8.26 4.43 -4.04
CA TYR A 60 8.54 5.80 -3.64
C TYR A 60 8.89 5.88 -2.15
N SER A 61 9.66 6.89 -1.81
CA SER A 61 10.07 7.10 -0.44
C SER A 61 9.53 8.43 0.08
N ILE A 62 8.43 8.33 0.81
CA ILE A 62 7.80 9.52 1.37
C ILE A 62 7.92 9.49 2.90
N ALA A 63 7.40 10.53 3.53
CA ALA A 63 7.44 10.63 4.98
C ALA A 63 6.11 10.20 5.55
N ARG A 64 6.18 9.39 6.60
CA ARG A 64 4.97 8.90 7.24
C ARG A 64 4.04 10.05 7.58
N LYS A 65 4.63 11.24 7.65
CA LYS A 65 3.85 12.44 7.96
C LYS A 65 2.97 12.80 6.76
N ASP A 66 3.51 12.53 5.57
CA ASP A 66 2.79 12.82 4.35
C ASP A 66 1.72 11.75 4.12
N ILE A 67 1.93 10.60 4.76
CA ILE A 67 1.01 9.49 4.64
C ILE A 67 -0.11 9.64 5.67
N LYS A 68 -1.33 9.38 5.23
CA LYS A 68 -2.49 9.49 6.09
C LYS A 68 -3.58 8.55 5.60
N GLU A 69 -4.19 7.85 6.54
CA GLU A 69 -5.25 6.91 6.21
C GLU A 69 -6.11 7.45 5.07
N VAL A 70 -6.57 6.54 4.23
CA VAL A 70 -7.39 6.91 3.10
C VAL A 70 -8.45 5.83 2.86
N ASP A 71 -9.63 6.29 2.45
CA ASP A 71 -10.73 5.37 2.20
C ASP A 71 -10.89 5.18 0.68
N ILE A 72 -10.18 4.17 0.17
CA ILE A 72 -10.23 3.87 -1.25
C ILE A 72 -11.49 3.05 -1.54
N LEU A 73 -11.74 2.09 -0.68
CA LEU A 73 -12.90 1.22 -0.83
C LEU A 73 -14.17 2.03 -0.58
N ASN A 74 -13.97 3.27 -0.13
CA ASN A 74 -15.08 4.15 0.15
C ASN A 74 -15.24 5.17 -0.98
N LEU A 75 -14.43 4.98 -2.00
CA LEU A 75 -14.46 5.87 -3.15
C LEU A 75 -15.59 5.45 -4.10
N PRO A 76 -16.09 6.45 -4.87
CA PRO A 76 -17.18 6.19 -5.80
C PRO A 76 -16.65 5.44 -7.04
N GLU A 77 -17.50 4.55 -7.55
CA GLU A 77 -17.15 3.77 -8.73
C GLU A 77 -16.54 4.68 -9.80
N SER A 78 -16.95 5.94 -9.76
CA SER A 78 -16.47 6.91 -10.72
C SER A 78 -14.95 7.06 -10.60
N GLU A 79 -14.53 7.59 -9.45
CA GLU A 79 -13.12 7.78 -9.19
C GLU A 79 -12.33 6.51 -9.51
N LEU A 80 -12.91 5.38 -9.11
CA LEU A 80 -12.28 4.10 -9.34
C LEU A 80 -12.23 3.82 -10.85
N SER A 81 -13.41 3.73 -11.43
CA SER A 81 -13.52 3.47 -12.86
C SER A 81 -12.53 4.35 -13.63
N THR A 82 -12.21 5.49 -13.02
CA THR A 82 -11.29 6.43 -13.64
C THR A 82 -9.90 6.28 -13.02
N LYS A 83 -9.68 7.05 -11.96
CA LYS A 83 -8.39 7.01 -11.26
C LYS A 83 -7.94 5.56 -11.10
N PRO A 84 -6.75 5.25 -11.69
CA PRO A 84 -6.20 3.91 -11.61
C PRO A 84 -5.63 3.63 -10.23
N GLY A 85 -4.75 4.51 -9.80
CA GLY A 85 -4.12 4.36 -8.49
C GLY A 85 -5.14 3.99 -7.43
N LEU A 86 -6.29 4.65 -7.50
CA LEU A 86 -7.36 4.39 -6.55
C LEU A 86 -7.89 2.96 -6.76
N GLN A 87 -8.53 2.76 -7.91
CA GLN A 87 -9.07 1.46 -8.24
C GLN A 87 -8.08 0.36 -7.88
N LYS A 88 -6.96 0.35 -8.60
CA LYS A 88 -5.93 -0.64 -8.37
C LYS A 88 -5.77 -0.87 -6.87
N ALA A 89 -5.88 0.22 -6.12
CA ALA A 89 -5.75 0.15 -4.67
C ALA A 89 -7.02 -0.45 -4.08
N SER A 90 -8.16 0.07 -4.53
CA SER A 90 -9.45 -0.39 -4.06
C SER A 90 -9.57 -1.90 -4.32
N ILE A 91 -9.25 -2.29 -5.53
CA ILE A 91 -9.32 -3.69 -5.91
C ILE A 91 -8.65 -4.55 -4.84
N PHE A 92 -7.43 -4.16 -4.49
CA PHE A 92 -6.67 -4.88 -3.49
C PHE A 92 -7.34 -4.75 -2.11
N LEU A 93 -8.28 -3.83 -2.03
CA LEU A 93 -9.00 -3.61 -0.78
C LEU A 93 -10.26 -4.46 -0.77
N LYS A 94 -10.57 -5.04 -1.92
CA LYS A 94 -11.74 -5.88 -2.06
C LYS A 94 -11.30 -7.33 -2.34
N THR A 95 -10.34 -7.45 -3.25
CA THR A 95 -9.82 -8.75 -3.61
C THR A 95 -8.72 -9.19 -2.65
N ARG A 96 -8.31 -8.24 -1.81
CA ARG A 96 -7.27 -8.52 -0.83
C ARG A 96 -6.20 -9.42 -1.43
N VAL A 97 -5.96 -9.22 -2.73
CA VAL A 97 -4.96 -10.01 -3.44
C VAL A 97 -4.18 -9.10 -4.38
N VAL A 98 -3.00 -8.69 -3.91
CA VAL A 98 -2.14 -7.82 -4.71
C VAL A 98 -1.76 -8.53 -6.00
N PRO A 99 -1.26 -7.73 -6.97
CA PRO A 99 -0.85 -8.27 -8.26
C PRO A 99 0.49 -9.00 -8.14
N ASP A 100 0.72 -9.92 -9.06
CA ASP A 100 1.95 -10.69 -9.07
C ASP A 100 3.14 -9.73 -9.16
N ASN A 101 2.85 -8.51 -9.57
CA ASN A 101 3.88 -7.50 -9.71
C ASN A 101 4.30 -7.02 -8.32
N TRP A 102 3.48 -7.36 -7.33
CA TRP A 102 3.75 -6.98 -5.95
C TRP A 102 4.24 -8.22 -5.20
N LYS A 103 3.37 -9.22 -5.15
CA LYS A 103 3.69 -10.46 -4.47
C LYS A 103 4.05 -10.17 -3.02
N MET A 104 3.01 -9.93 -2.22
CA MET A 104 3.20 -9.63 -0.81
C MET A 104 3.03 -10.88 0.04
N ASP A 105 2.95 -10.66 1.35
CA ASP A 105 2.77 -11.75 2.29
C ASP A 105 4.13 -12.42 2.54
N ILE A 106 5.16 -11.85 1.94
CA ILE A 106 6.52 -12.37 2.09
C ILE A 106 7.23 -11.59 3.20
N SER A 107 6.84 -10.34 3.35
CA SER A 107 7.44 -9.49 4.37
C SER A 107 7.31 -10.15 5.74
N GLU A 108 6.39 -11.09 5.82
CA GLU A 108 6.17 -11.80 7.07
C GLU A 108 7.17 -12.96 7.21
N ILE A 109 7.55 -13.51 6.07
CA ILE A 109 8.50 -14.61 6.05
C ILE A 109 9.82 -14.16 6.66
N LEU A 110 10.08 -12.86 6.53
CA LEU A 110 11.30 -12.29 7.06
C LEU A 110 11.28 -12.35 8.58
N GLU A 111 10.47 -11.48 9.17
CA GLU A 111 10.34 -11.43 10.61
C GLU A 111 11.54 -10.70 11.22
N SER A 112 11.31 -10.11 12.39
CA SER A 112 12.36 -9.39 13.09
C SER A 112 12.42 -9.83 14.55
N GLY A 113 11.30 -9.64 15.24
CA GLY A 113 11.21 -10.02 16.65
C GLY A 113 10.96 -8.78 17.53
N PRO A 114 9.81 -8.82 18.24
CA PRO A 114 9.44 -7.72 19.12
C PRO A 114 10.29 -7.74 20.40
N SER A 115 11.59 -7.62 20.22
CA SER A 115 12.51 -7.62 21.34
C SER A 115 12.33 -8.89 22.17
N SER A 116 13.29 -9.79 22.03
CA SER A 116 13.24 -11.06 22.75
C SER A 116 13.45 -10.80 24.25
N GLY A 117 12.56 -11.37 25.03
CA GLY A 117 12.63 -11.23 26.47
C GLY A 117 12.65 -12.59 27.18
N GLY A 1 8.51 -18.24 0.60
CA GLY A 1 8.19 -18.30 2.02
C GLY A 1 7.24 -19.46 2.32
N SER A 2 7.82 -20.66 2.36
CA SER A 2 7.04 -21.85 2.63
C SER A 2 6.45 -21.79 4.04
N SER A 3 5.29 -22.41 4.20
CA SER A 3 4.63 -22.43 5.50
C SER A 3 4.19 -21.02 5.87
N GLY A 4 2.97 -20.94 6.40
CA GLY A 4 2.42 -19.65 6.81
C GLY A 4 0.89 -19.70 6.81
N SER A 5 0.30 -18.54 7.04
CA SER A 5 -1.15 -18.42 7.07
C SER A 5 -1.55 -16.94 7.00
N SER A 6 -2.81 -16.73 6.63
CA SER A 6 -3.34 -15.38 6.53
C SER A 6 -2.97 -14.58 7.77
N GLY A 7 -3.17 -13.27 7.67
CA GLY A 7 -2.86 -12.37 8.77
C GLY A 7 -3.32 -10.94 8.46
N LEU A 8 -2.66 -10.00 9.11
CA LEU A 8 -2.99 -8.60 8.92
C LEU A 8 -1.69 -7.79 8.78
N ASN A 9 -0.95 -7.72 9.87
CA ASN A 9 0.30 -6.99 9.88
C ASN A 9 0.00 -5.48 9.83
N ASP A 10 -0.16 -4.90 11.01
CA ASP A 10 -0.44 -3.48 11.11
C ASP A 10 -1.78 -3.18 10.44
N GLU A 11 -2.34 -2.03 10.79
CA GLU A 11 -3.61 -1.62 10.22
C GLU A 11 -3.40 -0.55 9.15
N LEU A 12 -2.42 0.31 9.39
CA LEU A 12 -2.10 1.36 8.45
C LEU A 12 -1.07 0.85 7.45
N LEU A 13 -0.11 0.10 7.95
CA LEU A 13 0.93 -0.45 7.11
C LEU A 13 0.39 -1.68 6.37
N GLY A 14 0.91 -1.89 5.18
CA GLY A 14 0.50 -3.03 4.37
C GLY A 14 -0.85 -2.76 3.71
N LYS A 15 -1.37 -1.56 3.94
CA LYS A 15 -2.65 -1.17 3.38
C LYS A 15 -2.46 0.08 2.52
N VAL A 16 -3.48 0.37 1.73
CA VAL A 16 -3.44 1.54 0.87
C VAL A 16 -3.60 2.81 1.70
N VAL A 17 -2.77 3.79 1.40
CA VAL A 17 -2.81 5.05 2.13
C VAL A 17 -2.68 6.21 1.13
N SER A 18 -3.02 7.39 1.60
CA SER A 18 -2.94 8.59 0.77
C SER A 18 -1.68 9.38 1.10
N VAL A 19 -0.88 9.62 0.07
CA VAL A 19 0.35 10.36 0.24
C VAL A 19 0.13 11.82 -0.19
N VAL A 20 0.49 12.73 0.70
CA VAL A 20 0.33 14.15 0.43
C VAL A 20 1.53 14.65 -0.37
N SER A 21 1.25 15.26 -1.51
CA SER A 21 2.30 15.79 -2.36
C SER A 21 2.93 17.03 -1.72
N ALA A 22 4.22 17.18 -1.94
CA ALA A 22 4.95 18.31 -1.38
C ALA A 22 4.79 19.51 -2.32
N THR A 23 4.49 19.21 -3.57
CA THR A 23 4.31 20.25 -4.58
C THR A 23 2.84 20.68 -4.64
N GLU A 24 2.00 19.88 -4.00
CA GLU A 24 0.57 20.16 -3.98
C GLU A 24 -0.10 19.37 -2.86
N ARG A 25 -0.10 19.94 -1.68
CA ARG A 25 -0.71 19.30 -0.52
C ARG A 25 -2.01 18.61 -0.93
N THR A 26 -2.88 19.38 -1.56
CA THR A 26 -4.17 18.86 -2.01
C THR A 26 -3.98 17.50 -2.70
N GLU A 27 -3.33 17.55 -3.85
CA GLU A 27 -3.08 16.34 -4.62
C GLU A 27 -2.52 15.25 -3.71
N TRP A 28 -3.13 14.07 -3.80
CA TRP A 28 -2.71 12.95 -2.99
C TRP A 28 -2.82 11.68 -3.85
N TYR A 29 -1.85 10.79 -3.68
CA TYR A 29 -1.84 9.55 -4.43
C TYR A 29 -1.78 8.35 -3.49
N PRO A 30 -2.41 7.23 -3.94
CA PRO A 30 -2.44 6.02 -3.15
C PRO A 30 -1.09 5.29 -3.20
N ALA A 31 -0.78 4.61 -2.13
CA ALA A 31 0.48 3.86 -2.04
C ALA A 31 0.39 2.85 -0.90
N LEU A 32 0.93 1.67 -1.17
CA LEU A 32 0.93 0.61 -0.18
C LEU A 32 2.20 0.68 0.66
N VAL A 33 2.01 0.94 1.95
CA VAL A 33 3.13 1.05 2.87
C VAL A 33 3.79 -0.33 3.02
N ILE A 34 5.11 -0.32 3.12
CA ILE A 34 5.86 -1.55 3.28
C ILE A 34 7.22 -1.23 3.91
N SER A 35 8.03 -2.27 4.04
CA SER A 35 9.35 -2.12 4.63
C SER A 35 10.42 -2.62 3.66
N PRO A 36 11.61 -1.96 3.73
CA PRO A 36 12.71 -2.33 2.86
C PRO A 36 13.36 -3.64 3.32
N SER A 37 12.78 -4.74 2.88
CA SER A 37 13.29 -6.05 3.24
C SER A 37 13.98 -6.69 2.04
N CYS A 38 13.25 -6.76 0.94
CA CYS A 38 13.77 -7.34 -0.28
C CYS A 38 14.82 -6.39 -0.86
N ASN A 39 14.37 -5.20 -1.21
CA ASN A 39 15.26 -4.20 -1.77
C ASN A 39 16.40 -3.92 -0.79
N ASP A 40 17.33 -3.10 -1.23
CA ASP A 40 18.48 -2.75 -0.40
C ASP A 40 18.93 -1.33 -0.75
N ASP A 41 19.19 -1.12 -2.03
CA ASP A 41 19.64 0.17 -2.51
C ASP A 41 18.64 1.25 -2.05
N ILE A 42 17.36 0.88 -2.10
CA ILE A 42 16.31 1.79 -1.70
C ILE A 42 16.63 2.37 -0.33
N THR A 43 17.28 3.52 -0.33
CA THR A 43 17.66 4.19 0.90
C THR A 43 16.45 4.89 1.52
N VAL A 44 16.00 4.34 2.65
CA VAL A 44 14.85 4.90 3.34
C VAL A 44 15.33 5.60 4.63
N LYS A 45 14.79 6.78 4.85
CA LYS A 45 15.15 7.56 6.02
C LYS A 45 14.41 6.99 7.25
N LYS A 46 14.79 7.50 8.41
CA LYS A 46 14.18 7.06 9.65
C LYS A 46 12.82 7.72 9.81
N ASP A 47 12.66 8.86 9.14
CA ASP A 47 11.42 9.60 9.21
C ASP A 47 10.63 9.38 7.91
N GLN A 48 10.93 8.26 7.26
CA GLN A 48 10.26 7.92 6.01
C GLN A 48 10.02 6.41 5.93
N CYS A 49 9.12 6.03 5.05
CA CYS A 49 8.79 4.63 4.87
C CYS A 49 8.60 4.36 3.37
N LEU A 50 8.84 3.11 2.99
CA LEU A 50 8.71 2.73 1.60
C LEU A 50 7.25 2.38 1.31
N VAL A 51 6.73 2.96 0.24
CA VAL A 51 5.35 2.72 -0.15
C VAL A 51 5.31 2.26 -1.60
N ARG A 52 4.26 1.53 -1.94
CA ARG A 52 4.10 1.01 -3.29
C ARG A 52 2.88 1.66 -3.95
N SER A 53 3.16 2.49 -4.95
CA SER A 53 2.10 3.18 -5.67
C SER A 53 1.21 2.16 -6.38
N PHE A 54 -0.03 2.56 -6.60
CA PHE A 54 -0.99 1.70 -7.26
C PHE A 54 -1.33 2.22 -8.66
N ILE A 55 -0.51 3.15 -9.12
CA ILE A 55 -0.70 3.73 -10.45
C ILE A 55 0.26 3.07 -11.44
N ASP A 56 1.54 3.29 -11.20
CA ASP A 56 2.57 2.74 -12.06
C ASP A 56 3.25 1.57 -11.34
N SER A 57 2.98 1.47 -10.05
CA SER A 57 3.56 0.41 -9.24
C SER A 57 5.06 0.64 -9.07
N LYS A 58 5.39 1.86 -8.66
CA LYS A 58 6.79 2.22 -8.45
C LYS A 58 7.06 2.33 -6.95
N PHE A 59 8.28 1.98 -6.58
CA PHE A 59 8.69 2.03 -5.18
C PHE A 59 9.15 3.45 -4.80
N TYR A 60 8.27 4.15 -4.10
CA TYR A 60 8.57 5.50 -3.68
C TYR A 60 8.80 5.55 -2.16
N SER A 61 9.67 6.47 -1.76
CA SER A 61 9.98 6.63 -0.34
C SER A 61 9.56 8.03 0.12
N ILE A 62 8.40 8.08 0.77
CA ILE A 62 7.88 9.34 1.26
C ILE A 62 7.91 9.33 2.79
N ALA A 63 7.47 10.44 3.37
CA ALA A 63 7.44 10.57 4.82
C ALA A 63 6.05 10.18 5.33
N ARG A 64 6.05 9.37 6.37
CA ARG A 64 4.80 8.92 6.97
C ARG A 64 3.93 10.12 7.34
N LYS A 65 4.57 11.27 7.44
CA LYS A 65 3.88 12.50 7.79
C LYS A 65 2.98 12.92 6.62
N ASP A 66 3.43 12.58 5.42
CA ASP A 66 2.69 12.92 4.22
C ASP A 66 1.60 11.87 3.99
N ILE A 67 1.72 10.76 4.70
CA ILE A 67 0.76 9.69 4.59
C ILE A 67 -0.40 9.93 5.56
N LYS A 68 -1.58 9.50 5.14
CA LYS A 68 -2.77 9.67 5.96
C LYS A 68 -3.83 8.66 5.51
N GLU A 69 -4.62 8.22 6.47
CA GLU A 69 -5.68 7.26 6.20
C GLU A 69 -6.44 7.66 4.93
N VAL A 70 -6.89 6.65 4.21
CA VAL A 70 -7.63 6.88 2.98
C VAL A 70 -8.68 5.78 2.81
N ASP A 71 -9.83 6.18 2.27
CA ASP A 71 -10.92 5.25 2.05
C ASP A 71 -11.13 5.05 0.55
N ILE A 72 -10.38 4.11 -0.01
CA ILE A 72 -10.48 3.82 -1.42
C ILE A 72 -11.73 2.99 -1.69
N LEU A 73 -11.97 2.03 -0.81
CA LEU A 73 -13.12 1.16 -0.93
C LEU A 73 -14.39 1.96 -0.64
N ASN A 74 -14.18 3.20 -0.21
CA ASN A 74 -15.30 4.08 0.11
C ASN A 74 -15.40 5.17 -0.96
N LEU A 75 -14.67 4.97 -2.05
CA LEU A 75 -14.68 5.93 -3.14
C LEU A 75 -15.83 5.61 -4.09
N PRO A 76 -16.24 6.64 -4.87
CA PRO A 76 -17.33 6.48 -5.82
C PRO A 76 -16.86 5.69 -7.06
N GLU A 77 -17.80 4.97 -7.64
CA GLU A 77 -17.50 4.18 -8.82
C GLU A 77 -16.92 5.06 -9.93
N SER A 78 -17.14 6.36 -9.77
CA SER A 78 -16.65 7.32 -10.75
C SER A 78 -15.12 7.41 -10.67
N GLU A 79 -14.63 7.67 -9.48
CA GLU A 79 -13.19 7.77 -9.26
C GLU A 79 -12.50 6.47 -9.63
N LEU A 80 -12.91 5.41 -8.96
CA LEU A 80 -12.33 4.09 -9.22
C LEU A 80 -12.24 3.87 -10.74
N SER A 81 -13.39 3.97 -11.38
CA SER A 81 -13.45 3.78 -12.82
C SER A 81 -12.34 4.58 -13.50
N THR A 82 -12.28 5.86 -13.15
CA THR A 82 -11.27 6.75 -13.71
C THR A 82 -9.92 6.52 -13.03
N LYS A 83 -9.75 7.22 -11.91
CA LYS A 83 -8.51 7.11 -11.15
C LYS A 83 -8.06 5.64 -11.13
N PRO A 84 -6.88 5.40 -11.77
CA PRO A 84 -6.33 4.05 -11.83
C PRO A 84 -5.72 3.65 -10.49
N GLY A 85 -4.93 4.57 -9.94
CA GLY A 85 -4.29 4.32 -8.67
C GLY A 85 -5.29 3.88 -7.61
N LEU A 86 -6.41 4.59 -7.57
CA LEU A 86 -7.46 4.28 -6.61
C LEU A 86 -7.96 2.86 -6.85
N GLN A 87 -8.54 2.65 -8.01
CA GLN A 87 -9.06 1.35 -8.38
C GLN A 87 -8.12 0.25 -7.88
N LYS A 88 -6.98 0.15 -8.54
CA LYS A 88 -5.99 -0.85 -8.17
C LYS A 88 -5.91 -0.97 -6.65
N ALA A 89 -5.78 0.19 -6.02
CA ALA A 89 -5.70 0.24 -4.56
C ALA A 89 -6.92 -0.46 -3.97
N SER A 90 -8.09 -0.08 -4.47
CA SER A 90 -9.34 -0.66 -3.99
C SER A 90 -9.32 -2.18 -4.21
N ILE A 91 -8.91 -2.56 -5.42
CA ILE A 91 -8.85 -3.98 -5.76
C ILE A 91 -8.16 -4.74 -4.64
N PHE A 92 -6.98 -4.26 -4.28
CA PHE A 92 -6.21 -4.89 -3.22
C PHE A 92 -6.94 -4.81 -1.88
N LEU A 93 -7.95 -3.95 -1.84
CA LEU A 93 -8.74 -3.77 -0.63
C LEU A 93 -9.93 -4.73 -0.65
N LYS A 94 -10.11 -5.37 -1.80
CA LYS A 94 -11.20 -6.31 -1.96
C LYS A 94 -10.63 -7.72 -2.19
N THR A 95 -9.64 -7.78 -3.08
CA THR A 95 -9.00 -9.05 -3.40
C THR A 95 -7.93 -9.37 -2.36
N ARG A 96 -7.25 -8.32 -1.91
CA ARG A 96 -6.19 -8.49 -0.93
C ARG A 96 -5.08 -9.37 -1.48
N VAL A 97 -4.67 -9.07 -2.70
CA VAL A 97 -3.63 -9.83 -3.36
C VAL A 97 -3.04 -9.00 -4.50
N VAL A 98 -1.87 -8.43 -4.23
CA VAL A 98 -1.19 -7.61 -5.23
C VAL A 98 -0.86 -8.47 -6.45
N PRO A 99 -0.56 -7.77 -7.58
CA PRO A 99 -0.22 -8.45 -8.82
C PRO A 99 1.19 -9.03 -8.76
N ASP A 100 1.38 -10.12 -9.48
CA ASP A 100 2.67 -10.79 -9.52
C ASP A 100 3.75 -9.75 -9.86
N ASN A 101 3.32 -8.67 -10.47
CA ASN A 101 4.23 -7.61 -10.86
C ASN A 101 4.82 -6.96 -9.60
N TRP A 102 4.09 -7.13 -8.50
CA TRP A 102 4.53 -6.57 -7.24
C TRP A 102 5.40 -7.61 -6.53
N LYS A 103 4.80 -8.77 -6.27
CA LYS A 103 5.51 -9.84 -5.61
C LYS A 103 5.92 -9.39 -4.20
N MET A 104 4.92 -9.25 -3.35
CA MET A 104 5.16 -8.83 -1.98
C MET A 104 5.84 -9.94 -1.18
N ASP A 105 5.80 -9.79 0.14
CA ASP A 105 6.41 -10.77 1.02
C ASP A 105 5.32 -11.68 1.60
N ILE A 106 4.17 -11.08 1.85
CA ILE A 106 3.05 -11.83 2.41
C ILE A 106 2.19 -12.36 1.26
N SER A 107 2.06 -11.56 0.23
CA SER A 107 1.27 -11.94 -0.93
C SER A 107 1.68 -13.34 -1.39
N GLU A 108 2.90 -13.71 -1.05
CA GLU A 108 3.42 -15.02 -1.43
C GLU A 108 3.13 -16.04 -0.32
N ILE A 109 3.12 -15.54 0.91
CA ILE A 109 2.85 -16.39 2.05
C ILE A 109 1.41 -16.91 1.98
N LEU A 110 0.61 -16.22 1.18
CA LEU A 110 -0.78 -16.60 1.02
C LEU A 110 -0.86 -17.99 0.39
N GLU A 111 -0.33 -18.09 -0.82
CA GLU A 111 -0.34 -19.36 -1.53
C GLU A 111 -1.75 -19.94 -1.59
N SER A 112 -2.47 -19.54 -2.63
CA SER A 112 -3.84 -20.00 -2.82
C SER A 112 -3.94 -20.82 -4.10
N GLY A 113 -3.45 -22.05 -4.02
CA GLY A 113 -3.48 -22.94 -5.17
C GLY A 113 -3.05 -24.36 -4.77
N PRO A 114 -3.39 -25.32 -5.66
CA PRO A 114 -3.04 -26.72 -5.41
C PRO A 114 -1.55 -26.96 -5.66
N SER A 115 -0.87 -27.39 -4.61
CA SER A 115 0.55 -27.68 -4.69
C SER A 115 1.06 -28.22 -3.36
N SER A 116 2.18 -28.91 -3.43
CA SER A 116 2.79 -29.48 -2.23
C SER A 116 1.79 -30.40 -1.53
N GLY A 117 2.31 -31.21 -0.62
CA GLY A 117 1.46 -32.12 0.13
C GLY A 117 0.77 -33.13 -0.80
N GLY A 1 -18.57 -7.00 -3.90
CA GLY A 1 -18.99 -7.04 -2.51
C GLY A 1 -18.59 -8.37 -1.85
N SER A 2 -17.37 -8.38 -1.31
CA SER A 2 -16.86 -9.56 -0.66
C SER A 2 -16.30 -9.21 0.71
N SER A 3 -16.21 -10.21 1.57
CA SER A 3 -15.70 -10.01 2.91
C SER A 3 -15.54 -11.36 3.61
N GLY A 4 -14.57 -11.42 4.52
CA GLY A 4 -14.31 -12.63 5.26
C GLY A 4 -13.13 -12.44 6.23
N SER A 5 -12.06 -13.17 5.96
CA SER A 5 -10.87 -13.10 6.79
C SER A 5 -10.09 -11.81 6.47
N SER A 6 -9.06 -11.58 7.26
CA SER A 6 -8.23 -10.39 7.07
C SER A 6 -6.76 -10.78 7.07
N GLY A 7 -6.26 -11.11 8.25
CA GLY A 7 -4.87 -11.49 8.40
C GLY A 7 -4.19 -10.69 9.52
N LEU A 8 -2.88 -10.88 9.62
CA LEU A 8 -2.10 -10.18 10.63
C LEU A 8 -0.81 -9.67 10.02
N ASN A 9 -0.43 -8.46 10.41
CA ASN A 9 0.79 -7.85 9.91
C ASN A 9 0.86 -6.40 10.36
N ASP A 10 -0.20 -5.67 10.06
CA ASP A 10 -0.28 -4.27 10.44
C ASP A 10 -1.56 -3.65 9.86
N GLU A 11 -2.04 -2.61 10.54
CA GLU A 11 -3.24 -1.94 10.11
C GLU A 11 -2.93 -0.93 9.01
N LEU A 12 -1.88 -0.15 9.25
CA LEU A 12 -1.47 0.86 8.28
C LEU A 12 -0.57 0.21 7.23
N LEU A 13 0.26 -0.71 7.69
CA LEU A 13 1.17 -1.42 6.79
C LEU A 13 0.38 -2.45 5.99
N GLY A 14 0.82 -2.65 4.75
CA GLY A 14 0.18 -3.61 3.87
C GLY A 14 -1.20 -3.10 3.43
N LYS A 15 -1.41 -1.81 3.64
CA LYS A 15 -2.68 -1.19 3.27
C LYS A 15 -2.39 0.08 2.48
N VAL A 16 -3.39 0.50 1.72
CA VAL A 16 -3.27 1.71 0.92
C VAL A 16 -3.46 2.94 1.80
N VAL A 17 -2.71 3.99 1.47
CA VAL A 17 -2.79 5.22 2.23
C VAL A 17 -2.71 6.41 1.27
N SER A 18 -3.01 7.58 1.81
CA SER A 18 -2.99 8.80 1.01
C SER A 18 -1.68 9.54 1.24
N VAL A 19 -0.89 9.62 0.17
CA VAL A 19 0.39 10.30 0.24
C VAL A 19 0.21 11.77 -0.16
N VAL A 20 0.40 12.64 0.81
CA VAL A 20 0.26 14.07 0.57
C VAL A 20 1.52 14.59 -0.14
N SER A 21 1.31 15.13 -1.33
CA SER A 21 2.42 15.65 -2.11
C SER A 21 2.99 16.89 -1.43
N ALA A 22 4.29 16.85 -1.20
CA ALA A 22 4.98 17.96 -0.55
C ALA A 22 4.95 19.18 -1.47
N THR A 23 4.94 18.90 -2.77
CA THR A 23 4.91 19.96 -3.77
C THR A 23 3.49 20.49 -3.95
N GLU A 24 2.54 19.72 -3.45
CA GLU A 24 1.13 20.10 -3.55
C GLU A 24 0.30 19.32 -2.52
N ARG A 25 0.18 19.91 -1.34
CA ARG A 25 -0.58 19.29 -0.27
C ARG A 25 -1.86 18.64 -0.84
N THR A 26 -2.66 19.47 -1.48
CA THR A 26 -3.90 19.01 -2.07
C THR A 26 -3.69 17.66 -2.77
N GLU A 27 -2.96 17.72 -3.88
CA GLU A 27 -2.68 16.52 -4.65
C GLU A 27 -2.22 15.39 -3.72
N TRP A 28 -2.87 14.25 -3.87
CA TRP A 28 -2.53 13.09 -3.05
C TRP A 28 -2.69 11.84 -3.93
N TYR A 29 -1.82 10.88 -3.68
CA TYR A 29 -1.84 9.63 -4.42
C TYR A 29 -1.77 8.43 -3.49
N PRO A 30 -2.48 7.33 -3.91
CA PRO A 30 -2.51 6.12 -3.13
C PRO A 30 -1.19 5.36 -3.25
N ALA A 31 -0.80 4.73 -2.14
CA ALA A 31 0.44 3.96 -2.11
C ALA A 31 0.34 2.91 -1.00
N LEU A 32 0.90 1.75 -1.29
CA LEU A 32 0.89 0.65 -0.35
C LEU A 32 2.16 0.71 0.51
N VAL A 33 1.96 0.81 1.81
CA VAL A 33 3.08 0.89 2.74
C VAL A 33 3.74 -0.49 2.84
N ILE A 34 5.06 -0.47 2.95
CA ILE A 34 5.81 -1.70 3.06
C ILE A 34 7.13 -1.43 3.80
N SER A 35 7.97 -2.45 3.83
CA SER A 35 9.26 -2.33 4.50
C SER A 35 10.38 -2.76 3.55
N PRO A 36 11.55 -2.06 3.68
CA PRO A 36 12.69 -2.36 2.84
C PRO A 36 13.37 -3.66 3.28
N SER A 37 13.00 -4.73 2.61
CA SER A 37 13.55 -6.04 2.92
C SER A 37 14.57 -6.44 1.83
N CYS A 38 14.06 -6.54 0.62
CA CYS A 38 14.90 -6.93 -0.51
C CYS A 38 15.71 -5.69 -0.94
N ASN A 39 14.98 -4.63 -1.26
CA ASN A 39 15.62 -3.40 -1.68
C ASN A 39 16.63 -2.95 -0.62
N ASP A 40 17.51 -2.05 -1.03
CA ASP A 40 18.53 -1.55 -0.13
C ASP A 40 19.01 -0.17 -0.62
N ASP A 41 19.33 -0.13 -1.90
CA ASP A 41 19.80 1.11 -2.51
C ASP A 41 18.88 2.25 -2.10
N ILE A 42 17.60 2.11 -2.43
CA ILE A 42 16.62 3.13 -2.10
C ILE A 42 16.41 3.14 -0.58
N THR A 43 17.47 3.46 0.14
CA THR A 43 17.41 3.51 1.59
C THR A 43 16.24 4.40 2.03
N VAL A 44 15.66 4.03 3.16
CA VAL A 44 14.54 4.78 3.72
C VAL A 44 14.97 5.44 5.03
N LYS A 45 14.77 6.75 5.09
CA LYS A 45 15.13 7.51 6.27
C LYS A 45 14.28 7.03 7.46
N LYS A 46 14.62 7.55 8.63
CA LYS A 46 13.90 7.19 9.84
C LYS A 46 12.50 7.81 9.79
N ASP A 47 12.43 8.98 9.17
CA ASP A 47 11.16 9.68 9.06
C ASP A 47 10.56 9.43 7.67
N GLN A 48 10.95 8.30 7.09
CA GLN A 48 10.46 7.92 5.78
C GLN A 48 10.04 6.45 5.77
N CYS A 49 9.26 6.09 4.76
CA CYS A 49 8.80 4.72 4.63
C CYS A 49 8.63 4.42 3.13
N LEU A 50 8.94 3.18 2.78
CA LEU A 50 8.83 2.75 1.40
C LEU A 50 7.39 2.30 1.11
N VAL A 51 6.78 2.97 0.14
CA VAL A 51 5.42 2.65 -0.24
C VAL A 51 5.39 2.16 -1.69
N ARG A 52 4.23 1.66 -2.10
CA ARG A 52 4.06 1.16 -3.45
C ARG A 52 2.82 1.80 -4.10
N SER A 53 3.09 2.67 -5.06
CA SER A 53 2.01 3.35 -5.77
C SER A 53 1.14 2.32 -6.49
N PHE A 54 -0.12 2.70 -6.69
CA PHE A 54 -1.07 1.83 -7.36
C PHE A 54 -1.41 2.38 -8.76
N ILE A 55 -0.62 3.35 -9.19
CA ILE A 55 -0.83 3.96 -10.49
C ILE A 55 0.10 3.29 -11.51
N ASP A 56 1.39 3.44 -11.28
CA ASP A 56 2.38 2.86 -12.16
C ASP A 56 2.96 1.59 -11.52
N SER A 57 2.64 1.42 -10.25
CA SER A 57 3.11 0.26 -9.51
C SER A 57 4.62 0.36 -9.30
N LYS A 58 5.05 1.52 -8.84
CA LYS A 58 6.46 1.76 -8.59
C LYS A 58 6.68 1.95 -7.09
N PHE A 59 7.92 1.74 -6.68
CA PHE A 59 8.28 1.88 -5.27
C PHE A 59 8.77 3.29 -4.98
N TYR A 60 8.23 3.86 -3.91
CA TYR A 60 8.59 5.20 -3.50
C TYR A 60 8.76 5.29 -1.98
N SER A 61 9.55 6.27 -1.56
CA SER A 61 9.79 6.47 -0.14
C SER A 61 9.28 7.85 0.29
N ILE A 62 8.19 7.84 1.03
CA ILE A 62 7.59 9.07 1.51
C ILE A 62 7.70 9.13 3.03
N ALA A 63 7.21 10.23 3.59
CA ALA A 63 7.24 10.41 5.02
C ALA A 63 5.87 10.06 5.62
N ARG A 64 5.91 9.31 6.70
CA ARG A 64 4.68 8.89 7.36
C ARG A 64 3.79 10.11 7.63
N LYS A 65 4.43 11.26 7.73
CA LYS A 65 3.71 12.50 7.98
C LYS A 65 2.83 12.82 6.79
N ASP A 66 3.34 12.51 5.60
CA ASP A 66 2.62 12.76 4.37
C ASP A 66 1.41 11.83 4.30
N ILE A 67 1.49 10.74 5.04
CA ILE A 67 0.42 9.77 5.08
C ILE A 67 -0.64 10.20 6.10
N LYS A 68 -1.88 9.85 5.81
CA LYS A 68 -2.98 10.20 6.69
C LYS A 68 -4.15 9.26 6.43
N GLU A 69 -3.82 8.05 5.98
CA GLU A 69 -4.83 7.05 5.69
C GLU A 69 -5.76 7.55 4.58
N VAL A 70 -6.29 6.60 3.82
CA VAL A 70 -7.18 6.92 2.73
C VAL A 70 -8.24 5.82 2.61
N ASP A 71 -9.43 6.24 2.17
CA ASP A 71 -10.53 5.29 2.00
C ASP A 71 -10.80 5.11 0.51
N ILE A 72 -10.09 4.16 -0.08
CA ILE A 72 -10.25 3.88 -1.50
C ILE A 72 -11.55 3.11 -1.71
N LEU A 73 -11.79 2.15 -0.82
CA LEU A 73 -12.99 1.34 -0.90
C LEU A 73 -14.21 2.20 -0.56
N ASN A 74 -13.94 3.42 -0.12
CA ASN A 74 -14.99 4.36 0.23
C ASN A 74 -15.13 5.41 -0.87
N LEU A 75 -14.48 5.14 -1.98
CA LEU A 75 -14.52 6.05 -3.12
C LEU A 75 -15.65 5.65 -4.06
N PRO A 76 -16.14 6.65 -4.83
CA PRO A 76 -17.22 6.41 -5.77
C PRO A 76 -16.73 5.65 -7.00
N GLU A 77 -17.55 4.72 -7.46
CA GLU A 77 -17.20 3.93 -8.63
C GLU A 77 -16.67 4.83 -9.74
N SER A 78 -17.16 6.06 -9.75
CA SER A 78 -16.74 7.03 -10.75
C SER A 78 -15.21 7.18 -10.73
N GLU A 79 -14.69 7.48 -9.56
CA GLU A 79 -13.25 7.65 -9.40
C GLU A 79 -12.53 6.36 -9.78
N LEU A 80 -12.90 5.28 -9.09
CA LEU A 80 -12.29 3.99 -9.33
C LEU A 80 -12.18 3.76 -10.84
N SER A 81 -13.34 3.82 -11.50
CA SER A 81 -13.39 3.61 -12.94
C SER A 81 -12.30 4.45 -13.63
N THR A 82 -12.19 5.69 -13.18
CA THR A 82 -11.20 6.59 -13.74
C THR A 82 -9.86 6.42 -13.04
N LYS A 83 -9.69 7.16 -11.95
CA LYS A 83 -8.46 7.10 -11.18
C LYS A 83 -7.99 5.64 -11.09
N PRO A 84 -6.81 5.38 -11.73
CA PRO A 84 -6.25 4.04 -11.73
C PRO A 84 -5.64 3.70 -10.37
N GLY A 85 -4.84 4.64 -9.87
CA GLY A 85 -4.19 4.45 -8.58
C GLY A 85 -5.20 4.04 -7.51
N LEU A 86 -6.36 4.65 -7.56
CA LEU A 86 -7.42 4.36 -6.60
C LEU A 86 -7.91 2.93 -6.82
N GLN A 87 -8.53 2.72 -7.96
CA GLN A 87 -9.05 1.41 -8.30
C GLN A 87 -8.09 0.32 -7.83
N LYS A 88 -6.95 0.24 -8.50
CA LYS A 88 -5.94 -0.75 -8.16
C LYS A 88 -5.85 -0.87 -6.65
N ALA A 89 -5.73 0.28 -6.00
CA ALA A 89 -5.63 0.31 -4.55
C ALA A 89 -6.85 -0.38 -3.94
N SER A 90 -8.02 0.02 -4.43
CA SER A 90 -9.26 -0.55 -3.94
C SER A 90 -9.28 -2.07 -4.18
N ILE A 91 -8.89 -2.44 -5.39
CA ILE A 91 -8.86 -3.85 -5.76
C ILE A 91 -8.16 -4.64 -4.65
N PHE A 92 -6.98 -4.16 -4.28
CA PHE A 92 -6.21 -4.81 -3.23
C PHE A 92 -6.92 -4.72 -1.89
N LEU A 93 -7.91 -3.84 -1.83
CA LEU A 93 -8.67 -3.65 -0.61
C LEU A 93 -9.86 -4.60 -0.60
N LYS A 94 -10.09 -5.22 -1.75
CA LYS A 94 -11.19 -6.16 -1.88
C LYS A 94 -10.63 -7.56 -2.15
N THR A 95 -9.64 -7.60 -3.02
CA THR A 95 -9.00 -8.87 -3.37
C THR A 95 -7.94 -9.24 -2.34
N ARG A 96 -7.23 -8.21 -1.87
CA ARG A 96 -6.19 -8.42 -0.88
C ARG A 96 -5.06 -9.28 -1.47
N VAL A 97 -4.67 -8.94 -2.68
CA VAL A 97 -3.62 -9.68 -3.36
C VAL A 97 -3.11 -8.85 -4.54
N VAL A 98 -1.92 -8.30 -4.37
CA VAL A 98 -1.31 -7.49 -5.42
C VAL A 98 -1.06 -8.35 -6.65
N PRO A 99 -0.84 -7.67 -7.80
CA PRO A 99 -0.60 -8.35 -9.06
C PRO A 99 0.81 -8.94 -9.09
N ASP A 100 0.93 -10.07 -9.78
CA ASP A 100 2.21 -10.75 -9.90
C ASP A 100 3.29 -9.73 -10.28
N ASN A 101 2.84 -8.66 -10.93
CA ASN A 101 3.75 -7.61 -11.35
C ASN A 101 4.47 -7.04 -10.13
N TRP A 102 3.75 -7.02 -9.02
CA TRP A 102 4.31 -6.50 -7.78
C TRP A 102 5.21 -7.58 -7.17
N LYS A 103 4.60 -8.73 -6.91
CA LYS A 103 5.32 -9.85 -6.33
C LYS A 103 5.74 -9.50 -4.91
N MET A 104 4.75 -9.32 -4.05
CA MET A 104 5.00 -8.98 -2.66
C MET A 104 5.54 -10.19 -1.90
N ASP A 105 4.62 -11.06 -1.51
CA ASP A 105 4.99 -12.26 -0.77
C ASP A 105 5.52 -11.86 0.60
N ILE A 106 4.97 -10.77 1.13
CA ILE A 106 5.38 -10.27 2.43
C ILE A 106 4.66 -11.06 3.51
N SER A 107 3.50 -11.59 3.15
CA SER A 107 2.70 -12.37 4.09
C SER A 107 3.48 -13.61 4.54
N GLU A 108 4.50 -13.94 3.76
CA GLU A 108 5.33 -15.09 4.07
C GLU A 108 6.48 -14.69 5.00
N ILE A 109 6.83 -13.41 4.93
CA ILE A 109 7.91 -12.87 5.75
C ILE A 109 7.51 -12.97 7.22
N LEU A 110 6.21 -12.98 7.46
CA LEU A 110 5.69 -13.06 8.81
C LEU A 110 4.90 -14.35 8.97
N GLU A 111 3.72 -14.37 8.36
CA GLU A 111 2.86 -15.54 8.42
C GLU A 111 2.49 -15.84 9.87
N SER A 112 1.52 -15.08 10.37
CA SER A 112 1.06 -15.26 11.74
C SER A 112 2.20 -14.96 12.71
N GLY A 113 1.93 -14.03 13.62
CA GLY A 113 2.92 -13.64 14.61
C GLY A 113 2.45 -12.43 15.42
N PRO A 114 3.43 -11.69 15.98
CA PRO A 114 3.12 -10.51 16.78
C PRO A 114 2.69 -9.35 15.89
N SER A 115 2.39 -8.23 16.53
CA SER A 115 1.96 -7.04 15.82
C SER A 115 2.73 -5.82 16.35
N SER A 116 3.06 -4.93 15.41
CA SER A 116 3.79 -3.72 15.75
C SER A 116 2.80 -2.59 16.07
N GLY A 117 3.23 -1.72 16.98
CA GLY A 117 2.40 -0.59 17.37
C GLY A 117 3.03 0.17 18.54
N GLY A 1 -12.84 -18.33 3.55
CA GLY A 1 -11.67 -18.66 2.76
C GLY A 1 -10.39 -18.53 3.59
N SER A 2 -9.26 -18.48 2.89
CA SER A 2 -7.98 -18.35 3.54
C SER A 2 -7.87 -16.98 4.21
N SER A 3 -7.37 -16.99 5.44
CA SER A 3 -7.22 -15.76 6.19
C SER A 3 -6.35 -16.01 7.44
N GLY A 4 -5.91 -14.92 8.05
CA GLY A 4 -5.08 -15.01 9.24
C GLY A 4 -5.85 -14.56 10.47
N SER A 5 -5.94 -13.24 10.62
CA SER A 5 -6.64 -12.67 11.76
C SER A 5 -5.85 -12.90 13.04
N SER A 6 -5.05 -11.90 13.40
CA SER A 6 -4.23 -11.99 14.60
C SER A 6 -3.65 -10.61 14.94
N GLY A 7 -3.18 -10.49 16.17
CA GLY A 7 -2.60 -9.24 16.63
C GLY A 7 -1.12 -9.17 16.27
N LEU A 8 -0.85 -9.16 14.97
CA LEU A 8 0.52 -9.09 14.48
C LEU A 8 0.58 -8.14 13.29
N ASN A 9 -0.14 -8.49 12.24
CA ASN A 9 -0.18 -7.67 11.04
C ASN A 9 -0.46 -6.21 11.43
N ASP A 10 0.04 -5.31 10.61
CA ASP A 10 -0.15 -3.89 10.85
C ASP A 10 -1.51 -3.46 10.30
N GLU A 11 -1.95 -2.29 10.73
CA GLU A 11 -3.22 -1.76 10.30
C GLU A 11 -3.02 -0.68 9.23
N LEU A 12 -1.92 0.05 9.38
CA LEU A 12 -1.59 1.11 8.44
C LEU A 12 -0.70 0.55 7.34
N LEU A 13 0.19 -0.35 7.75
CA LEU A 13 1.10 -0.98 6.80
C LEU A 13 0.40 -2.13 6.10
N GLY A 14 0.81 -2.36 4.86
CA GLY A 14 0.22 -3.43 4.07
C GLY A 14 -1.15 -3.04 3.55
N LYS A 15 -1.55 -1.82 3.86
CA LYS A 15 -2.84 -1.31 3.43
C LYS A 15 -2.64 -0.07 2.56
N VAL A 16 -3.68 0.27 1.81
CA VAL A 16 -3.63 1.42 0.93
C VAL A 16 -3.70 2.69 1.76
N VAL A 17 -2.73 3.58 1.55
CA VAL A 17 -2.68 4.84 2.27
C VAL A 17 -2.57 5.99 1.27
N SER A 18 -2.97 7.16 1.73
CA SER A 18 -2.91 8.35 0.89
C SER A 18 -1.66 9.17 1.23
N VAL A 19 -0.89 9.45 0.20
CA VAL A 19 0.34 10.22 0.37
C VAL A 19 0.06 11.69 0.02
N VAL A 20 0.52 12.55 0.91
CA VAL A 20 0.33 13.98 0.73
C VAL A 20 1.58 14.58 0.08
N SER A 21 1.36 15.33 -0.99
CA SER A 21 2.46 15.97 -1.70
C SER A 21 3.01 17.14 -0.88
N ALA A 22 4.30 17.07 -0.61
CA ALA A 22 4.95 18.12 0.16
C ALA A 22 4.69 19.48 -0.52
N THR A 23 4.98 19.52 -1.81
CA THR A 23 4.79 20.74 -2.57
C THR A 23 3.31 20.95 -2.88
N GLU A 24 2.54 19.89 -2.65
CA GLU A 24 1.11 19.95 -2.90
C GLU A 24 0.35 19.29 -1.76
N ARG A 25 -0.06 20.12 -0.80
CA ARG A 25 -0.80 19.63 0.35
C ARG A 25 -2.17 19.10 -0.09
N THR A 26 -2.52 19.39 -1.33
CA THR A 26 -3.79 18.95 -1.87
C THR A 26 -3.63 17.60 -2.56
N GLU A 27 -2.96 17.63 -3.71
CA GLU A 27 -2.74 16.42 -4.48
C GLU A 27 -2.27 15.29 -3.57
N TRP A 28 -2.89 14.13 -3.73
CA TRP A 28 -2.55 12.97 -2.93
C TRP A 28 -2.67 11.73 -3.81
N TYR A 29 -1.79 10.78 -3.57
CA TYR A 29 -1.79 9.54 -4.33
C TYR A 29 -1.75 8.32 -3.40
N PRO A 30 -2.39 7.21 -3.87
CA PRO A 30 -2.43 5.98 -3.10
C PRO A 30 -1.08 5.27 -3.15
N ALA A 31 -0.76 4.62 -2.04
CA ALA A 31 0.50 3.89 -1.94
C ALA A 31 0.39 2.84 -0.83
N LEU A 32 0.86 1.64 -1.14
CA LEU A 32 0.82 0.55 -0.18
C LEU A 32 2.12 0.55 0.64
N VAL A 33 1.98 0.91 1.91
CA VAL A 33 3.13 0.95 2.79
C VAL A 33 3.78 -0.43 2.85
N ILE A 34 5.11 -0.43 2.83
CA ILE A 34 5.85 -1.68 2.87
C ILE A 34 7.18 -1.44 3.61
N SER A 35 8.02 -2.47 3.59
CA SER A 35 9.31 -2.39 4.25
C SER A 35 10.41 -2.83 3.28
N PRO A 36 11.60 -2.18 3.43
CA PRO A 36 12.74 -2.49 2.59
C PRO A 36 13.36 -3.82 2.99
N SER A 37 12.96 -4.87 2.29
CA SER A 37 13.48 -6.21 2.56
C SER A 37 14.52 -6.59 1.51
N CYS A 38 14.08 -6.61 0.27
CA CYS A 38 14.96 -6.96 -0.83
C CYS A 38 15.67 -5.68 -1.30
N ASN A 39 14.87 -4.69 -1.63
CA ASN A 39 15.41 -3.42 -2.09
C ASN A 39 16.33 -2.84 -1.02
N ASP A 40 17.49 -2.39 -1.47
CA ASP A 40 18.48 -1.81 -0.56
C ASP A 40 18.92 -0.45 -1.10
N ASP A 41 19.30 -0.44 -2.37
CA ASP A 41 19.76 0.78 -3.01
C ASP A 41 18.81 1.93 -2.62
N ILE A 42 17.53 1.67 -2.79
CA ILE A 42 16.52 2.67 -2.46
C ILE A 42 16.46 2.85 -0.94
N THR A 43 17.57 3.30 -0.39
CA THR A 43 17.66 3.52 1.04
C THR A 43 16.51 4.40 1.52
N VAL A 44 16.02 4.09 2.71
CA VAL A 44 14.91 4.84 3.29
C VAL A 44 15.41 5.59 4.52
N LYS A 45 15.08 6.87 4.57
CA LYS A 45 15.48 7.71 5.69
C LYS A 45 14.78 7.22 6.96
N LYS A 46 14.99 7.97 8.03
CA LYS A 46 14.39 7.63 9.31
C LYS A 46 12.96 8.17 9.35
N ASP A 47 12.78 9.36 8.80
CA ASP A 47 11.48 9.98 8.77
C ASP A 47 10.78 9.66 7.44
N GLN A 48 11.19 8.54 6.86
CA GLN A 48 10.62 8.10 5.61
C GLN A 48 10.29 6.60 5.66
N CYS A 49 9.48 6.17 4.71
CA CYS A 49 9.08 4.78 4.63
C CYS A 49 8.85 4.42 3.16
N LEU A 50 9.08 3.15 2.85
CA LEU A 50 8.90 2.67 1.49
C LEU A 50 7.43 2.30 1.28
N VAL A 51 6.87 2.82 0.20
CA VAL A 51 5.48 2.56 -0.12
C VAL A 51 5.39 2.06 -1.57
N ARG A 52 4.31 1.35 -1.85
CA ARG A 52 4.08 0.81 -3.18
C ARG A 52 2.88 1.49 -3.84
N SER A 53 3.18 2.33 -4.81
CA SER A 53 2.15 3.05 -5.53
C SER A 53 1.22 2.07 -6.25
N PHE A 54 -0.02 2.50 -6.44
CA PHE A 54 -1.01 1.66 -7.11
C PHE A 54 -1.31 2.20 -8.51
N ILE A 55 -0.43 3.06 -8.99
CA ILE A 55 -0.59 3.64 -10.31
C ILE A 55 0.30 2.91 -11.31
N ASP A 56 1.61 3.03 -11.11
CA ASP A 56 2.56 2.37 -11.97
C ASP A 56 3.18 1.18 -11.25
N SER A 57 2.88 1.10 -9.96
CA SER A 57 3.40 0.01 -9.14
C SER A 57 4.91 0.16 -8.98
N LYS A 58 5.33 1.37 -8.66
CA LYS A 58 6.74 1.66 -8.48
C LYS A 58 7.03 1.89 -6.99
N PHE A 59 8.31 1.97 -6.67
CA PHE A 59 8.72 2.19 -5.29
C PHE A 59 8.97 3.68 -5.02
N TYR A 60 8.33 4.17 -3.97
CA TYR A 60 8.46 5.57 -3.59
C TYR A 60 8.82 5.70 -2.12
N SER A 61 9.57 6.74 -1.81
CA SER A 61 10.00 7.00 -0.44
C SER A 61 9.42 8.33 0.04
N ILE A 62 8.35 8.23 0.83
CA ILE A 62 7.71 9.42 1.36
C ILE A 62 7.86 9.43 2.88
N ALA A 63 7.33 10.48 3.50
CA ALA A 63 7.39 10.63 4.94
C ALA A 63 6.06 10.21 5.55
N ARG A 64 6.16 9.40 6.60
CA ARG A 64 4.97 8.91 7.28
C ARG A 64 4.09 10.09 7.72
N LYS A 65 4.72 11.26 7.77
CA LYS A 65 4.01 12.46 8.18
C LYS A 65 3.17 12.98 7.02
N ASP A 66 3.48 12.45 5.83
CA ASP A 66 2.75 12.85 4.63
C ASP A 66 1.67 11.81 4.33
N ILE A 67 1.84 10.63 4.90
CA ILE A 67 0.89 9.56 4.70
C ILE A 67 -0.26 9.70 5.71
N LYS A 68 -1.42 9.23 5.30
CA LYS A 68 -2.60 9.31 6.15
C LYS A 68 -3.66 8.33 5.62
N GLU A 69 -4.28 7.63 6.56
CA GLU A 69 -5.31 6.66 6.21
C GLU A 69 -6.17 7.20 5.06
N VAL A 70 -6.59 6.29 4.21
CA VAL A 70 -7.43 6.65 3.07
C VAL A 70 -8.40 5.51 2.77
N ASP A 71 -9.68 5.87 2.69
CA ASP A 71 -10.71 4.90 2.41
C ASP A 71 -10.98 4.85 0.90
N ILE A 72 -10.20 4.03 0.23
CA ILE A 72 -10.34 3.89 -1.22
C ILE A 72 -11.63 3.11 -1.53
N LEU A 73 -11.88 2.09 -0.73
CA LEU A 73 -13.07 1.29 -0.91
C LEU A 73 -14.31 2.13 -0.62
N ASN A 74 -14.07 3.31 -0.08
CA ASN A 74 -15.15 4.22 0.24
C ASN A 74 -15.40 5.17 -0.93
N LEU A 75 -14.55 5.03 -1.94
CA LEU A 75 -14.65 5.87 -3.13
C LEU A 75 -15.72 5.29 -4.06
N PRO A 76 -16.31 6.20 -4.88
CA PRO A 76 -17.35 5.79 -5.82
C PRO A 76 -16.75 5.06 -7.01
N GLU A 77 -17.58 4.23 -7.63
CA GLU A 77 -17.15 3.46 -8.79
C GLU A 77 -16.65 4.39 -9.89
N SER A 78 -17.00 5.66 -9.76
CA SER A 78 -16.60 6.65 -10.73
C SER A 78 -15.09 6.91 -10.62
N GLU A 79 -14.70 7.40 -9.46
CA GLU A 79 -13.29 7.69 -9.20
C GLU A 79 -12.43 6.46 -9.51
N LEU A 80 -12.89 5.33 -9.03
CA LEU A 80 -12.17 4.08 -9.24
C LEU A 80 -12.15 3.76 -10.73
N SER A 81 -13.35 3.72 -11.32
CA SER A 81 -13.48 3.42 -12.73
C SER A 81 -12.52 4.30 -13.54
N THR A 82 -12.15 5.42 -12.94
CA THR A 82 -11.24 6.35 -13.59
C THR A 82 -9.84 6.25 -12.98
N LYS A 83 -9.65 6.98 -11.90
CA LYS A 83 -8.36 6.98 -11.21
C LYS A 83 -7.80 5.56 -11.19
N PRO A 84 -6.62 5.41 -11.85
CA PRO A 84 -5.97 4.11 -11.91
C PRO A 84 -5.32 3.76 -10.57
N GLY A 85 -4.73 4.77 -9.94
CA GLY A 85 -4.07 4.57 -8.66
C GLY A 85 -5.07 4.09 -7.60
N LEU A 86 -6.23 4.73 -7.58
CA LEU A 86 -7.27 4.38 -6.63
C LEU A 86 -7.79 2.98 -6.95
N GLN A 87 -8.24 2.83 -8.19
CA GLN A 87 -8.78 1.56 -8.65
C GLN A 87 -7.97 0.40 -8.04
N LYS A 88 -6.77 0.23 -8.55
CA LYS A 88 -5.90 -0.83 -8.08
C LYS A 88 -5.96 -0.89 -6.55
N ALA A 89 -5.71 0.25 -5.93
CA ALA A 89 -5.74 0.35 -4.48
C ALA A 89 -7.04 -0.27 -3.96
N SER A 90 -8.15 0.27 -4.45
CA SER A 90 -9.46 -0.22 -4.06
C SER A 90 -9.57 -1.72 -4.33
N ILE A 91 -9.20 -2.09 -5.55
CA ILE A 91 -9.24 -3.49 -5.94
C ILE A 91 -8.60 -4.36 -4.86
N PHE A 92 -7.41 -3.95 -4.45
CA PHE A 92 -6.67 -4.67 -3.42
C PHE A 92 -7.39 -4.58 -2.07
N LEU A 93 -8.34 -3.65 -2.01
CA LEU A 93 -9.10 -3.46 -0.79
C LEU A 93 -10.36 -4.32 -0.83
N LYS A 94 -10.60 -4.90 -2.00
CA LYS A 94 -11.76 -5.75 -2.18
C LYS A 94 -11.30 -7.18 -2.46
N THR A 95 -10.31 -7.29 -3.35
CA THR A 95 -9.77 -8.58 -3.72
C THR A 95 -8.74 -9.04 -2.68
N ARG A 96 -8.05 -8.06 -2.11
CA ARG A 96 -7.04 -8.36 -1.11
C ARG A 96 -5.96 -9.28 -1.69
N VAL A 97 -5.63 -9.02 -2.95
CA VAL A 97 -4.62 -9.82 -3.64
C VAL A 97 -3.96 -8.97 -4.73
N VAL A 98 -2.80 -8.42 -4.39
CA VAL A 98 -2.06 -7.60 -5.33
C VAL A 98 -1.69 -8.43 -6.55
N PRO A 99 -1.32 -7.72 -7.65
CA PRO A 99 -0.94 -8.37 -8.88
C PRO A 99 0.45 -8.98 -8.77
N ASP A 100 0.66 -10.07 -9.51
CA ASP A 100 1.94 -10.75 -9.51
C ASP A 100 3.06 -9.74 -9.72
N ASN A 101 2.69 -8.64 -10.36
CA ASN A 101 3.65 -7.58 -10.64
C ASN A 101 4.24 -7.06 -9.33
N TRP A 102 3.54 -7.38 -8.24
CA TRP A 102 3.98 -6.96 -6.93
C TRP A 102 4.62 -8.15 -6.24
N LYS A 103 3.88 -9.25 -6.18
CA LYS A 103 4.37 -10.46 -5.55
C LYS A 103 4.70 -10.17 -4.08
N MET A 104 3.69 -9.69 -3.36
CA MET A 104 3.87 -9.37 -1.95
C MET A 104 4.35 -10.60 -1.16
N ASP A 105 3.50 -11.62 -1.15
CA ASP A 105 3.82 -12.85 -0.45
C ASP A 105 3.80 -12.59 1.05
N ILE A 106 2.94 -11.65 1.45
CA ILE A 106 2.82 -11.30 2.86
C ILE A 106 2.05 -12.39 3.58
N SER A 107 1.38 -13.23 2.81
CA SER A 107 0.60 -14.33 3.37
C SER A 107 1.51 -15.25 4.17
N GLU A 108 2.77 -15.29 3.77
CA GLU A 108 3.75 -16.13 4.44
C GLU A 108 4.56 -15.31 5.45
N ILE A 109 4.45 -13.99 5.32
CA ILE A 109 5.16 -13.09 6.20
C ILE A 109 4.47 -13.06 7.56
N LEU A 110 3.22 -13.52 7.57
CA LEU A 110 2.44 -13.56 8.80
C LEU A 110 3.06 -14.57 9.76
N GLU A 111 3.19 -15.80 9.29
CA GLU A 111 3.76 -16.86 10.09
C GLU A 111 3.28 -16.76 11.54
N SER A 112 2.04 -17.19 11.74
CA SER A 112 1.44 -17.16 13.07
C SER A 112 1.42 -18.56 13.67
N GLY A 113 1.23 -19.54 12.80
CA GLY A 113 1.19 -20.93 13.23
C GLY A 113 0.12 -21.14 14.30
N PRO A 114 0.58 -21.61 15.48
CA PRO A 114 -0.33 -21.86 16.59
C PRO A 114 -0.75 -20.54 17.25
N SER A 115 -1.81 -19.95 16.69
CA SER A 115 -2.32 -18.70 17.21
C SER A 115 -3.41 -18.97 18.25
N SER A 116 -4.44 -19.67 17.81
CA SER A 116 -5.54 -20.00 18.70
C SER A 116 -5.13 -21.14 19.65
N GLY A 117 -5.59 -21.00 20.89
CA GLY A 117 -5.27 -22.00 21.91
C GLY A 117 -6.40 -23.03 22.03
N GLY A 1 12.53 -19.00 -2.23
CA GLY A 1 12.65 -17.76 -2.99
C GLY A 1 12.68 -16.56 -2.05
N SER A 2 11.49 -16.04 -1.77
CA SER A 2 11.36 -14.89 -0.88
C SER A 2 11.57 -15.32 0.57
N SER A 3 12.01 -14.36 1.37
CA SER A 3 12.25 -14.62 2.78
C SER A 3 12.28 -13.31 3.56
N GLY A 4 11.44 -13.25 4.59
CA GLY A 4 11.36 -12.06 5.41
C GLY A 4 11.40 -12.42 6.90
N SER A 5 12.62 -12.48 7.43
CA SER A 5 12.82 -12.82 8.83
C SER A 5 11.96 -11.90 9.70
N SER A 6 11.14 -12.53 10.53
CA SER A 6 10.26 -11.79 11.43
C SER A 6 9.21 -11.02 10.62
N GLY A 7 8.12 -10.68 11.29
CA GLY A 7 7.04 -9.95 10.65
C GLY A 7 6.06 -9.41 11.69
N LEU A 8 5.76 -8.12 11.57
CA LEU A 8 4.84 -7.48 12.48
C LEU A 8 3.71 -6.83 11.68
N ASN A 9 2.50 -7.33 11.90
CA ASN A 9 1.34 -6.82 11.21
C ASN A 9 1.05 -5.40 11.70
N ASP A 10 0.27 -4.67 10.91
CA ASP A 10 -0.08 -3.31 11.24
C ASP A 10 -1.47 -3.00 10.68
N GLU A 11 -2.00 -1.84 11.09
CA GLU A 11 -3.30 -1.42 10.64
C GLU A 11 -3.17 -0.40 9.49
N LEU A 12 -2.19 0.47 9.64
CA LEU A 12 -1.93 1.49 8.63
C LEU A 12 -0.94 0.94 7.60
N LEU A 13 0.05 0.23 8.10
CA LEU A 13 1.07 -0.34 7.24
C LEU A 13 0.51 -1.61 6.58
N GLY A 14 0.98 -1.86 5.36
CA GLY A 14 0.55 -3.03 4.62
C GLY A 14 -0.80 -2.77 3.95
N LYS A 15 -1.32 -1.58 4.17
CA LYS A 15 -2.59 -1.19 3.59
C LYS A 15 -2.39 0.04 2.71
N VAL A 16 -3.45 0.39 1.98
CA VAL A 16 -3.40 1.54 1.10
C VAL A 16 -3.46 2.82 1.94
N VAL A 17 -2.64 3.79 1.55
CA VAL A 17 -2.58 5.05 2.26
C VAL A 17 -2.43 6.19 1.24
N SER A 18 -2.83 7.38 1.67
CA SER A 18 -2.76 8.55 0.82
C SER A 18 -1.53 9.39 1.17
N VAL A 19 -0.74 9.68 0.16
CA VAL A 19 0.46 10.47 0.35
C VAL A 19 0.19 11.92 -0.05
N VAL A 20 0.38 12.81 0.92
CA VAL A 20 0.16 14.23 0.68
C VAL A 20 1.40 14.83 0.02
N SER A 21 1.15 15.58 -1.06
CA SER A 21 2.24 16.21 -1.78
C SER A 21 2.92 17.24 -0.89
N ALA A 22 4.25 17.23 -0.94
CA ALA A 22 5.04 18.17 -0.16
C ALA A 22 4.71 19.60 -0.57
N THR A 23 4.60 19.79 -1.88
CA THR A 23 4.28 21.10 -2.42
C THR A 23 2.81 21.17 -2.85
N GLU A 24 2.01 20.33 -2.20
CA GLU A 24 0.59 20.29 -2.50
C GLU A 24 -0.13 19.37 -1.50
N ARG A 25 -0.93 19.99 -0.66
CA ARG A 25 -1.68 19.25 0.34
C ARG A 25 -2.94 18.65 -0.28
N THR A 26 -3.29 19.16 -1.45
CA THR A 26 -4.47 18.68 -2.16
C THR A 26 -4.14 17.40 -2.94
N GLU A 27 -3.17 17.52 -3.83
CA GLU A 27 -2.76 16.39 -4.65
C GLU A 27 -2.20 15.28 -3.76
N TRP A 28 -2.88 14.14 -3.80
CA TRP A 28 -2.47 12.99 -3.01
C TRP A 28 -2.56 11.75 -3.91
N TYR A 29 -1.75 10.75 -3.56
CA TYR A 29 -1.73 9.52 -4.31
C TYR A 29 -1.70 8.30 -3.38
N PRO A 30 -2.43 7.24 -3.80
CA PRO A 30 -2.50 6.02 -3.01
C PRO A 30 -1.20 5.21 -3.13
N ALA A 31 -0.82 4.60 -2.01
CA ALA A 31 0.39 3.81 -1.98
C ALA A 31 0.30 2.80 -0.84
N LEU A 32 0.87 1.62 -1.08
CA LEU A 32 0.86 0.57 -0.08
C LEU A 32 2.16 0.63 0.73
N VAL A 33 2.01 0.94 2.01
CA VAL A 33 3.16 1.03 2.89
C VAL A 33 3.77 -0.36 3.06
N ILE A 34 5.09 -0.38 3.21
CA ILE A 34 5.81 -1.63 3.38
C ILE A 34 7.16 -1.36 4.03
N SER A 35 7.98 -2.40 4.11
CA SER A 35 9.30 -2.27 4.70
C SER A 35 10.37 -2.78 3.72
N PRO A 36 11.42 -1.95 3.55
CA PRO A 36 12.51 -2.30 2.65
C PRO A 36 13.40 -3.38 3.27
N SER A 37 12.86 -4.58 3.36
CA SER A 37 13.58 -5.70 3.93
C SER A 37 14.38 -6.41 2.82
N CYS A 38 13.66 -6.86 1.80
CA CYS A 38 14.29 -7.55 0.69
C CYS A 38 15.32 -6.61 0.05
N ASN A 39 15.02 -5.32 0.14
CA ASN A 39 15.90 -4.31 -0.41
C ASN A 39 16.91 -3.87 0.65
N ASP A 40 17.98 -3.24 0.18
CA ASP A 40 19.02 -2.77 1.08
C ASP A 40 19.54 -1.42 0.60
N ASP A 41 19.93 -1.39 -0.67
CA ASP A 41 20.45 -0.17 -1.26
C ASP A 41 19.46 0.97 -1.00
N ILE A 42 18.18 0.63 -1.07
CA ILE A 42 17.13 1.61 -0.84
C ILE A 42 17.34 2.26 0.53
N THR A 43 18.12 3.32 0.55
CA THR A 43 18.40 4.03 1.78
C THR A 43 17.21 4.92 2.16
N VAL A 44 16.47 4.47 3.16
CA VAL A 44 15.30 5.21 3.62
C VAL A 44 15.67 5.96 4.89
N LYS A 45 15.17 7.19 4.97
CA LYS A 45 15.43 8.04 6.13
C LYS A 45 14.62 7.53 7.32
N LYS A 46 14.93 8.07 8.49
CA LYS A 46 14.23 7.70 9.70
C LYS A 46 12.89 8.41 9.77
N ASP A 47 12.66 9.25 8.77
CA ASP A 47 11.41 10.01 8.70
C ASP A 47 10.70 9.70 7.38
N GLN A 48 11.06 8.55 6.81
CA GLN A 48 10.47 8.12 5.56
C GLN A 48 10.12 6.64 5.62
N CYS A 49 9.30 6.22 4.66
CA CYS A 49 8.89 4.82 4.59
C CYS A 49 8.69 4.46 3.12
N LEU A 50 8.88 3.18 2.83
CA LEU A 50 8.72 2.68 1.47
C LEU A 50 7.26 2.29 1.24
N VAL A 51 6.70 2.80 0.16
CA VAL A 51 5.32 2.51 -0.19
C VAL A 51 5.25 2.02 -1.64
N ARG A 52 4.12 1.42 -1.97
CA ARG A 52 3.92 0.90 -3.31
C ARG A 52 2.71 1.58 -3.96
N SER A 53 3.00 2.43 -4.93
CA SER A 53 1.94 3.15 -5.64
C SER A 53 1.05 2.16 -6.39
N PHE A 54 -0.19 2.57 -6.60
CA PHE A 54 -1.14 1.74 -7.31
C PHE A 54 -1.45 2.30 -8.69
N ILE A 55 -0.66 3.28 -9.09
CA ILE A 55 -0.82 3.91 -10.39
C ILE A 55 0.11 3.25 -11.40
N ASP A 56 1.40 3.40 -11.15
CA ASP A 56 2.40 2.83 -12.04
C ASP A 56 2.96 1.55 -11.40
N SER A 57 2.55 1.31 -10.16
CA SER A 57 3.00 0.14 -9.43
C SER A 57 4.52 0.21 -9.20
N LYS A 58 4.94 1.33 -8.64
CA LYS A 58 6.35 1.54 -8.36
C LYS A 58 6.56 1.64 -6.84
N PHE A 59 7.83 1.70 -6.45
CA PHE A 59 8.17 1.80 -5.05
C PHE A 59 8.70 3.20 -4.71
N TYR A 60 7.86 3.96 -4.03
CA TYR A 60 8.23 5.31 -3.64
C TYR A 60 8.41 5.42 -2.13
N SER A 61 9.32 6.30 -1.74
CA SER A 61 9.60 6.51 -0.33
C SER A 61 9.23 7.93 0.08
N ILE A 62 8.14 8.05 0.80
CA ILE A 62 7.67 9.34 1.26
C ILE A 62 7.74 9.40 2.79
N ALA A 63 7.36 10.55 3.33
CA ALA A 63 7.38 10.74 4.76
C ALA A 63 6.04 10.28 5.35
N ARG A 64 6.13 9.60 6.48
CA ARG A 64 4.94 9.09 7.15
C ARG A 64 4.00 10.25 7.50
N LYS A 65 4.55 11.46 7.44
CA LYS A 65 3.78 12.65 7.75
C LYS A 65 2.82 12.94 6.59
N ASP A 66 3.26 12.62 5.39
CA ASP A 66 2.46 12.84 4.20
C ASP A 66 1.45 11.69 4.06
N ILE A 67 1.73 10.60 4.76
CA ILE A 67 0.87 9.44 4.71
C ILE A 67 -0.24 9.59 5.77
N LYS A 68 -1.46 9.35 5.32
CA LYS A 68 -2.61 9.45 6.21
C LYS A 68 -3.74 8.55 5.69
N GLU A 69 -4.37 7.86 6.63
CA GLU A 69 -5.45 6.96 6.28
C GLU A 69 -6.29 7.54 5.13
N VAL A 70 -6.70 6.66 4.24
CA VAL A 70 -7.51 7.07 3.10
C VAL A 70 -8.56 5.99 2.80
N ASP A 71 -9.78 6.45 2.59
CA ASP A 71 -10.88 5.54 2.31
C ASP A 71 -11.03 5.39 0.80
N ILE A 72 -10.30 4.42 0.26
CA ILE A 72 -10.33 4.16 -1.17
C ILE A 72 -11.59 3.35 -1.50
N LEU A 73 -11.83 2.32 -0.70
CA LEU A 73 -12.99 1.48 -0.90
C LEU A 73 -14.26 2.28 -0.62
N ASN A 74 -14.07 3.48 -0.09
CA ASN A 74 -15.18 4.35 0.22
C ASN A 74 -15.38 5.35 -0.92
N LEU A 75 -14.58 5.17 -1.96
CA LEU A 75 -14.65 6.04 -3.12
C LEU A 75 -15.73 5.52 -4.08
N PRO A 76 -16.29 6.46 -4.88
CA PRO A 76 -17.33 6.11 -5.84
C PRO A 76 -16.73 5.39 -7.05
N GLU A 77 -17.50 4.44 -7.57
CA GLU A 77 -17.06 3.67 -8.72
C GLU A 77 -16.48 4.60 -9.78
N SER A 78 -16.95 5.84 -9.77
CA SER A 78 -16.49 6.83 -10.72
C SER A 78 -14.99 7.05 -10.57
N GLU A 79 -14.60 7.48 -9.38
CA GLU A 79 -13.20 7.72 -9.09
C GLU A 79 -12.37 6.50 -9.43
N LEU A 80 -12.83 5.35 -8.96
CA LEU A 80 -12.13 4.09 -9.21
C LEU A 80 -12.06 3.85 -10.71
N SER A 81 -13.24 3.81 -11.33
CA SER A 81 -13.32 3.58 -12.76
C SER A 81 -12.32 4.46 -13.50
N THR A 82 -12.25 5.71 -13.07
CA THR A 82 -11.33 6.65 -13.67
C THR A 82 -9.93 6.51 -13.07
N LYS A 83 -9.74 7.15 -11.94
CA LYS A 83 -8.45 7.10 -11.24
C LYS A 83 -7.99 5.64 -11.16
N PRO A 84 -6.79 5.39 -11.75
CA PRO A 84 -6.22 4.06 -11.74
C PRO A 84 -5.67 3.70 -10.36
N GLY A 85 -4.83 4.59 -9.85
CA GLY A 85 -4.23 4.38 -8.54
C GLY A 85 -5.28 3.95 -7.51
N LEU A 86 -6.33 4.75 -7.43
CA LEU A 86 -7.41 4.47 -6.49
C LEU A 86 -7.97 3.07 -6.78
N GLN A 87 -8.24 2.83 -8.05
CA GLN A 87 -8.78 1.53 -8.46
C GLN A 87 -7.88 0.40 -7.95
N LYS A 88 -6.74 0.26 -8.61
CA LYS A 88 -5.80 -0.78 -8.24
C LYS A 88 -5.70 -0.87 -6.72
N ALA A 89 -5.72 0.30 -6.09
CA ALA A 89 -5.64 0.38 -4.64
C ALA A 89 -6.89 -0.29 -4.03
N SER A 90 -8.04 0.12 -4.53
CA SER A 90 -9.30 -0.42 -4.05
C SER A 90 -9.35 -1.93 -4.32
N ILE A 91 -8.98 -2.29 -5.54
CA ILE A 91 -8.98 -3.69 -5.94
C ILE A 91 -8.30 -4.53 -4.85
N PHE A 92 -7.11 -4.10 -4.47
CA PHE A 92 -6.34 -4.79 -3.45
C PHE A 92 -7.07 -4.74 -2.09
N LEU A 93 -8.05 -3.84 -2.03
CA LEU A 93 -8.82 -3.68 -0.80
C LEU A 93 -10.04 -4.60 -0.85
N LYS A 94 -10.27 -5.17 -2.02
CA LYS A 94 -11.39 -6.07 -2.21
C LYS A 94 -10.87 -7.48 -2.50
N THR A 95 -9.93 -7.54 -3.44
CA THR A 95 -9.34 -8.81 -3.83
C THR A 95 -8.25 -9.21 -2.84
N ARG A 96 -7.96 -8.30 -1.93
CA ARG A 96 -6.93 -8.54 -0.92
C ARG A 96 -5.76 -9.33 -1.54
N VAL A 97 -5.50 -9.04 -2.80
CA VAL A 97 -4.42 -9.71 -3.50
C VAL A 97 -3.79 -8.73 -4.51
N VAL A 98 -2.52 -8.45 -4.29
CA VAL A 98 -1.80 -7.55 -5.16
C VAL A 98 -1.32 -8.30 -6.40
N PRO A 99 -0.94 -7.52 -7.44
CA PRO A 99 -0.46 -8.10 -8.69
C PRO A 99 0.96 -8.63 -8.54
N ASP A 100 1.28 -9.61 -9.36
CA ASP A 100 2.60 -10.21 -9.33
C ASP A 100 3.66 -9.10 -9.31
N ASN A 101 3.36 -8.02 -10.01
CA ASN A 101 4.27 -6.89 -10.08
C ASN A 101 4.70 -6.50 -8.66
N TRP A 102 3.86 -6.88 -7.71
CA TRP A 102 4.15 -6.58 -6.31
C TRP A 102 4.73 -7.83 -5.66
N LYS A 103 3.96 -8.90 -5.73
CA LYS A 103 4.39 -10.17 -5.15
C LYS A 103 4.38 -10.06 -3.62
N MET A 104 3.20 -10.19 -3.05
CA MET A 104 3.05 -10.11 -1.61
C MET A 104 2.30 -11.34 -1.07
N ASP A 105 2.08 -11.33 0.24
CA ASP A 105 1.39 -12.42 0.90
C ASP A 105 1.32 -12.15 2.40
N ILE A 106 1.00 -10.91 2.73
CA ILE A 106 0.90 -10.52 4.13
C ILE A 106 -0.57 -10.33 4.50
N SER A 107 -1.38 -10.08 3.47
CA SER A 107 -2.80 -9.88 3.69
C SER A 107 -3.44 -11.18 4.17
N GLU A 108 -2.67 -12.25 4.10
CA GLU A 108 -3.15 -13.55 4.53
C GLU A 108 -2.54 -13.92 5.89
N ILE A 109 -1.53 -13.16 6.27
CA ILE A 109 -0.85 -13.40 7.54
C ILE A 109 -1.68 -12.78 8.66
N LEU A 110 -2.57 -11.88 8.29
CA LEU A 110 -3.42 -11.21 9.25
C LEU A 110 -4.39 -12.22 9.87
N GLU A 111 -5.13 -12.89 9.00
CA GLU A 111 -6.09 -13.89 9.43
C GLU A 111 -5.60 -15.29 9.08
N SER A 112 -5.56 -16.15 10.09
CA SER A 112 -5.11 -17.51 9.90
C SER A 112 -6.30 -18.42 9.58
N GLY A 113 -6.28 -18.99 8.39
CA GLY A 113 -7.35 -19.87 7.96
C GLY A 113 -7.34 -20.04 6.44
N PRO A 114 -7.51 -21.32 6.00
CA PRO A 114 -7.53 -21.63 4.58
C PRO A 114 -8.84 -21.19 3.93
N SER A 115 -9.93 -21.59 4.56
CA SER A 115 -11.25 -21.25 4.07
C SER A 115 -11.26 -19.82 3.53
N SER A 116 -11.85 -19.64 2.36
CA SER A 116 -11.93 -18.34 1.74
C SER A 116 -12.77 -18.41 0.47
N GLY A 117 -13.66 -17.44 0.33
CA GLY A 117 -14.54 -17.38 -0.83
C GLY A 117 -13.78 -16.88 -2.06
N GLY A 1 -18.09 -16.85 0.28
CA GLY A 1 -16.93 -17.30 1.03
C GLY A 1 -15.86 -16.21 1.09
N SER A 2 -15.57 -15.77 2.31
CA SER A 2 -14.57 -14.74 2.51
C SER A 2 -13.47 -15.26 3.43
N SER A 3 -12.25 -15.28 2.90
CA SER A 3 -11.11 -15.75 3.66
C SER A 3 -10.18 -14.58 3.98
N GLY A 4 -9.22 -14.85 4.86
CA GLY A 4 -8.27 -13.83 5.25
C GLY A 4 -8.49 -13.40 6.71
N SER A 5 -8.25 -14.33 7.61
CA SER A 5 -8.42 -14.06 9.03
C SER A 5 -7.07 -14.12 9.75
N SER A 6 -7.05 -13.56 10.95
CA SER A 6 -5.83 -13.54 11.74
C SER A 6 -4.76 -12.72 11.02
N GLY A 7 -3.88 -12.13 11.82
CA GLY A 7 -2.80 -11.31 11.28
C GLY A 7 -2.19 -10.42 12.37
N LEU A 8 -0.87 -10.41 12.38
CA LEU A 8 -0.15 -9.61 13.36
C LEU A 8 1.14 -9.08 12.73
N ASN A 9 0.96 -8.13 11.83
CA ASN A 9 2.10 -7.53 11.14
C ASN A 9 2.00 -6.00 11.25
N ASP A 10 0.81 -5.49 10.96
CA ASP A 10 0.58 -4.07 11.02
C ASP A 10 -0.78 -3.75 10.39
N GLU A 11 -1.42 -2.72 10.93
CA GLU A 11 -2.73 -2.31 10.44
C GLU A 11 -2.57 -1.35 9.27
N LEU A 12 -1.75 -0.32 9.48
CA LEU A 12 -1.51 0.67 8.45
C LEU A 12 -0.59 0.07 7.38
N LEU A 13 0.40 -0.66 7.84
CA LEU A 13 1.36 -1.29 6.94
C LEU A 13 0.66 -2.42 6.18
N GLY A 14 1.06 -2.58 4.92
CA GLY A 14 0.49 -3.61 4.08
C GLY A 14 -0.94 -3.24 3.65
N LYS A 15 -1.26 -1.96 3.81
CA LYS A 15 -2.58 -1.47 3.45
C LYS A 15 -2.42 -0.23 2.56
N VAL A 16 -3.47 0.06 1.82
CA VAL A 16 -3.46 1.22 0.93
C VAL A 16 -3.57 2.50 1.76
N VAL A 17 -2.69 3.44 1.47
CA VAL A 17 -2.69 4.70 2.18
C VAL A 17 -2.55 5.85 1.17
N SER A 18 -2.92 7.03 1.62
CA SER A 18 -2.85 8.21 0.77
C SER A 18 -1.59 9.01 1.07
N VAL A 19 -0.88 9.37 0.02
CA VAL A 19 0.35 10.12 0.16
C VAL A 19 0.09 11.59 -0.21
N VAL A 20 0.43 12.46 0.73
CA VAL A 20 0.24 13.89 0.52
C VAL A 20 1.50 14.48 -0.12
N SER A 21 1.28 15.20 -1.22
CA SER A 21 2.37 15.82 -1.94
C SER A 21 2.94 16.99 -1.12
N ALA A 22 4.24 16.94 -0.90
CA ALA A 22 4.90 17.99 -0.15
C ALA A 22 4.67 19.34 -0.83
N THR A 23 4.89 19.34 -2.14
CA THR A 23 4.73 20.55 -2.93
C THR A 23 3.26 20.72 -3.33
N GLU A 24 2.45 19.76 -2.91
CA GLU A 24 1.03 19.78 -3.21
C GLU A 24 0.23 19.10 -2.10
N ARG A 25 0.00 19.86 -1.03
CA ARG A 25 -0.75 19.33 0.10
C ARG A 25 -2.10 18.80 -0.35
N THR A 26 -2.51 19.24 -1.53
CA THR A 26 -3.78 18.81 -2.09
C THR A 26 -3.63 17.45 -2.77
N GLU A 27 -3.03 17.46 -3.96
CA GLU A 27 -2.83 16.24 -4.70
C GLU A 27 -2.35 15.12 -3.78
N TRP A 28 -2.99 13.97 -3.91
CA TRP A 28 -2.64 12.81 -3.09
C TRP A 28 -2.80 11.56 -3.95
N TYR A 29 -1.94 10.59 -3.68
CA TYR A 29 -1.98 9.34 -4.42
C TYR A 29 -1.90 8.13 -3.47
N PRO A 30 -2.55 7.02 -3.90
CA PRO A 30 -2.56 5.81 -3.11
C PRO A 30 -1.21 5.09 -3.18
N ALA A 31 -0.73 4.67 -2.01
CA ALA A 31 0.54 3.98 -1.93
C ALA A 31 0.47 2.92 -0.82
N LEU A 32 1.01 1.75 -1.13
CA LEU A 32 1.02 0.66 -0.17
C LEU A 32 2.30 0.71 0.65
N VAL A 33 2.14 1.04 1.92
CA VAL A 33 3.28 1.13 2.82
C VAL A 33 4.00 -0.21 2.85
N ILE A 34 5.33 -0.14 2.94
CA ILE A 34 6.15 -1.33 2.98
C ILE A 34 7.49 -1.01 3.65
N SER A 35 8.32 -2.03 3.76
CA SER A 35 9.63 -1.87 4.38
C SER A 35 10.73 -2.26 3.38
N PRO A 36 11.87 -1.55 3.47
CA PRO A 36 12.99 -1.82 2.60
C PRO A 36 13.73 -3.09 3.02
N SER A 37 13.41 -4.17 2.31
CA SER A 37 14.03 -5.45 2.59
C SER A 37 15.09 -5.77 1.53
N CYS A 38 14.65 -5.82 0.29
CA CYS A 38 15.56 -6.11 -0.81
C CYS A 38 16.20 -4.80 -1.26
N ASN A 39 15.39 -3.74 -1.27
CA ASN A 39 15.87 -2.44 -1.68
C ASN A 39 16.82 -1.90 -0.61
N ASP A 40 18.08 -1.77 -0.99
CA ASP A 40 19.10 -1.26 -0.08
C ASP A 40 19.54 0.13 -0.53
N ASP A 41 19.97 0.20 -1.78
CA ASP A 41 20.42 1.47 -2.34
C ASP A 41 19.43 2.57 -1.97
N ILE A 42 18.17 2.33 -2.32
CA ILE A 42 17.12 3.30 -2.04
C ILE A 42 16.87 3.33 -0.53
N THR A 43 17.90 3.69 0.21
CA THR A 43 17.81 3.78 1.65
C THR A 43 16.60 4.63 2.06
N VAL A 44 15.99 4.24 3.17
CA VAL A 44 14.83 4.96 3.68
C VAL A 44 15.21 5.65 4.99
N LYS A 45 14.92 6.95 5.04
CA LYS A 45 15.21 7.72 6.22
C LYS A 45 14.33 7.26 7.38
N LYS A 46 14.70 7.66 8.58
CA LYS A 46 13.95 7.29 9.77
C LYS A 46 12.58 7.96 9.72
N ASP A 47 12.56 9.15 9.15
CA ASP A 47 11.32 9.91 9.05
C ASP A 47 10.69 9.64 7.68
N GLN A 48 11.01 8.49 7.13
CA GLN A 48 10.48 8.09 5.84
C GLN A 48 10.15 6.59 5.82
N CYS A 49 9.34 6.21 4.85
CA CYS A 49 8.95 4.82 4.72
C CYS A 49 8.74 4.52 3.23
N LEU A 50 8.90 3.24 2.89
CA LEU A 50 8.73 2.81 1.51
C LEU A 50 7.25 2.49 1.25
N VAL A 51 6.78 2.95 0.11
CA VAL A 51 5.40 2.72 -0.27
C VAL A 51 5.34 2.23 -1.72
N ARG A 52 4.23 1.59 -2.06
CA ARG A 52 4.04 1.06 -3.40
C ARG A 52 2.81 1.71 -4.04
N SER A 53 3.08 2.62 -4.96
CA SER A 53 2.00 3.32 -5.66
C SER A 53 1.18 2.32 -6.48
N PHE A 54 -0.13 2.44 -6.37
CA PHE A 54 -1.03 1.56 -7.10
C PHE A 54 -1.34 2.13 -8.49
N ILE A 55 -0.47 3.01 -8.95
CA ILE A 55 -0.65 3.64 -10.25
C ILE A 55 0.26 2.94 -11.26
N ASP A 56 1.55 3.07 -11.03
CA ASP A 56 2.54 2.46 -11.91
C ASP A 56 3.09 1.19 -11.26
N SER A 57 2.69 0.98 -10.02
CA SER A 57 3.12 -0.18 -9.27
C SER A 57 4.64 -0.13 -9.05
N LYS A 58 5.11 1.06 -8.70
CA LYS A 58 6.53 1.28 -8.45
C LYS A 58 6.75 1.46 -6.95
N PHE A 59 7.98 1.83 -6.60
CA PHE A 59 8.34 2.04 -5.21
C PHE A 59 8.73 3.49 -4.96
N TYR A 60 8.11 4.08 -3.95
CA TYR A 60 8.39 5.46 -3.60
C TYR A 60 8.74 5.59 -2.12
N SER A 61 9.46 6.66 -1.80
CA SER A 61 9.86 6.91 -0.43
C SER A 61 9.28 8.24 0.05
N ILE A 62 8.21 8.13 0.83
CA ILE A 62 7.54 9.31 1.36
C ILE A 62 7.70 9.34 2.88
N ALA A 63 7.16 10.38 3.48
CA ALA A 63 7.23 10.53 4.92
C ALA A 63 5.90 10.10 5.55
N ARG A 64 6.00 9.38 6.65
CA ARG A 64 4.82 8.91 7.35
C ARG A 64 3.88 10.08 7.67
N LYS A 65 4.46 11.27 7.68
CA LYS A 65 3.69 12.48 7.97
C LYS A 65 2.84 12.83 6.73
N ASP A 66 3.33 12.41 5.58
CA ASP A 66 2.64 12.68 4.33
C ASP A 66 1.57 11.61 4.11
N ILE A 67 1.75 10.49 4.78
CA ILE A 67 0.80 9.39 4.68
C ILE A 67 -0.33 9.59 5.68
N LYS A 68 -1.53 9.21 5.25
CA LYS A 68 -2.70 9.34 6.11
C LYS A 68 -3.80 8.41 5.60
N GLU A 69 -4.48 7.79 6.55
CA GLU A 69 -5.56 6.87 6.22
C GLU A 69 -6.33 7.38 5.01
N VAL A 70 -6.83 6.43 4.22
CA VAL A 70 -7.59 6.78 3.04
C VAL A 70 -8.67 5.72 2.79
N ASP A 71 -9.85 6.19 2.42
CA ASP A 71 -10.96 5.30 2.17
C ASP A 71 -11.13 5.11 0.66
N ILE A 72 -10.40 4.13 0.13
CA ILE A 72 -10.45 3.84 -1.28
C ILE A 72 -11.71 3.01 -1.59
N LEU A 73 -12.00 2.09 -0.69
CA LEU A 73 -13.16 1.24 -0.84
C LEU A 73 -14.43 2.04 -0.55
N ASN A 74 -14.22 3.29 -0.16
CA ASN A 74 -15.33 4.18 0.15
C ASN A 74 -15.42 5.25 -0.93
N LEU A 75 -14.69 5.04 -2.01
CA LEU A 75 -14.68 5.98 -3.11
C LEU A 75 -15.81 5.62 -4.09
N PRO A 76 -16.23 6.65 -4.87
CA PRO A 76 -17.30 6.45 -5.85
C PRO A 76 -16.79 5.69 -7.07
N GLU A 77 -17.69 4.93 -7.66
CA GLU A 77 -17.34 4.15 -8.84
C GLU A 77 -16.75 5.06 -9.92
N SER A 78 -17.05 6.34 -9.80
CA SER A 78 -16.56 7.32 -10.76
C SER A 78 -15.03 7.38 -10.71
N GLU A 79 -14.53 7.76 -9.54
CA GLU A 79 -13.09 7.87 -9.35
C GLU A 79 -12.40 6.57 -9.76
N LEU A 80 -12.80 5.49 -9.10
CA LEU A 80 -12.23 4.18 -9.39
C LEU A 80 -12.20 3.96 -10.90
N SER A 81 -13.36 4.12 -11.52
CA SER A 81 -13.48 3.94 -12.95
C SER A 81 -12.38 4.75 -13.67
N THR A 82 -12.09 5.91 -13.10
CA THR A 82 -11.07 6.78 -13.67
C THR A 82 -9.72 6.53 -12.99
N LYS A 83 -9.52 7.22 -11.87
CA LYS A 83 -8.27 7.08 -11.13
C LYS A 83 -7.81 5.63 -11.18
N PRO A 84 -6.66 5.43 -11.88
CA PRO A 84 -6.09 4.10 -12.02
C PRO A 84 -5.43 3.64 -10.71
N GLY A 85 -4.94 4.62 -9.98
CA GLY A 85 -4.27 4.34 -8.71
C GLY A 85 -5.28 3.84 -7.67
N LEU A 86 -6.37 4.59 -7.53
CA LEU A 86 -7.41 4.24 -6.58
C LEU A 86 -7.90 2.81 -6.86
N GLN A 87 -8.41 2.62 -8.06
CA GLN A 87 -8.91 1.31 -8.46
C GLN A 87 -8.03 0.21 -7.89
N LYS A 88 -6.83 0.08 -8.45
CA LYS A 88 -5.89 -0.92 -8.01
C LYS A 88 -5.90 -0.98 -6.48
N ALA A 89 -5.60 0.15 -5.87
CA ALA A 89 -5.57 0.24 -4.42
C ALA A 89 -6.83 -0.39 -3.85
N SER A 90 -7.97 0.03 -4.40
CA SER A 90 -9.25 -0.49 -3.95
C SER A 90 -9.30 -2.00 -4.15
N ILE A 91 -8.88 -2.43 -5.33
CA ILE A 91 -8.87 -3.84 -5.66
C ILE A 91 -8.20 -4.62 -4.52
N PHE A 92 -7.05 -4.12 -4.10
CA PHE A 92 -6.31 -4.75 -3.03
C PHE A 92 -7.06 -4.66 -1.70
N LEU A 93 -8.09 -3.81 -1.69
CA LEU A 93 -8.90 -3.62 -0.51
C LEU A 93 -10.11 -4.56 -0.57
N LYS A 94 -10.29 -5.18 -1.74
CA LYS A 94 -11.39 -6.09 -1.94
C LYS A 94 -10.85 -7.51 -2.15
N THR A 95 -9.84 -7.60 -3.01
CA THR A 95 -9.23 -8.87 -3.31
C THR A 95 -8.19 -9.24 -2.23
N ARG A 96 -7.70 -8.20 -1.57
CA ARG A 96 -6.70 -8.39 -0.53
C ARG A 96 -5.56 -9.28 -1.04
N VAL A 97 -5.17 -9.03 -2.28
CA VAL A 97 -4.09 -9.79 -2.89
C VAL A 97 -3.57 -9.04 -4.11
N VAL A 98 -2.39 -8.46 -3.95
CA VAL A 98 -1.77 -7.70 -5.03
C VAL A 98 -1.50 -8.65 -6.20
N PRO A 99 -1.25 -8.02 -7.38
CA PRO A 99 -0.98 -8.79 -8.59
C PRO A 99 0.44 -9.37 -8.57
N ASP A 100 0.62 -10.46 -9.30
CA ASP A 100 1.92 -11.11 -9.37
C ASP A 100 2.99 -10.06 -9.62
N ASN A 101 2.66 -9.11 -10.48
CA ASN A 101 3.59 -8.04 -10.81
C ASN A 101 4.17 -7.46 -9.53
N TRP A 102 3.40 -7.58 -8.45
CA TRP A 102 3.84 -7.07 -7.17
C TRP A 102 4.56 -8.20 -6.43
N LYS A 103 3.81 -9.27 -6.20
CA LYS A 103 4.37 -10.43 -5.49
C LYS A 103 4.81 -10.00 -4.10
N MET A 104 3.85 -9.58 -3.31
CA MET A 104 4.13 -9.15 -1.95
C MET A 104 4.84 -10.24 -1.16
N ASP A 105 4.85 -10.07 0.16
CA ASP A 105 5.49 -11.03 1.03
C ASP A 105 4.44 -12.01 1.56
N ILE A 106 3.41 -11.45 2.17
CA ILE A 106 2.33 -12.26 2.73
C ILE A 106 1.43 -12.73 1.59
N SER A 107 1.46 -11.99 0.49
CA SER A 107 0.64 -12.31 -0.66
C SER A 107 0.95 -13.73 -1.13
N GLU A 108 2.24 -14.06 -1.10
CA GLU A 108 2.68 -15.38 -1.54
C GLU A 108 2.46 -16.40 -0.41
N ILE A 109 2.12 -15.88 0.76
CA ILE A 109 1.89 -16.73 1.91
C ILE A 109 0.43 -17.18 1.92
N LEU A 110 -0.39 -16.44 1.18
CA LEU A 110 -1.80 -16.76 1.09
C LEU A 110 -1.98 -18.07 0.32
N GLU A 111 -1.53 -18.07 -0.92
CA GLU A 111 -1.63 -19.24 -1.77
C GLU A 111 -3.10 -19.62 -1.98
N SER A 112 -3.33 -20.41 -3.02
CA SER A 112 -4.68 -20.85 -3.33
C SER A 112 -5.56 -19.65 -3.64
N GLY A 113 -6.13 -19.66 -4.85
CA GLY A 113 -7.00 -18.58 -5.28
C GLY A 113 -8.41 -18.76 -4.72
N PRO A 114 -9.40 -18.15 -5.43
CA PRO A 114 -10.78 -18.22 -5.01
C PRO A 114 -11.37 -19.61 -5.32
N SER A 115 -12.64 -19.75 -4.98
CA SER A 115 -13.33 -21.01 -5.21
C SER A 115 -12.74 -22.10 -4.31
N SER A 116 -13.41 -22.33 -3.19
CA SER A 116 -12.97 -23.34 -2.25
C SER A 116 -14.11 -23.73 -1.31
N GLY A 117 -14.23 -22.97 -0.23
CA GLY A 117 -15.28 -23.21 0.75
C GLY A 117 -16.55 -22.45 0.39
N GLY A 1 -18.74 -9.43 -2.53
CA GLY A 1 -17.66 -10.34 -2.21
C GLY A 1 -17.09 -10.06 -0.81
N SER A 2 -15.91 -9.48 -0.80
CA SER A 2 -15.25 -9.15 0.46
C SER A 2 -14.92 -10.44 1.23
N SER A 3 -13.63 -10.60 1.51
CA SER A 3 -13.18 -11.77 2.23
C SER A 3 -11.76 -11.54 2.76
N GLY A 4 -11.52 -12.00 3.97
CA GLY A 4 -10.22 -11.86 4.60
C GLY A 4 -9.21 -12.84 3.99
N SER A 5 -8.01 -12.82 4.56
CA SER A 5 -6.95 -13.70 4.09
C SER A 5 -5.78 -13.69 5.08
N SER A 6 -5.62 -14.80 5.78
CA SER A 6 -4.55 -14.93 6.75
C SER A 6 -4.66 -13.83 7.80
N GLY A 7 -3.88 -13.98 8.86
CA GLY A 7 -3.89 -13.00 9.93
C GLY A 7 -2.46 -12.62 10.32
N LEU A 8 -2.37 -11.77 11.35
CA LEU A 8 -1.08 -11.31 11.82
C LEU A 8 -0.48 -10.35 10.80
N ASN A 9 -1.06 -9.16 10.74
CA ASN A 9 -0.59 -8.14 9.81
C ASN A 9 -0.82 -6.76 10.44
N ASP A 10 -0.07 -5.79 9.92
CA ASP A 10 -0.17 -4.43 10.41
C ASP A 10 -1.42 -3.78 9.83
N GLU A 11 -1.89 -2.74 10.51
CA GLU A 11 -3.07 -2.02 10.07
C GLU A 11 -2.74 -1.15 8.86
N LEU A 12 -1.88 -0.18 9.09
CA LEU A 12 -1.47 0.73 8.03
C LEU A 12 -0.61 -0.03 7.01
N LEU A 13 0.36 -0.77 7.54
CA LEU A 13 1.25 -1.55 6.70
C LEU A 13 0.44 -2.59 5.92
N GLY A 14 0.88 -2.83 4.70
CA GLY A 14 0.21 -3.80 3.85
C GLY A 14 -1.20 -3.33 3.49
N LYS A 15 -1.42 -2.03 3.68
CA LYS A 15 -2.72 -1.44 3.37
C LYS A 15 -2.51 -0.20 2.52
N VAL A 16 -3.56 0.15 1.76
CA VAL A 16 -3.50 1.31 0.91
C VAL A 16 -3.59 2.58 1.76
N VAL A 17 -2.75 3.54 1.42
CA VAL A 17 -2.72 4.80 2.15
C VAL A 17 -2.59 5.96 1.15
N SER A 18 -2.97 7.14 1.62
CA SER A 18 -2.91 8.32 0.78
C SER A 18 -1.68 9.17 1.16
N VAL A 19 -0.89 9.49 0.15
CA VAL A 19 0.30 10.29 0.36
C VAL A 19 0.01 11.74 0.00
N VAL A 20 0.38 12.64 0.91
CA VAL A 20 0.17 14.05 0.70
C VAL A 20 1.41 14.66 0.05
N SER A 21 1.17 15.40 -1.02
CA SER A 21 2.26 16.04 -1.74
C SER A 21 2.76 17.26 -0.96
N ALA A 22 4.05 17.22 -0.64
CA ALA A 22 4.66 18.31 0.11
C ALA A 22 4.62 19.59 -0.74
N THR A 23 4.50 19.39 -2.05
CA THR A 23 4.44 20.51 -2.97
C THR A 23 2.99 20.96 -3.18
N GLU A 24 2.09 20.00 -3.04
CA GLU A 24 0.67 20.28 -3.21
C GLU A 24 -0.16 19.42 -2.26
N ARG A 25 -0.17 19.83 -1.01
CA ARG A 25 -0.93 19.11 0.00
C ARG A 25 -2.23 18.56 -0.58
N THR A 26 -2.77 19.31 -1.53
CA THR A 26 -4.00 18.91 -2.18
C THR A 26 -3.84 17.56 -2.89
N GLU A 27 -2.98 17.57 -3.90
CA GLU A 27 -2.70 16.37 -4.66
C GLU A 27 -2.24 15.25 -3.73
N TRP A 28 -2.89 14.10 -3.86
CA TRP A 28 -2.56 12.94 -3.05
C TRP A 28 -2.64 11.70 -3.93
N TYR A 29 -1.75 10.76 -3.66
CA TYR A 29 -1.72 9.53 -4.43
C TYR A 29 -1.65 8.32 -3.50
N PRO A 30 -2.32 7.21 -3.94
CA PRO A 30 -2.35 5.99 -3.15
C PRO A 30 -1.01 5.25 -3.24
N ALA A 31 -0.69 4.55 -2.16
CA ALA A 31 0.55 3.80 -2.10
C ALA A 31 0.46 2.76 -0.98
N LEU A 32 0.99 1.58 -1.27
CA LEU A 32 0.97 0.50 -0.30
C LEU A 32 2.29 0.50 0.49
N VAL A 33 2.17 0.76 1.78
CA VAL A 33 3.34 0.78 2.64
C VAL A 33 4.00 -0.59 2.66
N ILE A 34 5.30 -0.58 2.88
CA ILE A 34 6.07 -1.82 2.92
C ILE A 34 7.39 -1.58 3.65
N SER A 35 8.20 -2.63 3.70
CA SER A 35 9.49 -2.55 4.37
C SER A 35 10.60 -2.85 3.37
N PRO A 36 11.69 -2.02 3.45
CA PRO A 36 12.83 -2.20 2.56
C PRO A 36 13.67 -3.40 2.98
N SER A 37 13.37 -4.54 2.37
CA SER A 37 14.08 -5.77 2.67
C SER A 37 15.20 -5.98 1.63
N CYS A 38 14.78 -6.03 0.38
CA CYS A 38 15.72 -6.24 -0.72
C CYS A 38 16.40 -4.91 -1.01
N ASN A 39 15.59 -3.91 -1.29
CA ASN A 39 16.11 -2.58 -1.60
C ASN A 39 17.15 -2.19 -0.54
N ASP A 40 18.21 -1.56 -1.01
CA ASP A 40 19.28 -1.13 -0.12
C ASP A 40 19.72 0.29 -0.51
N ASP A 41 20.21 0.40 -1.74
CA ASP A 41 20.67 1.69 -2.24
C ASP A 41 19.64 2.76 -1.89
N ILE A 42 18.40 2.50 -2.28
CA ILE A 42 17.32 3.44 -2.01
C ILE A 42 17.01 3.44 -0.51
N THR A 43 18.01 3.85 0.26
CA THR A 43 17.86 3.91 1.70
C THR A 43 16.60 4.69 2.08
N VAL A 44 15.85 4.13 3.00
CA VAL A 44 14.62 4.77 3.45
C VAL A 44 14.89 5.51 4.77
N LYS A 45 14.71 6.82 4.72
CA LYS A 45 14.92 7.65 5.90
C LYS A 45 14.15 7.06 7.09
N LYS A 46 14.62 7.40 8.28
CA LYS A 46 13.98 6.92 9.49
C LYS A 46 12.54 7.44 9.55
N ASP A 47 12.39 8.69 9.14
CA ASP A 47 11.07 9.31 9.15
C ASP A 47 10.40 9.10 7.78
N GLN A 48 10.85 8.06 7.09
CA GLN A 48 10.31 7.74 5.78
C GLN A 48 9.99 6.24 5.70
N CYS A 49 9.05 5.92 4.83
CA CYS A 49 8.64 4.54 4.63
C CYS A 49 8.50 4.28 3.14
N LEU A 50 8.80 3.06 2.74
CA LEU A 50 8.72 2.67 1.35
C LEU A 50 7.29 2.24 1.03
N VAL A 51 6.65 3.03 0.17
CA VAL A 51 5.27 2.75 -0.22
C VAL A 51 5.25 2.32 -1.69
N ARG A 52 4.23 1.55 -2.03
CA ARG A 52 4.08 1.08 -3.39
C ARG A 52 2.86 1.72 -4.05
N SER A 53 3.13 2.56 -5.04
CA SER A 53 2.07 3.25 -5.75
C SER A 53 1.18 2.23 -6.47
N PHE A 54 -0.07 2.63 -6.66
CA PHE A 54 -1.03 1.76 -7.33
C PHE A 54 -1.36 2.29 -8.73
N ILE A 55 -0.51 3.19 -9.21
CA ILE A 55 -0.69 3.78 -10.52
C ILE A 55 0.22 3.07 -11.52
N ASP A 56 1.52 3.22 -11.30
CA ASP A 56 2.51 2.60 -12.18
C ASP A 56 3.13 1.41 -11.46
N SER A 57 2.87 1.32 -10.17
CA SER A 57 3.40 0.24 -9.37
C SER A 57 4.91 0.42 -9.17
N LYS A 58 5.28 1.60 -8.70
CA LYS A 58 6.68 1.91 -8.48
C LYS A 58 6.91 2.09 -6.98
N PHE A 59 8.18 2.05 -6.60
CA PHE A 59 8.56 2.21 -5.20
C PHE A 59 8.92 3.66 -4.90
N TYR A 60 8.15 4.26 -3.99
CA TYR A 60 8.38 5.64 -3.60
C TYR A 60 8.74 5.74 -2.13
N SER A 61 9.50 6.78 -1.80
CA SER A 61 9.92 7.00 -0.43
C SER A 61 9.36 8.33 0.08
N ILE A 62 8.27 8.24 0.84
CA ILE A 62 7.64 9.43 1.38
C ILE A 62 7.79 9.41 2.92
N ALA A 63 7.26 10.46 3.53
CA ALA A 63 7.32 10.58 4.98
C ALA A 63 5.96 10.22 5.57
N ARG A 64 6.01 9.44 6.64
CA ARG A 64 4.80 9.01 7.31
C ARG A 64 3.95 10.21 7.71
N LYS A 65 4.61 11.37 7.74
CA LYS A 65 3.91 12.60 8.10
C LYS A 65 3.12 13.11 6.90
N ASP A 66 3.38 12.49 5.76
CA ASP A 66 2.70 12.86 4.53
C ASP A 66 1.58 11.86 4.24
N ILE A 67 1.73 10.67 4.81
CA ILE A 67 0.75 9.62 4.62
C ILE A 67 -0.36 9.77 5.67
N LYS A 68 -1.55 9.34 5.29
CA LYS A 68 -2.70 9.42 6.18
C LYS A 68 -3.78 8.45 5.70
N GLU A 69 -4.37 7.76 6.66
CA GLU A 69 -5.42 6.80 6.35
C GLU A 69 -6.32 7.34 5.22
N VAL A 70 -6.78 6.42 4.39
CA VAL A 70 -7.64 6.79 3.28
C VAL A 70 -8.65 5.66 3.02
N ASP A 71 -9.86 6.06 2.65
CA ASP A 71 -10.90 5.10 2.38
C ASP A 71 -11.10 4.98 0.86
N ILE A 72 -10.27 4.16 0.25
CA ILE A 72 -10.34 3.95 -1.18
C ILE A 72 -11.58 3.12 -1.52
N LEU A 73 -11.85 2.15 -0.66
CA LEU A 73 -13.00 1.28 -0.85
C LEU A 73 -14.28 2.08 -0.60
N ASN A 74 -14.09 3.30 -0.14
CA ASN A 74 -15.22 4.17 0.14
C ASN A 74 -15.41 5.15 -1.03
N LEU A 75 -14.51 5.05 -1.98
CA LEU A 75 -14.56 5.92 -3.16
C LEU A 75 -15.67 5.43 -4.08
N PRO A 76 -16.20 6.38 -4.90
CA PRO A 76 -17.26 6.07 -5.83
C PRO A 76 -16.71 5.30 -7.04
N GLU A 77 -17.55 4.43 -7.59
CA GLU A 77 -17.16 3.63 -8.74
C GLU A 77 -16.52 4.52 -9.81
N SER A 78 -16.93 5.78 -9.81
CA SER A 78 -16.40 6.73 -10.78
C SER A 78 -14.89 6.89 -10.56
N GLU A 79 -14.54 7.43 -9.41
CA GLU A 79 -13.14 7.65 -9.08
C GLU A 79 -12.32 6.40 -9.41
N LEU A 80 -12.78 5.27 -8.88
CA LEU A 80 -12.10 4.01 -9.12
C LEU A 80 -11.92 3.80 -10.62
N SER A 81 -13.05 3.70 -11.31
CA SER A 81 -13.03 3.50 -12.75
C SER A 81 -12.00 4.42 -13.39
N THR A 82 -12.18 5.71 -13.17
CA THR A 82 -11.28 6.71 -13.73
C THR A 82 -9.89 6.58 -13.09
N LYS A 83 -9.76 7.20 -11.92
CA LYS A 83 -8.51 7.16 -11.19
C LYS A 83 -8.01 5.72 -11.09
N PRO A 84 -6.84 5.46 -11.74
CA PRO A 84 -6.26 4.13 -11.73
C PRO A 84 -5.63 3.81 -10.37
N GLY A 85 -4.76 4.71 -9.94
CA GLY A 85 -4.08 4.55 -8.67
C GLY A 85 -5.05 4.12 -7.57
N LEU A 86 -6.27 4.63 -7.68
CA LEU A 86 -7.31 4.32 -6.71
C LEU A 86 -7.87 2.92 -7.01
N GLN A 87 -8.29 2.75 -8.25
CA GLN A 87 -8.84 1.47 -8.68
C GLN A 87 -8.08 0.32 -8.03
N LYS A 88 -6.88 0.08 -8.53
CA LYS A 88 -6.04 -0.99 -8.01
C LYS A 88 -6.08 -0.96 -6.48
N ALA A 89 -5.74 0.19 -5.93
CA ALA A 89 -5.73 0.37 -4.49
C ALA A 89 -7.01 -0.21 -3.91
N SER A 90 -8.12 0.19 -4.50
CA SER A 90 -9.42 -0.28 -4.04
C SER A 90 -9.52 -1.80 -4.20
N ILE A 91 -9.16 -2.25 -5.40
CA ILE A 91 -9.20 -3.68 -5.70
C ILE A 91 -8.47 -4.45 -4.60
N PHE A 92 -7.33 -3.90 -4.19
CA PHE A 92 -6.54 -4.52 -3.15
C PHE A 92 -7.22 -4.40 -1.79
N LEU A 93 -8.23 -3.55 -1.75
CA LEU A 93 -8.98 -3.33 -0.51
C LEU A 93 -10.19 -4.26 -0.49
N LYS A 94 -10.44 -4.88 -1.63
CA LYS A 94 -11.56 -5.79 -1.75
C LYS A 94 -11.05 -7.21 -2.02
N THR A 95 -10.21 -7.32 -3.04
CA THR A 95 -9.65 -8.61 -3.41
C THR A 95 -8.49 -8.95 -2.47
N ARG A 96 -8.07 -7.96 -1.70
CA ARG A 96 -6.98 -8.16 -0.76
C ARG A 96 -5.92 -9.08 -1.36
N VAL A 97 -5.46 -8.71 -2.54
CA VAL A 97 -4.44 -9.49 -3.23
C VAL A 97 -3.90 -8.68 -4.42
N VAL A 98 -2.67 -8.22 -4.27
CA VAL A 98 -2.03 -7.44 -5.31
C VAL A 98 -1.90 -8.29 -6.57
N PRO A 99 -1.65 -7.59 -7.71
CA PRO A 99 -1.50 -8.27 -8.98
C PRO A 99 -0.15 -8.97 -9.08
N ASP A 100 -0.11 -10.03 -9.88
CA ASP A 100 1.11 -10.79 -10.06
C ASP A 100 2.25 -9.83 -10.42
N ASN A 101 1.88 -8.72 -11.02
CA ASN A 101 2.86 -7.72 -11.42
C ASN A 101 3.60 -7.22 -10.18
N TRP A 102 2.99 -7.46 -9.03
CA TRP A 102 3.58 -7.04 -7.77
C TRP A 102 4.33 -8.24 -7.17
N LYS A 103 3.57 -9.30 -6.92
CA LYS A 103 4.16 -10.51 -6.35
C LYS A 103 4.67 -10.22 -4.95
N MET A 104 3.80 -9.63 -4.14
CA MET A 104 4.16 -9.30 -2.76
C MET A 104 4.32 -10.56 -1.92
N ASP A 105 5.03 -10.39 -0.80
CA ASP A 105 5.27 -11.51 0.10
C ASP A 105 5.92 -10.98 1.38
N ILE A 106 5.31 -9.93 1.92
CA ILE A 106 5.82 -9.33 3.14
C ILE A 106 4.96 -9.78 4.32
N SER A 107 3.72 -10.13 4.01
CA SER A 107 2.79 -10.58 5.03
C SER A 107 3.31 -11.87 5.68
N GLU A 108 4.26 -12.48 5.01
CA GLU A 108 4.84 -13.72 5.50
C GLU A 108 6.18 -13.43 6.19
N ILE A 109 6.74 -12.28 5.87
CA ILE A 109 8.01 -11.87 6.45
C ILE A 109 7.81 -11.52 7.93
N LEU A 110 6.60 -11.06 8.23
CA LEU A 110 6.27 -10.68 9.60
C LEU A 110 6.46 -11.90 10.51
N GLU A 111 5.65 -12.91 10.28
CA GLU A 111 5.72 -14.13 11.07
C GLU A 111 5.94 -13.78 12.55
N SER A 112 4.88 -13.29 13.17
CA SER A 112 4.95 -12.91 14.58
C SER A 112 3.79 -13.56 15.34
N GLY A 113 3.91 -13.54 16.67
CA GLY A 113 2.89 -14.12 17.52
C GLY A 113 1.75 -13.12 17.76
N PRO A 114 0.55 -13.69 18.02
CA PRO A 114 -0.63 -12.87 18.28
C PRO A 114 -0.58 -12.24 19.66
N SER A 115 -1.61 -11.48 19.97
CA SER A 115 -1.70 -10.81 21.27
C SER A 115 -3.15 -10.75 21.72
N SER A 116 -3.34 -10.96 23.02
CA SER A 116 -4.68 -10.92 23.60
C SER A 116 -5.14 -9.47 23.76
N GLY A 117 -6.35 -9.22 23.30
CA GLY A 117 -6.92 -7.89 23.39
C GLY A 117 -7.21 -7.32 21.99
N GLY A 1 -21.22 -16.23 10.76
CA GLY A 1 -20.27 -17.31 10.56
C GLY A 1 -18.83 -16.84 10.73
N SER A 2 -17.95 -17.79 10.96
CA SER A 2 -16.54 -17.48 11.14
C SER A 2 -15.86 -17.30 9.79
N SER A 3 -15.98 -16.09 9.25
CA SER A 3 -15.38 -15.78 7.96
C SER A 3 -14.93 -14.32 7.92
N GLY A 4 -13.68 -14.12 8.32
CA GLY A 4 -13.12 -12.78 8.34
C GLY A 4 -11.59 -12.82 8.30
N SER A 5 -11.01 -11.70 7.92
CA SER A 5 -9.56 -11.60 7.83
C SER A 5 -9.04 -10.59 8.86
N SER A 6 -9.54 -9.37 8.75
CA SER A 6 -9.13 -8.32 9.67
C SER A 6 -7.61 -8.13 9.61
N GLY A 7 -7.16 -7.08 10.27
CA GLY A 7 -5.74 -6.78 10.32
C GLY A 7 -5.17 -6.94 11.72
N LEU A 8 -4.36 -7.97 11.88
CA LEU A 8 -3.75 -8.25 13.17
C LEU A 8 -2.28 -7.81 13.14
N ASN A 9 -1.70 -7.86 11.95
CA ASN A 9 -0.32 -7.47 11.78
C ASN A 9 -0.26 -6.11 11.08
N ASP A 10 -0.07 -5.07 11.87
CA ASP A 10 0.01 -3.72 11.33
C ASP A 10 -1.31 -3.37 10.65
N GLU A 11 -1.90 -2.28 11.09
CA GLU A 11 -3.16 -1.83 10.53
C GLU A 11 -2.92 -1.03 9.24
N LEU A 12 -2.04 -0.06 9.35
CA LEU A 12 -1.71 0.79 8.21
C LEU A 12 -0.80 0.01 7.26
N LEU A 13 0.27 -0.53 7.83
CA LEU A 13 1.22 -1.30 7.04
C LEU A 13 0.47 -2.34 6.21
N GLY A 14 0.96 -2.55 4.99
CA GLY A 14 0.34 -3.50 4.09
C GLY A 14 -1.08 -3.08 3.72
N LYS A 15 -1.33 -1.78 3.84
CA LYS A 15 -2.63 -1.23 3.52
C LYS A 15 -2.47 -0.05 2.57
N VAL A 16 -3.57 0.33 1.94
CA VAL A 16 -3.56 1.44 1.00
C VAL A 16 -3.74 2.74 1.78
N VAL A 17 -2.76 3.63 1.61
CA VAL A 17 -2.80 4.92 2.28
C VAL A 17 -2.68 6.03 1.24
N SER A 18 -2.94 7.25 1.69
CA SER A 18 -2.87 8.40 0.81
C SER A 18 -1.59 9.18 1.08
N VAL A 19 -0.88 9.49 0.01
CA VAL A 19 0.37 10.23 0.10
C VAL A 19 0.13 11.69 -0.27
N VAL A 20 0.30 12.57 0.71
CA VAL A 20 0.10 13.99 0.50
C VAL A 20 1.35 14.59 -0.12
N SER A 21 1.14 15.34 -1.19
CA SER A 21 2.24 15.97 -1.89
C SER A 21 2.74 17.18 -1.10
N ALA A 22 4.05 17.27 -0.98
CA ALA A 22 4.67 18.37 -0.25
C ALA A 22 4.62 19.64 -1.10
N THR A 23 4.35 19.44 -2.38
CA THR A 23 4.27 20.55 -3.31
C THR A 23 2.81 20.93 -3.56
N GLU A 24 1.94 19.94 -3.40
CA GLU A 24 0.52 20.16 -3.60
C GLU A 24 -0.29 19.31 -2.63
N ARG A 25 -0.42 19.81 -1.41
CA ARG A 25 -1.15 19.11 -0.38
C ARG A 25 -2.39 18.43 -0.98
N THR A 26 -3.07 19.17 -1.83
CA THR A 26 -4.27 18.65 -2.48
C THR A 26 -3.97 17.32 -3.17
N GLU A 27 -3.10 17.38 -4.16
CA GLU A 27 -2.71 16.20 -4.91
C GLU A 27 -2.26 15.09 -3.95
N TRP A 28 -2.91 13.95 -4.06
CA TRP A 28 -2.58 12.81 -3.22
C TRP A 28 -2.72 11.54 -4.05
N TYR A 29 -1.85 10.58 -3.77
CA TYR A 29 -1.87 9.32 -4.48
C TYR A 29 -1.80 8.14 -3.52
N PRO A 30 -2.46 7.02 -3.91
CA PRO A 30 -2.47 5.83 -3.08
C PRO A 30 -1.13 5.10 -3.16
N ALA A 31 -0.68 4.63 -2.01
CA ALA A 31 0.58 3.91 -1.93
C ALA A 31 0.50 2.86 -0.83
N LEU A 32 1.00 1.67 -1.15
CA LEU A 32 0.99 0.57 -0.19
C LEU A 32 2.30 0.59 0.60
N VAL A 33 2.17 0.89 1.89
CA VAL A 33 3.33 0.93 2.76
C VAL A 33 4.03 -0.43 2.76
N ILE A 34 5.33 -0.40 2.96
CA ILE A 34 6.13 -1.61 2.99
C ILE A 34 7.44 -1.36 3.72
N SER A 35 8.26 -2.39 3.80
CA SER A 35 9.53 -2.29 4.47
C SER A 35 10.66 -2.69 3.52
N PRO A 36 11.76 -1.89 3.57
CA PRO A 36 12.92 -2.15 2.72
C PRO A 36 13.71 -3.36 3.23
N SER A 37 13.09 -4.53 3.13
CA SER A 37 13.72 -5.75 3.57
C SER A 37 14.46 -6.41 2.40
N CYS A 38 13.70 -6.72 1.36
CA CYS A 38 14.27 -7.35 0.18
C CYS A 38 15.29 -6.39 -0.43
N ASN A 39 14.84 -5.16 -0.64
CA ASN A 39 15.70 -4.15 -1.22
C ASN A 39 16.74 -3.71 -0.19
N ASP A 40 17.91 -3.33 -0.69
CA ASP A 40 18.99 -2.91 0.17
C ASP A 40 19.39 -1.47 -0.20
N ASP A 41 19.70 -1.29 -1.48
CA ASP A 41 20.10 0.01 -1.97
C ASP A 41 19.04 1.05 -1.60
N ILE A 42 17.78 0.60 -1.58
CA ILE A 42 16.69 1.48 -1.24
C ILE A 42 16.92 2.06 0.16
N THR A 43 17.60 3.20 0.18
CA THR A 43 17.90 3.86 1.44
C THR A 43 16.71 4.72 1.89
N VAL A 44 16.04 4.25 2.93
CA VAL A 44 14.89 4.96 3.46
C VAL A 44 15.31 5.75 4.69
N LYS A 45 14.99 7.04 4.66
CA LYS A 45 15.32 7.93 5.76
C LYS A 45 14.71 7.38 7.05
N LYS A 46 14.76 8.21 8.09
CA LYS A 46 14.21 7.83 9.38
C LYS A 46 12.73 8.22 9.44
N ASP A 47 12.44 9.40 8.93
CA ASP A 47 11.08 9.91 8.92
C ASP A 47 10.43 9.56 7.57
N GLN A 48 10.94 8.51 6.95
CA GLN A 48 10.42 8.08 5.67
C GLN A 48 10.05 6.60 5.72
N CYS A 49 9.28 6.18 4.73
CA CYS A 49 8.85 4.79 4.65
C CYS A 49 8.68 4.43 3.18
N LEU A 50 8.92 3.15 2.88
CA LEU A 50 8.79 2.67 1.52
C LEU A 50 7.35 2.25 1.26
N VAL A 51 6.79 2.78 0.17
CA VAL A 51 5.42 2.47 -0.20
C VAL A 51 5.39 1.96 -1.64
N ARG A 52 4.20 1.53 -2.05
CA ARG A 52 4.02 1.02 -3.39
C ARG A 52 2.78 1.65 -4.04
N SER A 53 3.04 2.61 -4.93
CA SER A 53 1.95 3.29 -5.61
C SER A 53 1.15 2.29 -6.46
N PHE A 54 -0.17 2.43 -6.39
CA PHE A 54 -1.05 1.55 -7.14
C PHE A 54 -1.33 2.11 -8.54
N ILE A 55 -0.43 2.98 -8.98
CA ILE A 55 -0.58 3.59 -10.29
C ILE A 55 0.34 2.88 -11.29
N ASP A 56 1.63 2.97 -11.02
CA ASP A 56 2.61 2.34 -11.89
C ASP A 56 3.12 1.06 -11.23
N SER A 57 2.93 1.00 -9.92
CA SER A 57 3.36 -0.16 -9.16
C SER A 57 4.87 -0.09 -8.90
N LYS A 58 5.34 1.11 -8.61
CA LYS A 58 6.75 1.33 -8.35
C LYS A 58 6.95 1.56 -6.85
N PHE A 59 8.21 1.77 -6.49
CA PHE A 59 8.56 1.99 -5.08
C PHE A 59 8.89 3.46 -4.84
N TYR A 60 8.37 3.97 -3.74
CA TYR A 60 8.61 5.36 -3.38
C TYR A 60 8.84 5.51 -1.87
N SER A 61 9.63 6.51 -1.51
CA SER A 61 9.93 6.76 -0.12
C SER A 61 9.40 8.14 0.30
N ILE A 62 8.30 8.11 1.05
CA ILE A 62 7.69 9.35 1.51
C ILE A 62 7.80 9.42 3.04
N ALA A 63 7.29 10.52 3.58
CA ALA A 63 7.32 10.72 5.02
C ALA A 63 5.97 10.35 5.61
N ARG A 64 6.02 9.63 6.72
CA ARG A 64 4.80 9.20 7.40
C ARG A 64 3.93 10.41 7.73
N LYS A 65 4.56 11.59 7.72
CA LYS A 65 3.85 12.82 8.02
C LYS A 65 3.05 13.25 6.78
N ASP A 66 3.38 12.64 5.65
CA ASP A 66 2.71 12.97 4.41
C ASP A 66 1.64 11.91 4.13
N ILE A 67 1.72 10.82 4.88
CA ILE A 67 0.77 9.73 4.71
C ILE A 67 -0.35 9.87 5.75
N LYS A 68 -1.55 9.49 5.33
CA LYS A 68 -2.70 9.58 6.21
C LYS A 68 -3.77 8.59 5.73
N GLU A 69 -4.47 8.00 6.69
CA GLU A 69 -5.51 7.05 6.38
C GLU A 69 -6.32 7.52 5.17
N VAL A 70 -6.79 6.54 4.41
CA VAL A 70 -7.57 6.84 3.21
C VAL A 70 -8.61 5.73 3.00
N ASP A 71 -9.75 6.13 2.46
CA ASP A 71 -10.83 5.19 2.19
C ASP A 71 -11.01 5.03 0.69
N ILE A 72 -10.23 4.11 0.12
CA ILE A 72 -10.30 3.85 -1.31
C ILE A 72 -11.53 2.99 -1.60
N LEU A 73 -11.76 2.02 -0.74
CA LEU A 73 -12.89 1.13 -0.90
C LEU A 73 -14.18 1.87 -0.59
N ASN A 74 -14.01 3.10 -0.11
CA ASN A 74 -15.15 3.94 0.23
C ASN A 74 -15.36 4.99 -0.86
N LEU A 75 -14.50 4.91 -1.87
CA LEU A 75 -14.58 5.85 -2.98
C LEU A 75 -15.67 5.38 -3.96
N PRO A 76 -16.23 6.37 -4.71
CA PRO A 76 -17.28 6.09 -5.66
C PRO A 76 -16.71 5.41 -6.91
N GLU A 77 -17.50 4.50 -7.48
CA GLU A 77 -17.08 3.79 -8.66
C GLU A 77 -16.64 4.76 -9.75
N SER A 78 -17.09 6.00 -9.60
CA SER A 78 -16.75 7.04 -10.56
C SER A 78 -15.24 7.32 -10.51
N GLU A 79 -14.74 7.50 -9.30
CA GLU A 79 -13.33 7.77 -9.11
C GLU A 79 -12.49 6.54 -9.49
N LEU A 80 -12.93 5.38 -9.02
CA LEU A 80 -12.24 4.14 -9.30
C LEU A 80 -12.30 3.87 -10.81
N SER A 81 -13.53 3.85 -11.32
CA SER A 81 -13.73 3.60 -12.74
C SER A 81 -12.79 4.47 -13.58
N THR A 82 -12.36 5.57 -12.97
CA THR A 82 -11.45 6.48 -13.63
C THR A 82 -10.04 6.36 -13.06
N LYS A 83 -9.80 7.09 -11.98
CA LYS A 83 -8.51 7.07 -11.33
C LYS A 83 -7.97 5.64 -11.33
N PRO A 84 -6.76 5.49 -11.93
CA PRO A 84 -6.12 4.19 -12.01
C PRO A 84 -5.54 3.78 -10.65
N GLY A 85 -4.73 4.68 -10.10
CA GLY A 85 -4.10 4.44 -8.81
C GLY A 85 -5.14 3.94 -7.78
N LEU A 86 -6.19 4.72 -7.64
CA LEU A 86 -7.25 4.38 -6.70
C LEU A 86 -7.79 2.98 -7.03
N GLN A 87 -8.24 2.84 -8.27
CA GLN A 87 -8.78 1.57 -8.72
C GLN A 87 -8.01 0.40 -8.09
N LYS A 88 -6.80 0.21 -8.60
CA LYS A 88 -5.94 -0.86 -8.10
C LYS A 88 -6.01 -0.88 -6.57
N ALA A 89 -5.56 0.22 -5.98
CA ALA A 89 -5.56 0.35 -4.53
C ALA A 89 -6.84 -0.26 -3.96
N SER A 90 -7.96 0.14 -4.54
CA SER A 90 -9.25 -0.36 -4.11
C SER A 90 -9.32 -1.87 -4.32
N ILE A 91 -8.95 -2.28 -5.53
CA ILE A 91 -8.97 -3.70 -5.87
C ILE A 91 -8.28 -4.50 -4.77
N PHE A 92 -7.13 -4.00 -4.34
CA PHE A 92 -6.38 -4.66 -3.30
C PHE A 92 -7.09 -4.55 -1.95
N LEU A 93 -8.07 -3.66 -1.90
CA LEU A 93 -8.84 -3.44 -0.69
C LEU A 93 -10.07 -4.35 -0.70
N LYS A 94 -10.30 -4.97 -1.86
CA LYS A 94 -11.43 -5.87 -2.01
C LYS A 94 -10.92 -7.29 -2.26
N THR A 95 -9.90 -7.38 -3.11
CA THR A 95 -9.31 -8.66 -3.44
C THR A 95 -8.28 -9.06 -2.39
N ARG A 96 -7.55 -8.07 -1.91
CA ARG A 96 -6.53 -8.29 -0.90
C ARG A 96 -5.43 -9.20 -1.47
N VAL A 97 -5.11 -8.96 -2.74
CA VAL A 97 -4.09 -9.74 -3.41
C VAL A 97 -3.51 -8.92 -4.57
N VAL A 98 -2.35 -8.35 -4.33
CA VAL A 98 -1.68 -7.54 -5.35
C VAL A 98 -1.37 -8.43 -6.56
N PRO A 99 -1.09 -7.73 -7.70
CA PRO A 99 -0.78 -8.44 -8.94
C PRO A 99 0.64 -9.02 -8.89
N ASP A 100 0.81 -10.12 -9.60
CA ASP A 100 2.10 -10.79 -9.65
C ASP A 100 3.19 -9.75 -9.94
N ASN A 101 2.79 -8.70 -10.63
CA ASN A 101 3.72 -7.64 -10.98
C ASN A 101 4.37 -7.10 -9.71
N TRP A 102 3.65 -7.24 -8.61
CA TRP A 102 4.15 -6.78 -7.32
C TRP A 102 4.96 -7.91 -6.69
N LYS A 103 4.28 -9.02 -6.45
CA LYS A 103 4.91 -10.18 -5.85
C LYS A 103 5.33 -9.84 -4.42
N MET A 104 4.32 -9.66 -3.57
CA MET A 104 4.57 -9.34 -2.17
C MET A 104 5.45 -10.40 -1.52
N ASP A 105 5.72 -10.19 -0.23
CA ASP A 105 6.55 -11.11 0.52
C ASP A 105 5.84 -11.48 1.82
N ILE A 106 5.41 -10.46 2.54
CA ILE A 106 4.71 -10.67 3.80
C ILE A 106 3.22 -10.92 3.51
N SER A 107 2.72 -10.23 2.51
CA SER A 107 1.32 -10.38 2.13
C SER A 107 0.99 -11.85 1.91
N GLU A 108 2.03 -12.63 1.64
CA GLU A 108 1.87 -14.05 1.40
C GLU A 108 2.10 -14.84 2.70
N ILE A 109 2.87 -14.23 3.59
CA ILE A 109 3.17 -14.86 4.86
C ILE A 109 1.90 -14.93 5.71
N LEU A 110 0.91 -14.13 5.32
CA LEU A 110 -0.36 -14.09 6.02
C LEU A 110 -1.05 -15.45 5.88
N GLU A 111 -1.26 -15.84 4.63
CA GLU A 111 -1.91 -17.10 4.33
C GLU A 111 -3.29 -17.16 5.00
N SER A 112 -4.06 -18.16 4.61
CA SER A 112 -5.39 -18.33 5.15
C SER A 112 -5.81 -19.80 5.06
N GLY A 113 -6.92 -20.11 5.71
CA GLY A 113 -7.44 -21.46 5.71
C GLY A 113 -7.34 -22.09 4.32
N PRO A 114 -6.37 -23.04 4.17
CA PRO A 114 -6.16 -23.71 2.91
C PRO A 114 -7.26 -24.75 2.65
N SER A 115 -7.23 -25.31 1.45
CA SER A 115 -8.21 -26.31 1.06
C SER A 115 -7.88 -27.64 1.72
N SER A 116 -8.84 -28.55 1.66
CA SER A 116 -8.66 -29.88 2.25
C SER A 116 -7.53 -30.61 1.53
N GLY A 117 -7.67 -30.74 0.22
CA GLY A 117 -6.67 -31.42 -0.58
C GLY A 117 -5.70 -30.42 -1.21
N GLY A 1 12.07 -22.79 21.29
CA GLY A 1 11.08 -22.14 22.12
C GLY A 1 11.07 -20.63 21.87
N SER A 2 9.88 -20.11 21.66
CA SER A 2 9.72 -18.68 21.39
C SER A 2 8.26 -18.27 21.64
N SER A 3 8.10 -17.02 22.06
CA SER A 3 6.77 -16.49 22.33
C SER A 3 6.87 -15.02 22.75
N GLY A 4 5.91 -14.24 22.29
CA GLY A 4 5.87 -12.82 22.61
C GLY A 4 4.48 -12.41 23.11
N SER A 5 4.20 -11.13 22.94
CA SER A 5 2.92 -10.59 23.37
C SER A 5 2.28 -9.78 22.24
N SER A 6 1.37 -10.42 21.53
CA SER A 6 0.68 -9.77 20.43
C SER A 6 0.28 -8.35 20.83
N GLY A 7 0.48 -7.43 19.90
CA GLY A 7 0.13 -6.03 20.13
C GLY A 7 0.05 -5.25 18.82
N LEU A 8 -1.11 -5.36 18.19
CA LEU A 8 -1.33 -4.68 16.93
C LEU A 8 -0.44 -5.30 15.84
N ASN A 9 -1.07 -5.67 14.74
CA ASN A 9 -0.35 -6.27 13.63
C ASN A 9 0.13 -5.16 12.68
N ASP A 10 -0.85 -4.50 12.06
CA ASP A 10 -0.54 -3.43 11.13
C ASP A 10 -1.85 -2.88 10.55
N GLU A 11 -2.12 -1.63 10.87
CA GLU A 11 -3.33 -0.98 10.38
C GLU A 11 -3.07 -0.32 9.03
N LEU A 12 -1.95 0.38 8.96
CA LEU A 12 -1.58 1.07 7.73
C LEU A 12 -0.84 0.09 6.81
N LEU A 13 0.17 -0.56 7.39
CA LEU A 13 0.96 -1.51 6.64
C LEU A 13 0.03 -2.45 5.88
N GLY A 14 0.55 -2.97 4.77
CA GLY A 14 -0.23 -3.89 3.95
C GLY A 14 -1.61 -3.32 3.64
N LYS A 15 -1.71 -2.00 3.75
CA LYS A 15 -2.96 -1.32 3.49
C LYS A 15 -2.70 -0.09 2.64
N VAL A 16 -3.70 0.25 1.82
CA VAL A 16 -3.58 1.40 0.95
C VAL A 16 -3.69 2.68 1.77
N VAL A 17 -2.80 3.62 1.48
CA VAL A 17 -2.78 4.89 2.19
C VAL A 17 -2.67 6.03 1.19
N SER A 18 -3.01 7.23 1.64
CA SER A 18 -2.95 8.41 0.80
C SER A 18 -1.71 9.22 1.13
N VAL A 19 -0.88 9.44 0.11
CA VAL A 19 0.34 10.20 0.28
C VAL A 19 0.07 11.67 -0.09
N VAL A 20 0.43 12.55 0.84
CA VAL A 20 0.23 13.97 0.64
C VAL A 20 1.50 14.57 0.02
N SER A 21 1.31 15.24 -1.11
CA SER A 21 2.42 15.86 -1.80
C SER A 21 2.88 17.11 -1.05
N ALA A 22 4.17 17.16 -0.78
CA ALA A 22 4.74 18.30 -0.07
C ALA A 22 4.44 19.58 -0.84
N THR A 23 4.83 19.57 -2.11
CA THR A 23 4.60 20.73 -2.97
C THR A 23 3.13 20.80 -3.40
N GLU A 24 2.37 19.80 -2.96
CA GLU A 24 0.96 19.74 -3.29
C GLU A 24 0.16 19.15 -2.13
N ARG A 25 0.04 19.95 -1.08
CA ARG A 25 -0.70 19.52 0.10
C ARG A 25 -2.06 18.95 -0.29
N THR A 26 -2.53 19.39 -1.45
CA THR A 26 -3.82 18.94 -1.96
C THR A 26 -3.67 17.59 -2.65
N GLU A 27 -3.01 17.61 -3.80
CA GLU A 27 -2.80 16.41 -4.58
C GLU A 27 -2.27 15.29 -3.67
N TRP A 28 -2.89 14.11 -3.81
CA TRP A 28 -2.50 12.97 -3.02
C TRP A 28 -2.63 11.72 -3.90
N TYR A 29 -1.74 10.77 -3.66
CA TYR A 29 -1.75 9.53 -4.43
C TYR A 29 -1.73 8.32 -3.49
N PRO A 30 -2.40 7.23 -3.95
CA PRO A 30 -2.47 6.01 -3.18
C PRO A 30 -1.14 5.25 -3.23
N ALA A 31 -0.80 4.62 -2.12
CA ALA A 31 0.44 3.87 -2.03
C ALA A 31 0.33 2.86 -0.89
N LEU A 32 0.82 1.65 -1.16
CA LEU A 32 0.78 0.59 -0.16
C LEU A 32 2.08 0.62 0.65
N VAL A 33 1.91 0.68 1.96
CA VAL A 33 3.05 0.71 2.86
C VAL A 33 3.73 -0.67 2.86
N ILE A 34 5.05 -0.65 2.90
CA ILE A 34 5.82 -1.88 2.91
C ILE A 34 7.21 -1.60 3.50
N SER A 35 8.02 -2.65 3.54
CA SER A 35 9.37 -2.53 4.07
C SER A 35 10.38 -2.97 3.01
N PRO A 36 11.56 -2.27 3.03
CA PRO A 36 12.62 -2.57 2.08
C PRO A 36 13.34 -3.86 2.46
N SER A 37 12.78 -4.98 2.01
CA SER A 37 13.35 -6.28 2.29
C SER A 37 14.13 -6.78 1.07
N CYS A 38 13.44 -6.83 -0.05
CA CYS A 38 14.05 -7.29 -1.29
C CYS A 38 15.21 -6.34 -1.64
N ASN A 39 14.93 -5.05 -1.49
CA ASN A 39 15.93 -4.04 -1.78
C ASN A 39 17.00 -4.06 -0.69
N ASP A 40 18.03 -3.25 -0.91
CA ASP A 40 19.13 -3.17 0.05
C ASP A 40 19.73 -1.76 -0.01
N ASP A 41 20.25 -1.43 -1.19
CA ASP A 41 20.86 -0.13 -1.39
C ASP A 41 19.86 0.98 -1.03
N ILE A 42 18.62 0.75 -1.42
CA ILE A 42 17.57 1.70 -1.14
C ILE A 42 17.41 1.86 0.38
N THR A 43 18.26 2.70 0.93
CA THR A 43 18.23 2.95 2.37
C THR A 43 17.13 3.96 2.72
N VAL A 44 16.21 3.50 3.55
CA VAL A 44 15.11 4.34 3.96
C VAL A 44 15.40 4.92 5.35
N LYS A 45 14.93 6.14 5.56
CA LYS A 45 15.13 6.82 6.83
C LYS A 45 14.21 6.20 7.88
N LYS A 46 14.16 6.85 9.03
CA LYS A 46 13.32 6.37 10.13
C LYS A 46 12.00 7.14 10.12
N ASP A 47 12.03 8.30 9.47
CA ASP A 47 10.83 9.13 9.39
C ASP A 47 10.09 8.81 8.09
N GLN A 48 10.82 8.21 7.16
CA GLN A 48 10.24 7.84 5.88
C GLN A 48 9.98 6.35 5.83
N CYS A 49 9.16 5.95 4.87
CA CYS A 49 8.82 4.55 4.70
C CYS A 49 8.64 4.26 3.20
N LEU A 50 8.91 3.03 2.83
CA LEU A 50 8.80 2.62 1.44
C LEU A 50 7.35 2.21 1.16
N VAL A 51 6.75 2.90 0.19
CA VAL A 51 5.38 2.61 -0.19
C VAL A 51 5.34 2.12 -1.63
N ARG A 52 4.25 1.46 -1.97
CA ARG A 52 4.08 0.94 -3.32
C ARG A 52 2.90 1.62 -4.01
N SER A 53 3.23 2.41 -5.02
CA SER A 53 2.21 3.13 -5.77
C SER A 53 1.27 2.14 -6.46
N PHE A 54 0.05 2.60 -6.69
CA PHE A 54 -0.95 1.76 -7.34
C PHE A 54 -1.28 2.28 -8.74
N ILE A 55 -0.49 3.25 -9.18
CA ILE A 55 -0.69 3.84 -10.49
C ILE A 55 0.22 3.14 -11.51
N ASP A 56 1.51 3.28 -11.30
CA ASP A 56 2.48 2.66 -12.19
C ASP A 56 3.12 1.45 -11.48
N SER A 57 2.88 1.38 -10.18
CA SER A 57 3.41 0.29 -9.39
C SER A 57 4.93 0.46 -9.21
N LYS A 58 5.30 1.66 -8.78
CA LYS A 58 6.70 1.98 -8.57
C LYS A 58 6.98 2.06 -7.07
N PHE A 59 8.26 2.19 -6.74
CA PHE A 59 8.66 2.29 -5.34
C PHE A 59 9.03 3.73 -4.98
N TYR A 60 8.16 4.34 -4.19
CA TYR A 60 8.38 5.71 -3.76
C TYR A 60 8.71 5.77 -2.27
N SER A 61 9.45 6.81 -1.90
CA SER A 61 9.85 6.99 -0.52
C SER A 61 9.31 8.32 0.00
N ILE A 62 8.20 8.23 0.73
CA ILE A 62 7.57 9.41 1.30
C ILE A 62 7.72 9.39 2.82
N ALA A 63 7.22 10.43 3.45
CA ALA A 63 7.28 10.54 4.89
C ALA A 63 5.93 10.14 5.50
N ARG A 64 6.01 9.32 6.55
CA ARG A 64 4.81 8.86 7.22
C ARG A 64 3.94 10.05 7.64
N LYS A 65 4.58 11.21 7.70
CA LYS A 65 3.89 12.43 8.09
C LYS A 65 3.02 12.91 6.92
N ASP A 66 3.37 12.43 5.74
CA ASP A 66 2.65 12.80 4.54
C ASP A 66 1.54 11.78 4.27
N ILE A 67 1.68 10.63 4.91
CA ILE A 67 0.71 9.55 4.75
C ILE A 67 -0.42 9.75 5.77
N LYS A 68 -1.61 9.36 5.35
CA LYS A 68 -2.78 9.48 6.21
C LYS A 68 -3.87 8.53 5.72
N GLU A 69 -4.55 7.91 6.67
CA GLU A 69 -5.62 6.98 6.35
C GLU A 69 -6.42 7.48 5.15
N VAL A 70 -6.87 6.54 4.34
CA VAL A 70 -7.65 6.87 3.16
C VAL A 70 -8.73 5.81 2.94
N ASP A 71 -9.85 6.26 2.40
CA ASP A 71 -10.96 5.36 2.13
C ASP A 71 -11.14 5.19 0.62
N ILE A 72 -10.39 4.26 0.06
CA ILE A 72 -10.45 4.00 -1.36
C ILE A 72 -11.72 3.21 -1.67
N LEU A 73 -12.01 2.25 -0.81
CA LEU A 73 -13.19 1.42 -0.98
C LEU A 73 -14.44 2.24 -0.67
N ASN A 74 -14.21 3.45 -0.20
CA ASN A 74 -15.30 4.35 0.13
C ASN A 74 -15.45 5.41 -0.96
N LEU A 75 -14.70 5.20 -2.04
CA LEU A 75 -14.73 6.13 -3.16
C LEU A 75 -15.81 5.70 -4.15
N PRO A 76 -16.30 6.69 -4.94
CA PRO A 76 -17.34 6.42 -5.92
C PRO A 76 -16.77 5.68 -7.13
N GLU A 77 -17.50 4.67 -7.57
CA GLU A 77 -17.07 3.88 -8.71
C GLU A 77 -16.46 4.78 -9.78
N SER A 78 -16.94 6.02 -9.81
CA SER A 78 -16.45 6.98 -10.78
C SER A 78 -14.93 7.13 -10.65
N GLU A 79 -14.51 7.53 -9.45
CA GLU A 79 -13.09 7.71 -9.19
C GLU A 79 -12.32 6.42 -9.50
N LEU A 80 -12.84 5.31 -8.99
CA LEU A 80 -12.21 4.03 -9.21
C LEU A 80 -12.14 3.75 -10.71
N SER A 81 -13.29 3.84 -11.36
CA SER A 81 -13.36 3.60 -12.78
C SER A 81 -12.32 4.46 -13.51
N THR A 82 -12.28 5.72 -13.12
CA THR A 82 -11.34 6.66 -13.73
C THR A 82 -9.96 6.50 -13.10
N LYS A 83 -9.76 7.20 -11.98
CA LYS A 83 -8.49 7.15 -11.28
C LYS A 83 -8.01 5.70 -11.20
N PRO A 84 -6.82 5.45 -11.82
CA PRO A 84 -6.24 4.12 -11.82
C PRO A 84 -5.64 3.78 -10.46
N GLY A 85 -4.74 4.63 -10.02
CA GLY A 85 -4.09 4.42 -8.74
C GLY A 85 -5.10 4.01 -7.67
N LEU A 86 -6.23 4.70 -7.68
CA LEU A 86 -7.28 4.41 -6.71
C LEU A 86 -7.84 3.00 -6.97
N GLN A 87 -8.30 2.81 -8.20
CA GLN A 87 -8.85 1.53 -8.59
C GLN A 87 -8.06 0.39 -7.95
N LYS A 88 -6.87 0.17 -8.49
CA LYS A 88 -5.99 -0.88 -7.99
C LYS A 88 -6.05 -0.89 -6.46
N ALA A 89 -5.67 0.24 -5.88
CA ALA A 89 -5.67 0.37 -4.44
C ALA A 89 -6.93 -0.28 -3.87
N SER A 90 -8.06 0.09 -4.45
CA SER A 90 -9.34 -0.46 -4.01
C SER A 90 -9.36 -1.97 -4.20
N ILE A 91 -8.95 -2.39 -5.38
CA ILE A 91 -8.92 -3.81 -5.70
C ILE A 91 -8.26 -4.57 -4.55
N PHE A 92 -7.09 -4.08 -4.16
CA PHE A 92 -6.35 -4.70 -3.07
C PHE A 92 -7.10 -4.56 -1.74
N LEU A 93 -8.09 -3.68 -1.74
CA LEU A 93 -8.89 -3.45 -0.55
C LEU A 93 -10.10 -4.38 -0.56
N LYS A 94 -10.31 -5.02 -1.71
CA LYS A 94 -11.41 -5.94 -1.86
C LYS A 94 -10.87 -7.36 -2.07
N THR A 95 -9.82 -7.45 -2.88
CA THR A 95 -9.21 -8.73 -3.17
C THR A 95 -8.20 -9.09 -2.08
N ARG A 96 -7.52 -8.06 -1.58
CA ARG A 96 -6.52 -8.26 -0.54
C ARG A 96 -5.40 -9.16 -1.05
N VAL A 97 -5.07 -8.98 -2.33
CA VAL A 97 -4.01 -9.77 -2.94
C VAL A 97 -3.40 -8.97 -4.10
N VAL A 98 -2.20 -8.47 -3.86
CA VAL A 98 -1.50 -7.69 -4.87
C VAL A 98 -1.22 -8.57 -6.09
N PRO A 99 -0.91 -7.90 -7.22
CA PRO A 99 -0.63 -8.60 -8.46
C PRO A 99 0.76 -9.26 -8.41
N ASP A 100 0.89 -10.32 -9.20
CA ASP A 100 2.16 -11.04 -9.25
C ASP A 100 3.31 -10.05 -9.37
N ASN A 101 3.13 -9.07 -10.25
CA ASN A 101 4.14 -8.05 -10.46
C ASN A 101 4.69 -7.60 -9.10
N TRP A 102 3.84 -7.70 -8.09
CA TRP A 102 4.22 -7.31 -6.74
C TRP A 102 4.77 -8.55 -6.03
N LYS A 103 3.91 -9.55 -5.91
CA LYS A 103 4.29 -10.79 -5.25
C LYS A 103 4.74 -10.49 -3.82
N MET A 104 3.76 -10.13 -3.00
CA MET A 104 4.03 -9.81 -1.60
C MET A 104 4.06 -11.08 -0.74
N ASP A 105 4.62 -10.93 0.44
CA ASP A 105 4.72 -12.06 1.36
C ASP A 105 5.48 -11.61 2.62
N ILE A 106 5.01 -10.52 3.21
CA ILE A 106 5.63 -9.99 4.40
C ILE A 106 4.68 -10.18 5.59
N SER A 107 3.39 -10.29 5.27
CA SER A 107 2.38 -10.48 6.29
C SER A 107 2.66 -11.77 7.07
N GLU A 108 3.07 -12.79 6.33
CA GLU A 108 3.36 -14.08 6.93
C GLU A 108 4.73 -14.05 7.60
N ILE A 109 5.49 -13.00 7.29
CA ILE A 109 6.82 -12.85 7.85
C ILE A 109 6.70 -12.28 9.26
N LEU A 110 5.51 -11.79 9.57
CA LEU A 110 5.26 -11.21 10.89
C LEU A 110 4.30 -12.13 11.65
N GLU A 111 3.09 -12.23 11.15
CA GLU A 111 2.07 -13.06 11.77
C GLU A 111 1.59 -12.42 13.08
N SER A 112 2.49 -12.36 14.03
CA SER A 112 2.17 -11.77 15.33
C SER A 112 3.43 -11.65 16.18
N GLY A 113 4.26 -10.67 15.83
CA GLY A 113 5.50 -10.45 16.56
C GLY A 113 6.40 -9.46 15.80
N PRO A 114 7.32 -8.82 16.58
CA PRO A 114 8.25 -7.86 16.00
C PRO A 114 9.34 -8.56 15.19
N SER A 115 10.13 -7.76 14.50
CA SER A 115 11.21 -8.28 13.69
C SER A 115 12.52 -7.55 14.02
N SER A 116 13.23 -8.09 15.00
CA SER A 116 14.48 -7.50 15.43
C SER A 116 14.24 -6.10 15.98
N GLY A 117 14.04 -6.04 17.29
CA GLY A 117 13.80 -4.77 17.95
C GLY A 117 14.66 -4.64 19.21
N GLY A 1 3.14 -23.52 -2.05
CA GLY A 1 3.59 -23.83 -0.70
C GLY A 1 2.49 -23.55 0.31
N SER A 2 2.81 -23.82 1.57
CA SER A 2 1.87 -23.60 2.65
C SER A 2 2.60 -23.24 3.94
N SER A 3 3.01 -21.99 4.01
CA SER A 3 3.73 -21.50 5.19
C SER A 3 3.15 -20.16 5.64
N GLY A 4 2.64 -20.15 6.85
CA GLY A 4 2.05 -18.94 7.42
C GLY A 4 2.73 -18.56 8.73
N SER A 5 1.95 -18.53 9.79
CA SER A 5 2.47 -18.18 11.11
C SER A 5 3.01 -16.75 11.08
N SER A 6 2.21 -15.84 11.62
CA SER A 6 2.59 -14.45 11.67
C SER A 6 3.05 -14.08 13.09
N GLY A 7 3.61 -12.89 13.21
CA GLY A 7 4.09 -12.41 14.49
C GLY A 7 3.39 -11.11 14.89
N LEU A 8 3.87 -10.02 14.30
CA LEU A 8 3.30 -8.71 14.58
C LEU A 8 3.04 -7.98 13.27
N ASN A 9 1.76 -7.92 12.90
CA ASN A 9 1.37 -7.25 11.67
C ASN A 9 1.06 -5.78 11.96
N ASP A 10 0.98 -5.00 10.90
CA ASP A 10 0.70 -3.59 11.02
C ASP A 10 -0.73 -3.31 10.54
N GLU A 11 -1.24 -2.15 10.93
CA GLU A 11 -2.58 -1.76 10.55
C GLU A 11 -2.53 -0.73 9.42
N LEU A 12 -1.67 0.27 9.60
CA LEU A 12 -1.52 1.32 8.61
C LEU A 12 -0.54 0.85 7.53
N LEU A 13 0.53 0.24 7.99
CA LEU A 13 1.56 -0.25 7.07
C LEU A 13 1.08 -1.56 6.44
N GLY A 14 1.54 -1.79 5.21
CA GLY A 14 1.16 -2.99 4.49
C GLY A 14 -0.24 -2.85 3.90
N LYS A 15 -0.84 -1.70 4.14
CA LYS A 15 -2.19 -1.43 3.63
C LYS A 15 -2.15 -0.20 2.72
N VAL A 16 -3.26 0.00 2.03
CA VAL A 16 -3.37 1.13 1.12
C VAL A 16 -3.55 2.42 1.94
N VAL A 17 -2.88 3.46 1.48
CA VAL A 17 -2.95 4.76 2.16
C VAL A 17 -2.81 5.87 1.12
N SER A 18 -3.24 7.06 1.52
CA SER A 18 -3.17 8.22 0.65
C SER A 18 -1.95 9.07 1.00
N VAL A 19 -1.10 9.27 0.00
CA VAL A 19 0.11 10.06 0.19
C VAL A 19 -0.18 11.52 -0.19
N VAL A 20 0.21 12.41 0.70
CA VAL A 20 0.02 13.84 0.47
C VAL A 20 1.30 14.43 -0.13
N SER A 21 1.11 15.13 -1.25
CA SER A 21 2.23 15.76 -1.93
C SER A 21 2.62 17.05 -1.21
N ALA A 22 3.90 17.17 -0.93
CA ALA A 22 4.42 18.34 -0.23
C ALA A 22 4.05 19.59 -1.05
N THR A 23 4.54 19.61 -2.28
CA THR A 23 4.27 20.74 -3.17
C THR A 23 2.81 20.73 -3.61
N GLU A 24 2.16 19.61 -3.38
CA GLU A 24 0.76 19.45 -3.75
C GLU A 24 -0.04 18.85 -2.59
N ARG A 25 -0.03 19.56 -1.47
CA ARG A 25 -0.74 19.12 -0.29
C ARG A 25 -2.12 18.56 -0.67
N THR A 26 -2.64 19.08 -1.79
CA THR A 26 -3.94 18.64 -2.26
C THR A 26 -3.82 17.26 -2.92
N GLU A 27 -3.26 17.26 -4.12
CA GLU A 27 -3.09 16.02 -4.86
C GLU A 27 -2.50 14.94 -3.96
N TRP A 28 -3.12 13.78 -3.99
CA TRP A 28 -2.68 12.66 -3.19
C TRP A 28 -2.85 11.38 -4.00
N TYR A 29 -1.91 10.46 -3.83
CA TYR A 29 -1.95 9.21 -4.54
C TYR A 29 -1.83 8.02 -3.58
N PRO A 30 -2.47 6.89 -3.99
CA PRO A 30 -2.45 5.68 -3.17
C PRO A 30 -1.09 5.00 -3.24
N ALA A 31 -0.76 4.29 -2.17
CA ALA A 31 0.51 3.59 -2.09
C ALA A 31 0.46 2.59 -0.93
N LEU A 32 0.98 1.40 -1.21
CA LEU A 32 1.01 0.34 -0.20
C LEU A 32 2.31 0.43 0.60
N VAL A 33 2.21 0.99 1.78
CA VAL A 33 3.37 1.13 2.65
C VAL A 33 4.03 -0.23 2.84
N ILE A 34 5.35 -0.20 2.94
CA ILE A 34 6.11 -1.43 3.11
C ILE A 34 7.43 -1.10 3.82
N SER A 35 8.29 -2.11 3.90
CA SER A 35 9.59 -1.94 4.54
C SER A 35 10.70 -2.39 3.59
N PRO A 36 11.83 -1.63 3.63
CA PRO A 36 12.97 -1.94 2.78
C PRO A 36 13.73 -3.17 3.30
N SER A 37 13.25 -4.33 2.87
CA SER A 37 13.88 -5.58 3.27
C SER A 37 14.75 -6.12 2.15
N CYS A 38 14.12 -6.38 1.01
CA CYS A 38 14.81 -6.89 -0.15
C CYS A 38 15.86 -5.87 -0.58
N ASN A 39 15.37 -4.67 -0.89
CA ASN A 39 16.24 -3.60 -1.32
C ASN A 39 17.20 -3.24 -0.19
N ASP A 40 18.17 -2.39 -0.51
CA ASP A 40 19.14 -1.97 0.48
C ASP A 40 19.59 -0.53 0.17
N ASP A 41 20.13 -0.36 -1.03
CA ASP A 41 20.58 0.95 -1.46
C ASP A 41 19.50 2.00 -1.14
N ILE A 42 18.29 1.68 -1.55
CA ILE A 42 17.17 2.59 -1.32
C ILE A 42 17.28 3.18 0.09
N THR A 43 17.81 4.39 0.15
CA THR A 43 17.98 5.07 1.42
C THR A 43 16.66 5.70 1.87
N VAL A 44 16.15 5.21 2.99
CA VAL A 44 14.90 5.71 3.53
C VAL A 44 15.19 6.48 4.82
N LYS A 45 14.91 7.78 4.76
CA LYS A 45 15.13 8.64 5.92
C LYS A 45 14.45 8.02 7.14
N LYS A 46 14.59 8.72 8.27
CA LYS A 46 14.00 8.25 9.51
C LYS A 46 12.50 8.57 9.50
N ASP A 47 12.18 9.74 8.95
CA ASP A 47 10.80 10.17 8.88
C ASP A 47 10.21 9.78 7.52
N GLN A 48 10.80 8.75 6.94
CA GLN A 48 10.36 8.28 5.64
C GLN A 48 10.12 6.77 5.67
N CYS A 49 9.27 6.31 4.77
CA CYS A 49 8.95 4.89 4.69
C CYS A 49 8.74 4.53 3.22
N LEU A 50 8.94 3.26 2.92
CA LEU A 50 8.78 2.77 1.56
C LEU A 50 7.31 2.41 1.33
N VAL A 51 6.84 2.72 0.12
CA VAL A 51 5.47 2.43 -0.24
C VAL A 51 5.41 1.90 -1.67
N ARG A 52 4.29 1.29 -2.01
CA ARG A 52 4.10 0.73 -3.34
C ARG A 52 2.88 1.37 -4.02
N SER A 53 3.18 2.24 -4.97
CA SER A 53 2.12 2.93 -5.70
C SER A 53 1.27 1.91 -6.46
N PHE A 54 0.03 2.29 -6.70
CA PHE A 54 -0.89 1.42 -7.41
C PHE A 54 -1.21 1.98 -8.80
N ILE A 55 -0.37 2.92 -9.23
CA ILE A 55 -0.55 3.55 -10.53
C ILE A 55 0.44 2.93 -11.53
N ASP A 56 1.72 3.15 -11.25
CA ASP A 56 2.76 2.62 -12.11
C ASP A 56 3.44 1.44 -11.41
N SER A 57 3.08 1.25 -10.15
CA SER A 57 3.65 0.16 -9.37
C SER A 57 5.15 0.37 -9.19
N LYS A 58 5.50 1.54 -8.66
CA LYS A 58 6.89 1.87 -8.43
C LYS A 58 7.13 2.02 -6.93
N PHE A 59 8.41 2.10 -6.58
CA PHE A 59 8.79 2.25 -5.18
C PHE A 59 9.15 3.71 -4.86
N TYR A 60 8.33 4.31 -4.01
CA TYR A 60 8.55 5.70 -3.62
C TYR A 60 8.85 5.80 -2.12
N SER A 61 9.51 6.89 -1.76
CA SER A 61 9.87 7.11 -0.36
C SER A 61 9.22 8.42 0.12
N ILE A 62 8.13 8.28 0.85
CA ILE A 62 7.42 9.43 1.38
C ILE A 62 7.55 9.44 2.91
N ALA A 63 6.98 10.47 3.50
CA ALA A 63 7.01 10.62 4.95
C ALA A 63 5.68 10.17 5.54
N ARG A 64 5.78 9.44 6.65
CA ARG A 64 4.58 8.94 7.32
C ARG A 64 3.67 10.10 7.69
N LYS A 65 4.24 11.30 7.68
CA LYS A 65 3.48 12.49 8.02
C LYS A 65 2.63 12.90 6.82
N ASP A 66 3.00 12.39 5.66
CA ASP A 66 2.28 12.69 4.44
C ASP A 66 1.20 11.63 4.20
N ILE A 67 1.37 10.51 4.89
CA ILE A 67 0.42 9.40 4.76
C ILE A 67 -0.74 9.64 5.72
N LYS A 68 -1.91 9.18 5.29
CA LYS A 68 -3.11 9.34 6.09
C LYS A 68 -4.21 8.42 5.54
N GLU A 69 -5.01 7.90 6.46
CA GLU A 69 -6.10 7.00 6.09
C GLU A 69 -6.74 7.47 4.79
N VAL A 70 -7.28 6.51 4.05
CA VAL A 70 -7.93 6.80 2.79
C VAL A 70 -9.28 6.09 2.73
N ASP A 71 -10.11 6.53 1.80
CA ASP A 71 -11.43 5.96 1.63
C ASP A 71 -11.55 5.37 0.22
N ILE A 72 -10.49 4.69 -0.19
CA ILE A 72 -10.47 4.07 -1.51
C ILE A 72 -11.76 3.30 -1.74
N LEU A 73 -11.97 2.31 -0.89
CA LEU A 73 -13.16 1.48 -0.99
C LEU A 73 -14.40 2.32 -0.63
N ASN A 74 -14.12 3.53 -0.17
CA ASN A 74 -15.19 4.44 0.21
C ASN A 74 -15.31 5.54 -0.84
N LEU A 75 -14.62 5.34 -1.95
CA LEU A 75 -14.64 6.30 -3.04
C LEU A 75 -15.75 5.94 -4.02
N PRO A 76 -16.20 6.96 -4.79
CA PRO A 76 -17.25 6.75 -5.77
C PRO A 76 -16.72 6.01 -7.00
N GLU A 77 -17.53 5.10 -7.50
CA GLU A 77 -17.16 4.32 -8.67
C GLU A 77 -16.55 5.23 -9.75
N SER A 78 -16.97 6.49 -9.71
CA SER A 78 -16.49 7.47 -10.67
C SER A 78 -14.96 7.56 -10.59
N GLU A 79 -14.47 7.85 -9.40
CA GLU A 79 -13.05 7.97 -9.19
C GLU A 79 -12.35 6.65 -9.55
N LEU A 80 -12.80 5.59 -8.90
CA LEU A 80 -12.22 4.27 -9.14
C LEU A 80 -12.12 4.03 -10.66
N SER A 81 -13.27 4.09 -11.32
CA SER A 81 -13.31 3.88 -12.74
C SER A 81 -12.20 4.68 -13.43
N THR A 82 -12.17 5.96 -13.11
CA THR A 82 -11.17 6.85 -13.68
C THR A 82 -9.81 6.60 -13.04
N LYS A 83 -9.59 7.29 -11.92
CA LYS A 83 -8.34 7.16 -11.19
C LYS A 83 -7.91 5.69 -11.19
N PRO A 84 -6.74 5.43 -11.84
CA PRO A 84 -6.21 4.07 -11.91
C PRO A 84 -5.61 3.65 -10.57
N GLY A 85 -4.77 4.51 -10.02
CA GLY A 85 -4.12 4.24 -8.75
C GLY A 85 -5.15 3.81 -7.70
N LEU A 86 -6.22 4.58 -7.62
CA LEU A 86 -7.28 4.29 -6.66
C LEU A 86 -7.83 2.88 -6.93
N GLN A 87 -8.45 2.74 -8.08
CA GLN A 87 -9.02 1.46 -8.47
C GLN A 87 -8.15 0.31 -7.95
N LYS A 88 -6.95 0.23 -8.52
CA LYS A 88 -6.02 -0.81 -8.12
C LYS A 88 -6.01 -0.93 -6.59
N ALA A 89 -5.54 0.13 -5.96
CA ALA A 89 -5.46 0.16 -4.51
C ALA A 89 -6.76 -0.40 -3.92
N SER A 90 -7.87 0.01 -4.52
CA SER A 90 -9.17 -0.45 -4.07
C SER A 90 -9.28 -1.96 -4.23
N ILE A 91 -8.91 -2.43 -5.42
CA ILE A 91 -8.96 -3.85 -5.71
C ILE A 91 -8.28 -4.63 -4.58
N PHE A 92 -7.15 -4.10 -4.13
CA PHE A 92 -6.40 -4.73 -3.06
C PHE A 92 -7.13 -4.58 -1.72
N LEU A 93 -8.10 -3.67 -1.72
CA LEU A 93 -8.88 -3.43 -0.52
C LEU A 93 -10.11 -4.33 -0.50
N LYS A 94 -10.34 -4.97 -1.63
CA LYS A 94 -11.47 -5.88 -1.77
C LYS A 94 -10.97 -7.30 -1.98
N THR A 95 -9.93 -7.42 -2.80
CA THR A 95 -9.34 -8.72 -3.09
C THR A 95 -8.30 -9.08 -2.03
N ARG A 96 -7.55 -8.07 -1.61
CA ARG A 96 -6.52 -8.27 -0.60
C ARG A 96 -5.42 -9.19 -1.14
N VAL A 97 -5.15 -9.05 -2.43
CA VAL A 97 -4.13 -9.86 -3.08
C VAL A 97 -3.55 -9.07 -4.25
N VAL A 98 -2.35 -8.55 -4.04
CA VAL A 98 -1.67 -7.79 -5.08
C VAL A 98 -1.42 -8.69 -6.29
N PRO A 99 -1.13 -8.03 -7.44
CA PRO A 99 -0.87 -8.77 -8.67
C PRO A 99 0.52 -9.40 -8.64
N ASP A 100 0.60 -10.58 -9.24
CA ASP A 100 1.86 -11.30 -9.29
C ASP A 100 2.97 -10.36 -9.73
N ASN A 101 2.57 -9.31 -10.44
CA ASN A 101 3.52 -8.33 -10.93
C ASN A 101 4.32 -7.77 -9.75
N TRP A 102 3.65 -7.69 -8.61
CA TRP A 102 4.29 -7.19 -7.40
C TRP A 102 5.02 -8.35 -6.73
N LYS A 103 4.24 -9.34 -6.33
CA LYS A 103 4.81 -10.51 -5.67
C LYS A 103 4.90 -10.25 -4.17
N MET A 104 4.83 -8.98 -3.82
CA MET A 104 4.92 -8.58 -2.42
C MET A 104 6.04 -9.32 -1.70
N ASP A 105 6.07 -9.15 -0.39
CA ASP A 105 7.09 -9.81 0.42
C ASP A 105 6.46 -10.30 1.73
N ILE A 106 5.91 -9.35 2.47
CA ILE A 106 5.27 -9.67 3.74
C ILE A 106 3.84 -10.13 3.48
N SER A 107 3.26 -9.59 2.42
CA SER A 107 1.90 -9.94 2.05
C SER A 107 1.79 -11.44 1.77
N GLU A 108 2.92 -12.02 1.38
CA GLU A 108 2.97 -13.44 1.08
C GLU A 108 3.31 -14.24 2.35
N ILE A 109 3.87 -13.53 3.33
CA ILE A 109 4.25 -14.16 4.58
C ILE A 109 2.99 -14.39 5.43
N LEU A 110 1.92 -13.71 5.04
CA LEU A 110 0.66 -13.84 5.75
C LEU A 110 -0.14 -15.01 5.16
N GLU A 111 -0.50 -14.86 3.90
CA GLU A 111 -1.25 -15.89 3.20
C GLU A 111 -1.08 -15.76 1.69
N SER A 112 -0.90 -16.91 1.05
CA SER A 112 -0.71 -16.94 -0.39
C SER A 112 -1.98 -17.48 -1.07
N GLY A 113 -2.75 -16.56 -1.62
CA GLY A 113 -3.99 -16.93 -2.30
C GLY A 113 -5.09 -15.92 -1.99
N PRO A 114 -6.06 -15.83 -2.95
CA PRO A 114 -7.19 -14.92 -2.79
C PRO A 114 -8.19 -15.45 -1.77
N SER A 115 -8.48 -14.62 -0.78
CA SER A 115 -9.42 -15.00 0.27
C SER A 115 -9.59 -13.84 1.26
N SER A 116 -10.77 -13.79 1.86
CA SER A 116 -11.07 -12.75 2.82
C SER A 116 -11.56 -13.37 4.13
N GLY A 117 -11.26 -12.68 5.22
CA GLY A 117 -11.66 -13.15 6.54
C GLY A 117 -11.70 -12.01 7.54
N GLY A 1 8.81 -13.28 -3.40
CA GLY A 1 8.39 -12.13 -2.62
C GLY A 1 9.56 -11.18 -2.37
N SER A 2 9.43 -10.41 -1.30
CA SER A 2 10.46 -9.45 -0.94
C SER A 2 10.48 -9.24 0.58
N SER A 3 9.38 -8.70 1.08
CA SER A 3 9.26 -8.44 2.50
C SER A 3 9.66 -9.69 3.29
N GLY A 4 10.11 -9.45 4.52
CA GLY A 4 10.52 -10.55 5.39
C GLY A 4 9.59 -11.75 5.24
N SER A 5 8.44 -11.65 5.89
CA SER A 5 7.46 -12.73 5.84
C SER A 5 6.10 -12.20 6.28
N SER A 6 6.04 -11.79 7.54
CA SER A 6 4.81 -11.27 8.10
C SER A 6 5.08 -10.63 9.47
N GLY A 7 4.25 -9.66 9.80
CA GLY A 7 4.39 -8.97 11.08
C GLY A 7 3.19 -9.24 11.99
N LEU A 8 2.73 -8.19 12.64
CA LEU A 8 1.59 -8.30 13.54
C LEU A 8 0.34 -7.77 12.84
N ASN A 9 0.14 -8.24 11.62
CA ASN A 9 -1.00 -7.83 10.83
C ASN A 9 -0.76 -6.43 10.27
N ASP A 10 -0.50 -5.49 11.17
CA ASP A 10 -0.24 -4.12 10.77
C ASP A 10 -1.47 -3.56 10.05
N GLU A 11 -1.92 -2.41 10.54
CA GLU A 11 -3.09 -1.76 9.95
C GLU A 11 -2.67 -0.91 8.75
N LEU A 12 -1.69 -0.06 8.98
CA LEU A 12 -1.20 0.82 7.93
C LEU A 12 -0.35 -0.01 6.94
N LEU A 13 0.54 -0.80 7.51
CA LEU A 13 1.42 -1.64 6.71
C LEU A 13 0.56 -2.62 5.89
N GLY A 14 1.00 -2.83 4.65
CA GLY A 14 0.29 -3.74 3.76
C GLY A 14 -1.13 -3.24 3.50
N LYS A 15 -1.30 -1.93 3.61
CA LYS A 15 -2.60 -1.31 3.37
C LYS A 15 -2.42 -0.05 2.52
N VAL A 16 -3.46 0.27 1.78
CA VAL A 16 -3.44 1.44 0.92
C VAL A 16 -3.52 2.70 1.77
N VAL A 17 -2.69 3.67 1.44
CA VAL A 17 -2.66 4.93 2.17
C VAL A 17 -2.57 6.09 1.17
N SER A 18 -2.95 7.26 1.66
CA SER A 18 -2.92 8.45 0.83
C SER A 18 -1.66 9.27 1.12
N VAL A 19 -0.89 9.49 0.07
CA VAL A 19 0.35 10.25 0.21
C VAL A 19 0.08 11.71 -0.15
N VAL A 20 0.38 12.58 0.81
CA VAL A 20 0.18 14.01 0.62
C VAL A 20 1.40 14.60 -0.09
N SER A 21 1.13 15.36 -1.14
CA SER A 21 2.19 16.00 -1.90
C SER A 21 2.87 17.08 -1.07
N ALA A 22 4.19 17.11 -1.14
CA ALA A 22 4.96 18.09 -0.39
C ALA A 22 4.60 19.50 -0.89
N THR A 23 4.85 19.71 -2.18
CA THR A 23 4.57 21.01 -2.78
C THR A 23 3.13 21.03 -3.34
N GLU A 24 2.32 20.14 -2.80
CA GLU A 24 0.94 20.04 -3.23
C GLU A 24 0.11 19.26 -2.21
N ARG A 25 0.02 19.82 -1.01
CA ARG A 25 -0.73 19.19 0.06
C ARG A 25 -2.04 18.61 -0.48
N THR A 26 -2.64 19.35 -1.41
CA THR A 26 -3.89 18.94 -2.01
C THR A 26 -3.71 17.58 -2.70
N GLU A 27 -3.04 17.62 -3.84
CA GLU A 27 -2.81 16.42 -4.61
C GLU A 27 -2.32 15.29 -3.70
N TRP A 28 -2.96 14.13 -3.85
CA TRP A 28 -2.59 12.98 -3.04
C TRP A 28 -2.75 11.73 -3.91
N TYR A 29 -1.85 10.79 -3.69
CA TYR A 29 -1.87 9.54 -4.46
C TYR A 29 -1.79 8.33 -3.52
N PRO A 30 -2.47 7.23 -3.96
CA PRO A 30 -2.49 6.01 -3.18
C PRO A 30 -1.15 5.27 -3.28
N ALA A 31 -0.79 4.61 -2.19
CA ALA A 31 0.46 3.86 -2.14
C ALA A 31 0.38 2.82 -1.04
N LEU A 32 0.89 1.63 -1.34
CA LEU A 32 0.89 0.55 -0.37
C LEU A 32 2.19 0.57 0.42
N VAL A 33 2.05 0.77 1.73
CA VAL A 33 3.20 0.81 2.60
C VAL A 33 3.83 -0.58 2.70
N ILE A 34 5.15 -0.59 2.84
CA ILE A 34 5.88 -1.84 2.93
C ILE A 34 7.18 -1.61 3.71
N SER A 35 7.99 -2.65 3.75
CA SER A 35 9.26 -2.58 4.46
C SER A 35 10.40 -2.99 3.53
N PRO A 36 11.42 -2.10 3.44
CA PRO A 36 12.57 -2.35 2.60
C PRO A 36 13.50 -3.40 3.23
N SER A 37 13.31 -4.64 2.80
CA SER A 37 14.11 -5.74 3.32
C SER A 37 15.18 -6.12 2.30
N CYS A 38 14.74 -6.44 1.09
CA CYS A 38 15.64 -6.82 0.02
C CYS A 38 16.29 -5.55 -0.53
N ASN A 39 15.44 -4.65 -1.00
CA ASN A 39 15.92 -3.39 -1.56
C ASN A 39 16.92 -2.76 -0.59
N ASP A 40 18.12 -2.53 -1.11
CA ASP A 40 19.18 -1.93 -0.30
C ASP A 40 19.48 -0.52 -0.82
N ASP A 41 19.87 -0.46 -2.10
CA ASP A 41 20.18 0.80 -2.72
C ASP A 41 19.09 1.82 -2.38
N ILE A 42 17.86 1.45 -2.68
CA ILE A 42 16.73 2.32 -2.41
C ILE A 42 16.49 2.38 -0.90
N THR A 43 17.50 2.86 -0.19
CA THR A 43 17.42 2.98 1.25
C THR A 43 16.36 4.01 1.65
N VAL A 44 15.65 3.71 2.72
CA VAL A 44 14.61 4.60 3.22
C VAL A 44 15.04 5.17 4.57
N LYS A 45 14.82 6.47 4.72
CA LYS A 45 15.17 7.14 5.96
C LYS A 45 14.47 6.45 7.12
N LYS A 46 14.54 7.08 8.29
CA LYS A 46 13.92 6.53 9.48
C LYS A 46 12.52 7.13 9.64
N ASP A 47 12.39 8.38 9.24
CA ASP A 47 11.11 9.07 9.33
C ASP A 47 10.34 8.89 8.01
N GLN A 48 10.71 7.85 7.29
CA GLN A 48 10.07 7.55 6.02
C GLN A 48 9.82 6.05 5.88
N CYS A 49 8.93 5.71 4.96
CA CYS A 49 8.62 4.31 4.72
C CYS A 49 8.48 4.11 3.21
N LEU A 50 8.78 2.89 2.78
CA LEU A 50 8.71 2.55 1.37
C LEU A 50 7.27 2.16 1.02
N VAL A 51 6.66 2.95 0.15
CA VAL A 51 5.29 2.70 -0.27
C VAL A 51 5.29 2.29 -1.74
N ARG A 52 4.25 1.57 -2.11
CA ARG A 52 4.11 1.11 -3.49
C ARG A 52 2.88 1.76 -4.14
N SER A 53 3.15 2.56 -5.16
CA SER A 53 2.10 3.24 -5.88
C SER A 53 1.17 2.22 -6.55
N PHE A 54 -0.07 2.63 -6.76
CA PHE A 54 -1.06 1.77 -7.38
C PHE A 54 -1.42 2.27 -8.77
N ILE A 55 -0.67 3.26 -9.23
CA ILE A 55 -0.91 3.83 -10.54
C ILE A 55 -0.01 3.13 -11.56
N ASP A 56 1.30 3.30 -11.38
CA ASP A 56 2.27 2.70 -12.27
C ASP A 56 2.92 1.51 -11.58
N SER A 57 2.83 1.51 -10.26
CA SER A 57 3.41 0.44 -9.46
C SER A 57 4.91 0.70 -9.26
N LYS A 58 5.21 1.93 -8.89
CA LYS A 58 6.60 2.31 -8.65
C LYS A 58 6.84 2.44 -7.15
N PHE A 59 8.09 2.26 -6.76
CA PHE A 59 8.46 2.34 -5.36
C PHE A 59 8.89 3.75 -5.00
N TYR A 60 8.16 4.33 -4.05
CA TYR A 60 8.47 5.69 -3.60
C TYR A 60 8.75 5.71 -2.10
N SER A 61 9.57 6.67 -1.70
CA SER A 61 9.93 6.81 -0.30
C SER A 61 9.46 8.17 0.22
N ILE A 62 8.33 8.13 0.93
CA ILE A 62 7.76 9.35 1.48
C ILE A 62 7.84 9.29 3.01
N ALA A 63 7.37 10.36 3.64
CA ALA A 63 7.38 10.43 5.09
C ALA A 63 5.98 10.11 5.63
N ARG A 64 5.96 9.32 6.69
CA ARG A 64 4.70 8.94 7.30
C ARG A 64 3.82 10.16 7.55
N LYS A 65 4.49 11.28 7.80
CA LYS A 65 3.79 12.52 8.05
C LYS A 65 2.96 12.89 6.83
N ASP A 66 3.42 12.43 5.68
CA ASP A 66 2.72 12.70 4.43
C ASP A 66 1.65 11.63 4.20
N ILE A 67 1.88 10.47 4.81
CA ILE A 67 0.95 9.37 4.69
C ILE A 67 -0.16 9.51 5.73
N LYS A 68 -1.38 9.21 5.30
CA LYS A 68 -2.53 9.31 6.19
C LYS A 68 -3.65 8.40 5.67
N GLU A 69 -4.28 7.72 6.60
CA GLU A 69 -5.37 6.81 6.26
C GLU A 69 -6.22 7.41 5.14
N VAL A 70 -6.67 6.54 4.25
CA VAL A 70 -7.49 6.97 3.13
C VAL A 70 -8.63 5.97 2.93
N ASP A 71 -9.71 6.46 2.35
CA ASP A 71 -10.87 5.61 2.08
C ASP A 71 -11.02 5.41 0.57
N ILE A 72 -10.32 4.40 0.08
CA ILE A 72 -10.38 4.08 -1.34
C ILE A 72 -11.61 3.23 -1.63
N LEU A 73 -11.87 2.31 -0.73
CA LEU A 73 -13.02 1.42 -0.87
C LEU A 73 -14.30 2.21 -0.64
N ASN A 74 -14.12 3.47 -0.25
CA ASN A 74 -15.25 4.35 0.01
C ASN A 74 -15.36 5.39 -1.11
N LEU A 75 -14.61 5.14 -2.17
CA LEU A 75 -14.60 6.04 -3.31
C LEU A 75 -15.72 5.64 -4.28
N PRO A 76 -16.19 6.64 -5.07
CA PRO A 76 -17.25 6.41 -6.03
C PRO A 76 -16.72 5.65 -7.25
N GLU A 77 -17.58 4.78 -7.78
CA GLU A 77 -17.21 3.99 -8.94
C GLU A 77 -16.63 4.89 -10.05
N SER A 78 -16.99 6.16 -9.97
CA SER A 78 -16.52 7.13 -10.94
C SER A 78 -15.00 7.28 -10.84
N GLU A 79 -14.53 7.48 -9.61
CA GLU A 79 -13.12 7.64 -9.37
C GLU A 79 -12.37 6.34 -9.68
N LEU A 80 -12.92 5.25 -9.18
CA LEU A 80 -12.32 3.94 -9.40
C LEU A 80 -12.26 3.66 -10.90
N SER A 81 -13.43 3.74 -11.54
CA SER A 81 -13.53 3.49 -12.97
C SER A 81 -12.49 4.34 -13.71
N THR A 82 -12.30 5.55 -13.23
CA THR A 82 -11.35 6.46 -13.84
C THR A 82 -9.97 6.29 -13.20
N LYS A 83 -9.74 7.02 -12.13
CA LYS A 83 -8.47 6.97 -11.43
C LYS A 83 -8.02 5.51 -11.32
N PRO A 84 -6.85 5.23 -11.95
CA PRO A 84 -6.29 3.88 -11.94
C PRO A 84 -5.69 3.55 -10.58
N GLY A 85 -4.92 4.49 -10.06
CA GLY A 85 -4.28 4.31 -8.77
C GLY A 85 -5.30 3.93 -7.70
N LEU A 86 -6.35 4.74 -7.60
CA LEU A 86 -7.39 4.50 -6.62
C LEU A 86 -7.95 3.09 -6.82
N GLN A 87 -8.47 2.85 -8.01
CA GLN A 87 -9.03 1.56 -8.34
C GLN A 87 -8.17 0.44 -7.75
N LYS A 88 -6.98 0.28 -8.32
CA LYS A 88 -6.06 -0.73 -7.86
C LYS A 88 -6.04 -0.75 -6.34
N ALA A 89 -5.63 0.37 -5.77
CA ALA A 89 -5.56 0.50 -4.33
C ALA A 89 -6.79 -0.16 -3.70
N SER A 90 -7.95 0.19 -4.23
CA SER A 90 -9.20 -0.36 -3.73
C SER A 90 -9.23 -1.87 -3.97
N ILE A 91 -8.86 -2.26 -5.17
CA ILE A 91 -8.84 -3.67 -5.53
C ILE A 91 -8.11 -4.46 -4.44
N PHE A 92 -6.96 -3.93 -4.05
CA PHE A 92 -6.15 -4.58 -3.03
C PHE A 92 -6.86 -4.52 -1.66
N LEU A 93 -7.87 -3.67 -1.60
CA LEU A 93 -8.62 -3.51 -0.37
C LEU A 93 -9.80 -4.49 -0.35
N LYS A 94 -10.05 -5.08 -1.52
CA LYS A 94 -11.13 -6.03 -1.66
C LYS A 94 -10.56 -7.40 -1.97
N THR A 95 -9.59 -7.42 -2.88
CA THR A 95 -8.94 -8.66 -3.27
C THR A 95 -7.86 -9.04 -2.27
N ARG A 96 -7.25 -8.02 -1.68
CA ARG A 96 -6.20 -8.24 -0.71
C ARG A 96 -5.09 -9.12 -1.30
N VAL A 97 -4.75 -8.82 -2.55
CA VAL A 97 -3.71 -9.57 -3.24
C VAL A 97 -3.22 -8.77 -4.44
N VAL A 98 -1.97 -8.33 -4.34
CA VAL A 98 -1.37 -7.56 -5.42
C VAL A 98 -1.13 -8.46 -6.63
N PRO A 99 -0.92 -7.80 -7.80
CA PRO A 99 -0.67 -8.53 -9.03
C PRO A 99 0.74 -9.11 -9.06
N ASP A 100 0.87 -10.24 -9.75
CA ASP A 100 2.15 -10.90 -9.85
C ASP A 100 3.22 -9.89 -10.29
N ASN A 101 2.75 -8.82 -10.92
CA ASN A 101 3.65 -7.78 -11.38
C ASN A 101 4.34 -7.13 -10.18
N TRP A 102 3.68 -7.21 -9.04
CA TRP A 102 4.21 -6.64 -7.82
C TRP A 102 5.13 -7.69 -7.18
N LYS A 103 4.54 -8.82 -6.84
CA LYS A 103 5.29 -9.90 -6.22
C LYS A 103 5.86 -9.42 -4.88
N MET A 104 4.97 -9.27 -3.92
CA MET A 104 5.38 -8.82 -2.60
C MET A 104 5.66 -10.00 -1.68
N ASP A 105 4.58 -10.60 -1.20
CA ASP A 105 4.68 -11.75 -0.30
C ASP A 105 3.29 -12.32 -0.04
N ILE A 106 2.51 -12.38 -1.11
CA ILE A 106 1.15 -12.91 -1.01
C ILE A 106 0.75 -13.54 -2.34
N SER A 107 1.03 -12.81 -3.41
CA SER A 107 0.70 -13.28 -4.74
C SER A 107 1.09 -14.76 -4.88
N GLU A 108 2.15 -15.13 -4.17
CA GLU A 108 2.63 -16.50 -4.21
C GLU A 108 1.89 -17.34 -3.17
N ILE A 109 1.60 -16.72 -2.04
CA ILE A 109 0.90 -17.40 -0.97
C ILE A 109 -0.43 -17.97 -1.50
N LEU A 110 -0.85 -17.41 -2.62
CA LEU A 110 -2.09 -17.85 -3.25
C LEU A 110 -2.10 -19.37 -3.35
N GLU A 111 -1.22 -19.88 -4.21
CA GLU A 111 -1.12 -21.32 -4.41
C GLU A 111 -0.52 -21.98 -3.16
N SER A 112 -1.36 -22.10 -2.15
CA SER A 112 -0.93 -22.71 -0.90
C SER A 112 -1.47 -24.15 -0.81
N GLY A 113 -0.94 -24.89 0.16
CA GLY A 113 -1.35 -26.26 0.36
C GLY A 113 -2.56 -26.34 1.30
N PRO A 114 -2.39 -27.15 2.38
CA PRO A 114 -3.46 -27.33 3.35
C PRO A 114 -3.59 -26.10 4.25
N SER A 115 -4.81 -25.86 4.70
CA SER A 115 -5.08 -24.72 5.56
C SER A 115 -5.63 -25.20 6.90
N SER A 116 -6.75 -25.91 6.83
CA SER A 116 -7.37 -26.44 8.03
C SER A 116 -7.85 -25.29 8.91
N GLY A 117 -9.16 -25.25 9.12
CA GLY A 117 -9.76 -24.20 9.94
C GLY A 117 -11.18 -23.88 9.46
N GLY A 1 -14.28 -14.65 -3.89
CA GLY A 1 -12.92 -14.39 -3.46
C GLY A 1 -12.83 -14.29 -1.93
N SER A 2 -12.69 -13.06 -1.45
CA SER A 2 -12.60 -12.83 -0.03
C SER A 2 -11.45 -13.65 0.57
N SER A 3 -11.14 -13.34 1.81
CA SER A 3 -10.07 -14.04 2.51
C SER A 3 -9.96 -13.56 3.96
N GLY A 4 -9.74 -12.26 4.09
CA GLY A 4 -9.62 -11.65 5.40
C GLY A 4 -8.17 -11.22 5.67
N SER A 5 -7.91 -10.93 6.95
CA SER A 5 -6.58 -10.50 7.36
C SER A 5 -5.69 -11.73 7.58
N SER A 6 -6.13 -12.57 8.52
CA SER A 6 -5.38 -13.77 8.85
C SER A 6 -3.93 -13.42 9.18
N GLY A 7 -3.67 -13.27 10.46
CA GLY A 7 -2.33 -12.93 10.92
C GLY A 7 -2.30 -11.56 11.60
N LEU A 8 -1.11 -11.13 11.97
CA LEU A 8 -0.94 -9.84 12.62
C LEU A 8 0.38 -9.22 12.18
N ASN A 9 0.27 -8.25 11.27
CA ASN A 9 1.44 -7.57 10.76
C ASN A 9 1.32 -6.07 11.04
N ASP A 10 0.14 -5.54 10.75
CA ASP A 10 -0.12 -4.14 10.96
C ASP A 10 -1.50 -3.78 10.40
N GLU A 11 -2.05 -2.69 10.91
CA GLU A 11 -3.36 -2.23 10.47
C GLU A 11 -3.22 -1.35 9.22
N LEU A 12 -2.25 -0.46 9.29
CA LEU A 12 -2.00 0.45 8.18
C LEU A 12 -1.07 -0.23 7.16
N LEU A 13 0.02 -0.78 7.67
CA LEU A 13 0.98 -1.46 6.83
C LEU A 13 0.25 -2.48 5.96
N GLY A 14 0.73 -2.61 4.72
CA GLY A 14 0.14 -3.54 3.79
C GLY A 14 -1.27 -3.10 3.37
N LYS A 15 -1.54 -1.82 3.60
CA LYS A 15 -2.84 -1.26 3.26
C LYS A 15 -2.63 0.01 2.43
N VAL A 16 -3.68 0.37 1.69
CA VAL A 16 -3.63 1.55 0.84
C VAL A 16 -3.73 2.80 1.73
N VAL A 17 -2.89 3.78 1.40
CA VAL A 17 -2.87 5.03 2.15
C VAL A 17 -2.71 6.19 1.17
N SER A 18 -3.02 7.38 1.66
CA SER A 18 -2.92 8.59 0.85
C SER A 18 -1.63 9.33 1.19
N VAL A 19 -0.90 9.67 0.14
CA VAL A 19 0.36 10.38 0.31
C VAL A 19 0.15 11.86 -0.04
N VAL A 20 0.48 12.73 0.91
CA VAL A 20 0.34 14.15 0.71
C VAL A 20 1.60 14.70 0.03
N SER A 21 1.38 15.40 -1.08
CA SER A 21 2.49 15.97 -1.82
C SER A 21 3.00 17.22 -1.11
N ALA A 22 4.31 17.27 -0.93
CA ALA A 22 4.94 18.39 -0.28
C ALA A 22 4.87 19.62 -1.18
N THR A 23 4.75 19.35 -2.47
CA THR A 23 4.67 20.41 -3.46
C THR A 23 3.22 20.90 -3.60
N GLU A 24 2.30 20.02 -3.23
CA GLU A 24 0.89 20.35 -3.31
C GLU A 24 0.09 19.51 -2.31
N ARG A 25 0.02 20.02 -1.09
CA ARG A 25 -0.71 19.33 -0.04
C ARG A 25 -1.99 18.71 -0.59
N THR A 26 -2.73 19.52 -1.33
CA THR A 26 -3.98 19.07 -1.92
C THR A 26 -3.77 17.73 -2.65
N GLU A 27 -2.96 17.79 -3.71
CA GLU A 27 -2.68 16.61 -4.49
C GLU A 27 -2.23 15.45 -3.58
N TRP A 28 -2.87 14.31 -3.76
CA TRP A 28 -2.55 13.14 -2.96
C TRP A 28 -2.66 11.91 -3.86
N TYR A 29 -1.78 10.96 -3.62
CA TYR A 29 -1.78 9.73 -4.40
C TYR A 29 -1.74 8.49 -3.48
N PRO A 30 -2.42 7.41 -3.95
CA PRO A 30 -2.48 6.18 -3.19
C PRO A 30 -1.15 5.43 -3.28
N ALA A 31 -0.80 4.77 -2.18
CA ALA A 31 0.43 4.00 -2.11
C ALA A 31 0.31 2.95 -1.01
N LEU A 32 0.83 1.77 -1.30
CA LEU A 32 0.80 0.68 -0.35
C LEU A 32 2.09 0.69 0.47
N VAL A 33 1.92 0.93 1.76
CA VAL A 33 3.05 0.97 2.67
C VAL A 33 3.74 -0.39 2.67
N ILE A 34 5.07 -0.35 2.79
CA ILE A 34 5.85 -1.57 2.82
C ILE A 34 7.22 -1.27 3.44
N SER A 35 8.00 -2.34 3.60
CA SER A 35 9.32 -2.21 4.19
C SER A 35 10.37 -2.78 3.24
N PRO A 36 11.53 -2.06 3.16
CA PRO A 36 12.62 -2.49 2.29
C PRO A 36 13.36 -3.69 2.89
N SER A 37 13.09 -4.86 2.33
CA SER A 37 13.72 -6.08 2.80
C SER A 37 14.90 -6.44 1.89
N CYS A 38 14.59 -6.62 0.62
CA CYS A 38 15.62 -6.97 -0.36
C CYS A 38 16.40 -5.70 -0.70
N ASN A 39 15.69 -4.73 -1.25
CA ASN A 39 16.29 -3.48 -1.63
C ASN A 39 17.25 -3.02 -0.52
N ASP A 40 18.41 -2.55 -0.93
CA ASP A 40 19.42 -2.08 0.01
C ASP A 40 19.80 -0.64 -0.33
N ASP A 41 20.34 -0.47 -1.53
CA ASP A 41 20.75 0.84 -1.98
C ASP A 41 19.65 1.86 -1.66
N ILE A 42 18.42 1.44 -1.88
CA ILE A 42 17.27 2.29 -1.62
C ILE A 42 17.35 2.81 -0.17
N THR A 43 17.99 3.95 -0.02
CA THR A 43 18.14 4.55 1.29
C THR A 43 16.82 5.16 1.77
N VAL A 44 16.28 4.58 2.82
CA VAL A 44 15.02 5.04 3.38
C VAL A 44 15.29 5.80 4.68
N LYS A 45 15.00 7.09 4.64
CA LYS A 45 15.20 7.93 5.81
C LYS A 45 14.47 7.33 7.01
N LYS A 46 14.78 7.86 8.18
CA LYS A 46 14.17 7.37 9.41
C LYS A 46 12.71 7.85 9.45
N ASP A 47 12.48 9.03 8.90
CA ASP A 47 11.15 9.60 8.87
C ASP A 47 10.49 9.29 7.53
N GLN A 48 10.97 8.21 6.90
CA GLN A 48 10.44 7.79 5.62
C GLN A 48 10.09 6.30 5.65
N CYS A 49 9.31 5.90 4.67
CA CYS A 49 8.90 4.51 4.57
C CYS A 49 8.72 4.17 3.08
N LEU A 50 8.89 2.88 2.78
CA LEU A 50 8.75 2.42 1.42
C LEU A 50 7.28 2.10 1.14
N VAL A 51 6.77 2.68 0.05
CA VAL A 51 5.38 2.46 -0.33
C VAL A 51 5.33 2.01 -1.79
N ARG A 52 4.17 1.47 -2.17
CA ARG A 52 3.98 1.00 -3.53
C ARG A 52 2.79 1.71 -4.17
N SER A 53 3.09 2.54 -5.16
CA SER A 53 2.06 3.27 -5.85
C SER A 53 1.09 2.30 -6.55
N PHE A 54 -0.13 2.76 -6.71
CA PHE A 54 -1.15 1.94 -7.35
C PHE A 54 -1.50 2.49 -8.74
N ILE A 55 -0.64 3.40 -9.21
CA ILE A 55 -0.84 3.99 -10.53
C ILE A 55 0.06 3.29 -11.55
N ASP A 56 1.36 3.43 -11.33
CA ASP A 56 2.33 2.81 -12.22
C ASP A 56 2.88 1.55 -11.56
N SER A 57 2.78 1.51 -10.24
CA SER A 57 3.27 0.37 -9.48
C SER A 57 4.79 0.51 -9.24
N LYS A 58 5.18 1.72 -8.89
CA LYS A 58 6.58 2.01 -8.62
C LYS A 58 6.81 2.03 -7.11
N PHE A 59 8.07 2.24 -6.75
CA PHE A 59 8.45 2.29 -5.34
C PHE A 59 8.94 3.68 -4.96
N TYR A 60 8.18 4.32 -4.07
CA TYR A 60 8.52 5.66 -3.61
C TYR A 60 8.73 5.68 -2.09
N SER A 61 9.56 6.61 -1.66
CA SER A 61 9.85 6.74 -0.24
C SER A 61 9.38 8.10 0.26
N ILE A 62 8.28 8.08 1.00
CA ILE A 62 7.71 9.30 1.53
C ILE A 62 7.79 9.26 3.07
N ALA A 63 7.32 10.35 3.68
CA ALA A 63 7.33 10.44 5.13
C ALA A 63 5.95 10.04 5.68
N ARG A 64 5.98 9.16 6.66
CA ARG A 64 4.75 8.68 7.27
C ARG A 64 3.87 9.86 7.69
N LYS A 65 4.52 11.01 7.84
CA LYS A 65 3.82 12.22 8.23
C LYS A 65 3.01 12.75 7.04
N ASP A 66 3.54 12.50 5.85
CA ASP A 66 2.89 12.94 4.63
C ASP A 66 1.77 11.96 4.28
N ILE A 67 1.81 10.81 4.93
CA ILE A 67 0.81 9.79 4.69
C ILE A 67 -0.32 9.93 5.72
N LYS A 68 -1.51 9.53 5.30
CA LYS A 68 -2.67 9.61 6.16
C LYS A 68 -3.71 8.59 5.71
N GLU A 69 -4.43 8.05 6.69
CA GLU A 69 -5.47 7.07 6.41
C GLU A 69 -6.36 7.55 5.27
N VAL A 70 -6.77 6.60 4.44
CA VAL A 70 -7.63 6.92 3.31
C VAL A 70 -8.65 5.79 3.12
N ASP A 71 -9.80 6.16 2.57
CA ASP A 71 -10.85 5.19 2.33
C ASP A 71 -11.12 5.10 0.83
N ILE A 72 -10.27 4.32 0.16
CA ILE A 72 -10.40 4.14 -1.28
C ILE A 72 -11.67 3.33 -1.58
N LEU A 73 -11.94 2.36 -0.72
CA LEU A 73 -13.10 1.52 -0.87
C LEU A 73 -14.36 2.37 -0.63
N ASN A 74 -14.15 3.58 -0.16
CA ASN A 74 -15.25 4.48 0.12
C ASN A 74 -15.39 5.47 -1.04
N LEU A 75 -14.65 5.19 -2.11
CA LEU A 75 -14.70 6.05 -3.29
C LEU A 75 -15.78 5.54 -4.23
N PRO A 76 -16.31 6.48 -5.06
CA PRO A 76 -17.34 6.15 -6.02
C PRO A 76 -16.76 5.38 -7.22
N GLU A 77 -17.55 4.44 -7.72
CA GLU A 77 -17.13 3.64 -8.85
C GLU A 77 -16.46 4.51 -9.90
N SER A 78 -16.85 5.78 -9.91
CA SER A 78 -16.29 6.73 -10.85
C SER A 78 -14.80 6.92 -10.59
N GLU A 79 -14.50 7.38 -9.39
CA GLU A 79 -13.12 7.62 -8.99
C GLU A 79 -12.28 6.36 -9.23
N LEU A 80 -12.89 5.22 -8.95
CA LEU A 80 -12.20 3.95 -9.13
C LEU A 80 -11.93 3.73 -10.62
N SER A 81 -13.00 3.63 -11.38
CA SER A 81 -12.89 3.42 -12.81
C SER A 81 -11.82 4.35 -13.39
N THR A 82 -12.01 5.63 -13.16
CA THR A 82 -11.07 6.63 -13.65
C THR A 82 -9.70 6.45 -12.98
N LYS A 83 -9.48 7.24 -11.94
CA LYS A 83 -8.23 7.17 -11.20
C LYS A 83 -7.81 5.72 -11.05
N PRO A 84 -6.63 5.38 -11.64
CA PRO A 84 -6.11 4.03 -11.58
C PRO A 84 -5.53 3.74 -10.19
N GLY A 85 -4.83 4.72 -9.66
CA GLY A 85 -4.22 4.59 -8.34
C GLY A 85 -5.27 4.23 -7.29
N LEU A 86 -6.52 4.58 -7.59
CA LEU A 86 -7.61 4.30 -6.68
C LEU A 86 -8.24 2.96 -7.05
N GLN A 87 -8.23 2.66 -8.34
CA GLN A 87 -8.79 1.41 -8.82
C GLN A 87 -8.11 0.23 -8.15
N LYS A 88 -6.88 -0.04 -8.59
CA LYS A 88 -6.12 -1.14 -8.03
C LYS A 88 -6.13 -1.05 -6.50
N ALA A 89 -5.79 0.13 -6.00
CA ALA A 89 -5.76 0.36 -4.56
C ALA A 89 -7.00 -0.29 -3.93
N SER A 90 -8.16 0.13 -4.40
CA SER A 90 -9.41 -0.40 -3.88
C SER A 90 -9.47 -1.91 -4.09
N ILE A 91 -9.12 -2.31 -5.32
CA ILE A 91 -9.12 -3.72 -5.66
C ILE A 91 -8.39 -4.52 -4.58
N PHE A 92 -7.23 -4.01 -4.21
CA PHE A 92 -6.42 -4.66 -3.18
C PHE A 92 -7.11 -4.58 -1.81
N LEU A 93 -8.10 -3.71 -1.73
CA LEU A 93 -8.84 -3.52 -0.50
C LEU A 93 -10.04 -4.46 -0.48
N LYS A 94 -10.29 -5.07 -1.63
CA LYS A 94 -11.41 -5.99 -1.76
C LYS A 94 -10.88 -7.40 -2.04
N THR A 95 -9.91 -7.45 -2.95
CA THR A 95 -9.30 -8.72 -3.32
C THR A 95 -8.22 -9.12 -2.31
N ARG A 96 -7.62 -8.10 -1.71
CA ARG A 96 -6.58 -8.33 -0.72
C ARG A 96 -5.44 -9.16 -1.33
N VAL A 97 -5.10 -8.82 -2.56
CA VAL A 97 -4.04 -9.51 -3.27
C VAL A 97 -3.57 -8.67 -4.45
N VAL A 98 -2.34 -8.16 -4.32
CA VAL A 98 -1.77 -7.34 -5.37
C VAL A 98 -1.64 -8.16 -6.65
N PRO A 99 -1.46 -7.43 -7.78
CA PRO A 99 -1.30 -8.09 -9.07
C PRO A 99 0.08 -8.72 -9.22
N ASP A 100 0.14 -9.78 -10.01
CA ASP A 100 1.38 -10.48 -10.24
C ASP A 100 2.46 -9.47 -10.65
N ASN A 101 2.00 -8.34 -11.17
CA ASN A 101 2.90 -7.30 -11.61
C ASN A 101 3.63 -6.71 -10.40
N TRP A 102 3.16 -7.09 -9.23
CA TRP A 102 3.75 -6.62 -7.98
C TRP A 102 4.63 -7.73 -7.41
N LYS A 103 4.02 -8.90 -7.29
CA LYS A 103 4.72 -10.06 -6.75
C LYS A 103 5.47 -9.65 -5.47
N MET A 104 4.69 -9.41 -4.43
CA MET A 104 5.27 -9.02 -3.15
C MET A 104 6.40 -9.95 -2.75
N ASP A 105 6.99 -9.66 -1.60
CA ASP A 105 8.09 -10.46 -1.09
C ASP A 105 7.80 -10.86 0.36
N ILE A 106 7.50 -9.84 1.17
CA ILE A 106 7.20 -10.07 2.58
C ILE A 106 5.69 -10.20 2.76
N SER A 107 4.97 -9.33 2.06
CA SER A 107 3.52 -9.33 2.14
C SER A 107 2.97 -10.68 1.67
N GLU A 108 3.79 -11.38 0.90
CA GLU A 108 3.40 -12.68 0.38
C GLU A 108 3.59 -13.75 1.46
N ILE A 109 4.53 -13.49 2.36
CA ILE A 109 4.80 -14.42 3.44
C ILE A 109 3.58 -14.51 4.36
N LEU A 110 2.75 -13.48 4.30
CA LEU A 110 1.56 -13.42 5.12
C LEU A 110 0.79 -14.75 4.97
N GLU A 111 0.14 -14.89 3.83
CA GLU A 111 -0.63 -16.09 3.55
C GLU A 111 0.16 -17.32 3.96
N SER A 112 -0.56 -18.25 4.59
CA SER A 112 0.06 -19.49 5.04
C SER A 112 1.28 -19.18 5.91
N GLY A 113 1.03 -19.04 7.20
CA GLY A 113 2.09 -18.75 8.15
C GLY A 113 1.86 -19.46 9.48
N PRO A 114 1.44 -18.67 10.50
CA PRO A 114 1.18 -19.22 11.82
C PRO A 114 -0.14 -20.00 11.84
N SER A 115 -0.28 -20.81 12.87
CA SER A 115 -1.48 -21.62 13.02
C SER A 115 -2.55 -20.82 13.78
N SER A 116 -2.20 -20.42 14.99
CA SER A 116 -3.12 -19.66 15.82
C SER A 116 -2.40 -18.43 16.39
N GLY A 117 -3.10 -17.30 16.33
CA GLY A 117 -2.56 -16.05 16.82
C GLY A 117 -3.58 -14.92 16.71
N GLY A 1 -17.41 -14.73 3.17
CA GLY A 1 -16.19 -14.46 2.42
C GLY A 1 -15.36 -15.74 2.28
N SER A 2 -14.36 -15.66 1.41
CA SER A 2 -13.48 -16.80 1.17
C SER A 2 -12.79 -17.20 2.48
N SER A 3 -13.12 -18.40 2.93
CA SER A 3 -12.55 -18.92 4.16
C SER A 3 -11.03 -19.08 4.01
N GLY A 4 -10.30 -18.14 4.60
CA GLY A 4 -8.85 -18.15 4.54
C GLY A 4 -8.24 -17.66 5.85
N SER A 5 -7.17 -16.89 5.71
CA SER A 5 -6.48 -16.36 6.87
C SER A 5 -5.94 -14.96 6.56
N SER A 6 -5.67 -14.21 7.63
CA SER A 6 -5.16 -12.87 7.48
C SER A 6 -4.72 -12.32 8.84
N GLY A 7 -3.41 -12.33 9.06
CA GLY A 7 -2.87 -11.85 10.31
C GLY A 7 -3.27 -10.40 10.56
N LEU A 8 -2.89 -9.90 11.73
CA LEU A 8 -3.20 -8.53 12.11
C LEU A 8 -1.93 -7.83 12.60
N ASN A 9 -1.27 -7.17 11.67
CA ASN A 9 -0.04 -6.46 11.99
C ASN A 9 -0.03 -5.11 11.27
N ASP A 10 -0.01 -4.05 12.06
CA ASP A 10 0.00 -2.70 11.52
C ASP A 10 -1.33 -2.44 10.79
N GLU A 11 -1.78 -1.20 10.90
CA GLU A 11 -3.02 -0.81 10.27
C GLU A 11 -2.76 -0.29 8.85
N LEU A 12 -1.82 0.64 8.76
CA LEU A 12 -1.47 1.23 7.48
C LEU A 12 -0.70 0.19 6.65
N LEU A 13 0.35 -0.34 7.24
CA LEU A 13 1.17 -1.34 6.57
C LEU A 13 0.26 -2.34 5.86
N GLY A 14 0.71 -2.79 4.71
CA GLY A 14 -0.05 -3.75 3.93
C GLY A 14 -1.44 -3.21 3.60
N LYS A 15 -1.57 -1.90 3.71
CA LYS A 15 -2.84 -1.24 3.43
C LYS A 15 -2.58 0.01 2.59
N VAL A 16 -3.57 0.36 1.78
CA VAL A 16 -3.46 1.53 0.93
C VAL A 16 -3.63 2.79 1.78
N VAL A 17 -2.84 3.81 1.44
CA VAL A 17 -2.89 5.06 2.16
C VAL A 17 -2.74 6.23 1.17
N SER A 18 -3.12 7.41 1.62
CA SER A 18 -3.03 8.59 0.80
C SER A 18 -1.77 9.38 1.15
N VAL A 19 -0.94 9.59 0.14
CA VAL A 19 0.30 10.33 0.32
C VAL A 19 0.12 11.76 -0.17
N VAL A 20 0.32 12.69 0.75
CA VAL A 20 0.18 14.10 0.43
C VAL A 20 1.39 14.57 -0.37
N SER A 21 1.13 15.03 -1.58
CA SER A 21 2.19 15.51 -2.45
C SER A 21 3.02 16.58 -1.74
N ALA A 22 4.33 16.34 -1.69
CA ALA A 22 5.23 17.27 -1.04
C ALA A 22 5.12 18.63 -1.72
N THR A 23 4.93 18.59 -3.03
CA THR A 23 4.80 19.82 -3.81
C THR A 23 3.34 20.26 -3.89
N GLU A 24 2.47 19.36 -3.44
CA GLU A 24 1.03 19.65 -3.46
C GLU A 24 0.38 19.16 -2.17
N ARG A 25 0.08 20.12 -1.30
CA ARG A 25 -0.54 19.80 -0.02
C ARG A 25 -1.94 19.22 -0.25
N THR A 26 -2.42 19.38 -1.47
CA THR A 26 -3.73 18.88 -1.83
C THR A 26 -3.63 17.51 -2.49
N GLU A 27 -3.26 17.53 -3.76
CA GLU A 27 -3.11 16.30 -4.53
C GLU A 27 -2.50 15.21 -3.64
N TRP A 28 -3.09 14.03 -3.73
CA TRP A 28 -2.62 12.90 -2.95
C TRP A 28 -2.78 11.63 -3.79
N TYR A 29 -1.83 10.72 -3.64
CA TYR A 29 -1.85 9.49 -4.39
C TYR A 29 -1.79 8.28 -3.45
N PRO A 30 -2.49 7.18 -3.87
CA PRO A 30 -2.52 5.97 -3.08
C PRO A 30 -1.20 5.22 -3.18
N ALA A 31 -0.82 4.61 -2.06
CA ALA A 31 0.42 3.85 -2.01
C ALA A 31 0.33 2.81 -0.89
N LEU A 32 0.87 1.64 -1.17
CA LEU A 32 0.86 0.55 -0.20
C LEU A 32 2.16 0.59 0.62
N VAL A 33 1.99 0.87 1.90
CA VAL A 33 3.14 0.94 2.80
C VAL A 33 3.78 -0.44 2.91
N ILE A 34 5.09 -0.44 3.04
CA ILE A 34 5.84 -1.68 3.16
C ILE A 34 7.15 -1.43 3.90
N SER A 35 7.98 -2.44 3.95
CA SER A 35 9.27 -2.35 4.62
C SER A 35 10.39 -2.76 3.67
N PRO A 36 11.46 -1.91 3.65
CA PRO A 36 12.60 -2.18 2.79
C PRO A 36 13.47 -3.30 3.37
N SER A 37 13.04 -4.52 3.11
CA SER A 37 13.77 -5.69 3.58
C SER A 37 14.68 -6.23 2.48
N CYS A 38 14.10 -6.41 1.31
CA CYS A 38 14.84 -6.91 0.18
C CYS A 38 15.72 -5.78 -0.37
N ASN A 39 15.08 -4.67 -0.67
CA ASN A 39 15.79 -3.51 -1.19
C ASN A 39 16.76 -2.99 -0.13
N ASP A 40 17.83 -2.37 -0.61
CA ASP A 40 18.84 -1.83 0.28
C ASP A 40 19.30 -0.46 -0.25
N ASP A 41 19.79 -0.47 -1.48
CA ASP A 41 20.26 0.75 -2.10
C ASP A 41 19.25 1.88 -1.83
N ILE A 42 18.00 1.59 -2.16
CA ILE A 42 16.94 2.57 -1.95
C ILE A 42 16.67 2.73 -0.46
N THR A 43 17.70 3.14 0.26
CA THR A 43 17.58 3.33 1.69
C THR A 43 16.47 4.32 2.01
N VAL A 44 15.79 4.07 3.12
CA VAL A 44 14.70 4.93 3.55
C VAL A 44 15.09 5.65 4.85
N LYS A 45 14.91 6.96 4.83
CA LYS A 45 15.25 7.77 5.99
C LYS A 45 14.48 7.26 7.21
N LYS A 46 14.62 7.99 8.31
CA LYS A 46 13.95 7.61 9.55
C LYS A 46 12.51 8.15 9.51
N ASP A 47 12.36 9.30 8.88
CA ASP A 47 11.06 9.93 8.78
C ASP A 47 10.45 9.60 7.41
N GLN A 48 10.90 8.50 6.85
CA GLN A 48 10.41 8.06 5.55
C GLN A 48 10.05 6.57 5.60
N CYS A 49 9.26 6.15 4.61
CA CYS A 49 8.84 4.76 4.52
C CYS A 49 8.64 4.41 3.05
N LEU A 50 8.88 3.15 2.74
CA LEU A 50 8.74 2.67 1.38
C LEU A 50 7.27 2.29 1.13
N VAL A 51 6.70 2.91 0.12
CA VAL A 51 5.31 2.66 -0.24
C VAL A 51 5.24 2.17 -1.67
N ARG A 52 4.18 1.43 -1.97
CA ARG A 52 3.98 0.89 -3.31
C ARG A 52 2.76 1.56 -3.96
N SER A 53 3.05 2.42 -4.91
CA SER A 53 1.99 3.13 -5.63
C SER A 53 1.12 2.12 -6.38
N PHE A 54 -0.14 2.53 -6.60
CA PHE A 54 -1.08 1.68 -7.30
C PHE A 54 -1.39 2.24 -8.69
N ILE A 55 -0.57 3.19 -9.11
CA ILE A 55 -0.75 3.81 -10.41
C ILE A 55 0.18 3.15 -11.42
N ASP A 56 1.47 3.32 -11.19
CA ASP A 56 2.48 2.74 -12.07
C ASP A 56 3.12 1.54 -11.38
N SER A 57 2.86 1.42 -10.08
CA SER A 57 3.41 0.33 -9.31
C SER A 57 4.91 0.51 -9.13
N LYS A 58 5.28 1.70 -8.67
CA LYS A 58 6.68 2.02 -8.46
C LYS A 58 6.96 2.13 -6.96
N PHE A 59 8.23 2.01 -6.61
CA PHE A 59 8.63 2.09 -5.22
C PHE A 59 9.10 3.51 -4.87
N TYR A 60 8.26 4.19 -4.09
CA TYR A 60 8.57 5.54 -3.68
C TYR A 60 8.76 5.62 -2.16
N SER A 61 9.56 6.60 -1.74
CA SER A 61 9.83 6.79 -0.33
C SER A 61 9.30 8.16 0.13
N ILE A 62 8.22 8.12 0.89
CA ILE A 62 7.61 9.35 1.39
C ILE A 62 7.72 9.37 2.91
N ALA A 63 7.22 10.45 3.49
CA ALA A 63 7.24 10.61 4.94
C ALA A 63 5.87 10.26 5.51
N ARG A 64 5.89 9.49 6.58
CA ARG A 64 4.66 9.07 7.23
C ARG A 64 3.82 10.30 7.60
N LYS A 65 4.49 11.45 7.64
CA LYS A 65 3.81 12.69 7.98
C LYS A 65 3.04 13.19 6.76
N ASP A 66 3.37 12.62 5.60
CA ASP A 66 2.72 13.00 4.36
C ASP A 66 1.59 12.02 4.06
N ILE A 67 1.66 10.87 4.71
CA ILE A 67 0.64 9.84 4.53
C ILE A 67 -0.48 10.06 5.54
N LYS A 68 -1.69 9.70 5.13
CA LYS A 68 -2.85 9.84 5.99
C LYS A 68 -3.91 8.82 5.58
N GLU A 69 -4.62 8.31 6.57
CA GLU A 69 -5.66 7.32 6.34
C GLU A 69 -6.46 7.70 5.08
N VAL A 70 -6.90 6.67 4.37
CA VAL A 70 -7.67 6.88 3.16
C VAL A 70 -8.71 5.77 3.03
N ASP A 71 -9.84 6.12 2.44
CA ASP A 71 -10.92 5.17 2.25
C ASP A 71 -11.18 4.99 0.75
N ILE A 72 -10.35 4.15 0.14
CA ILE A 72 -10.47 3.88 -1.28
C ILE A 72 -11.74 3.06 -1.54
N LEU A 73 -11.96 2.08 -0.68
CA LEU A 73 -13.12 1.22 -0.79
C LEU A 73 -14.38 2.03 -0.45
N ASN A 74 -14.16 3.26 0.00
CA ASN A 74 -15.25 4.14 0.35
C ASN A 74 -15.37 5.26 -0.68
N LEU A 75 -14.66 5.06 -1.79
CA LEU A 75 -14.68 6.04 -2.86
C LEU A 75 -15.73 5.64 -3.89
N PRO A 76 -16.18 6.66 -4.68
CA PRO A 76 -17.18 6.43 -5.70
C PRO A 76 -16.58 5.71 -6.91
N GLU A 77 -17.40 4.90 -7.56
CA GLU A 77 -16.96 4.16 -8.71
C GLU A 77 -16.36 5.10 -9.76
N SER A 78 -16.81 6.34 -9.72
CA SER A 78 -16.32 7.35 -10.64
C SER A 78 -14.80 7.49 -10.51
N GLU A 79 -14.35 7.55 -9.27
CA GLU A 79 -12.93 7.69 -8.99
C GLU A 79 -12.20 6.40 -9.37
N LEU A 80 -12.76 5.28 -8.92
CA LEU A 80 -12.17 3.99 -9.21
C LEU A 80 -12.08 3.78 -10.72
N SER A 81 -13.22 3.99 -11.38
CA SER A 81 -13.29 3.83 -12.81
C SER A 81 -12.21 4.70 -13.49
N THR A 82 -12.10 5.92 -13.01
CA THR A 82 -11.12 6.85 -13.54
C THR A 82 -9.75 6.62 -12.90
N LYS A 83 -9.56 7.25 -11.76
CA LYS A 83 -8.30 7.12 -11.03
C LYS A 83 -7.83 5.66 -11.09
N PRO A 84 -6.70 5.45 -11.82
CA PRO A 84 -6.15 4.11 -11.95
C PRO A 84 -5.45 3.68 -10.67
N GLY A 85 -4.94 4.66 -9.95
CA GLY A 85 -4.24 4.39 -8.70
C GLY A 85 -5.21 3.89 -7.63
N LEU A 86 -6.37 4.53 -7.58
CA LEU A 86 -7.39 4.16 -6.62
C LEU A 86 -7.90 2.76 -6.92
N GLN A 87 -8.31 2.57 -8.17
CA GLN A 87 -8.82 1.29 -8.61
C GLN A 87 -7.99 0.15 -8.01
N LYS A 88 -6.79 -0.01 -8.54
CA LYS A 88 -5.89 -1.05 -8.07
C LYS A 88 -5.91 -1.07 -6.53
N ALA A 89 -5.72 0.11 -5.96
CA ALA A 89 -5.72 0.23 -4.51
C ALA A 89 -6.98 -0.43 -3.94
N SER A 90 -8.11 -0.06 -4.51
CA SER A 90 -9.38 -0.61 -4.06
C SER A 90 -9.39 -2.12 -4.26
N ILE A 91 -8.98 -2.53 -5.45
CA ILE A 91 -8.94 -3.94 -5.78
C ILE A 91 -8.24 -4.71 -4.65
N PHE A 92 -7.11 -4.17 -4.23
CA PHE A 92 -6.34 -4.78 -3.16
C PHE A 92 -7.08 -4.68 -1.82
N LEU A 93 -8.12 -3.87 -1.81
CA LEU A 93 -8.91 -3.67 -0.61
C LEU A 93 -10.10 -4.63 -0.64
N LYS A 94 -10.31 -5.23 -1.80
CA LYS A 94 -11.41 -6.17 -1.97
C LYS A 94 -10.85 -7.57 -2.24
N THR A 95 -9.96 -7.64 -3.23
CA THR A 95 -9.35 -8.90 -3.59
C THR A 95 -8.22 -9.24 -2.63
N ARG A 96 -7.87 -8.26 -1.80
CA ARG A 96 -6.81 -8.45 -0.82
C ARG A 96 -5.69 -9.28 -1.42
N VAL A 97 -5.22 -8.85 -2.58
CA VAL A 97 -4.14 -9.55 -3.26
C VAL A 97 -3.65 -8.69 -4.44
N VAL A 98 -2.43 -8.20 -4.29
CA VAL A 98 -1.83 -7.37 -5.33
C VAL A 98 -1.69 -8.19 -6.62
N PRO A 99 -1.50 -7.45 -7.74
CA PRO A 99 -1.36 -8.09 -9.04
C PRO A 99 0.02 -8.74 -9.18
N ASP A 100 0.07 -9.78 -9.99
CA ASP A 100 1.31 -10.50 -10.22
C ASP A 100 2.44 -9.48 -10.46
N ASN A 101 2.08 -8.40 -11.12
CA ASN A 101 3.05 -7.35 -11.41
C ASN A 101 3.79 -6.98 -10.13
N TRP A 102 3.03 -6.85 -9.06
CA TRP A 102 3.59 -6.50 -7.77
C TRP A 102 4.52 -7.64 -7.33
N LYS A 103 3.92 -8.81 -7.16
CA LYS A 103 4.68 -9.98 -6.74
C LYS A 103 5.24 -9.74 -5.35
N MET A 104 4.38 -9.89 -4.36
CA MET A 104 4.78 -9.69 -2.98
C MET A 104 5.42 -10.96 -2.41
N ASP A 105 6.18 -10.77 -1.34
CA ASP A 105 6.85 -11.88 -0.70
C ASP A 105 7.43 -11.42 0.65
N ILE A 106 6.66 -10.57 1.32
CA ILE A 106 7.08 -10.05 2.62
C ILE A 106 6.61 -11.00 3.72
N SER A 107 5.61 -11.81 3.38
CA SER A 107 5.07 -12.77 4.32
C SER A 107 6.14 -13.78 4.74
N GLU A 108 7.01 -14.08 3.78
CA GLU A 108 8.08 -15.03 4.03
C GLU A 108 9.28 -14.33 4.68
N ILE A 109 9.40 -13.05 4.36
CA ILE A 109 10.50 -12.24 4.90
C ILE A 109 10.32 -12.12 6.42
N LEU A 110 9.10 -12.39 6.86
CA LEU A 110 8.79 -12.31 8.28
C LEU A 110 8.67 -13.72 8.86
N GLU A 111 7.65 -14.43 8.38
CA GLU A 111 7.40 -15.79 8.83
C GLU A 111 7.24 -15.82 10.35
N SER A 112 6.00 -15.68 10.78
CA SER A 112 5.68 -15.69 12.20
C SER A 112 4.63 -16.75 12.50
N GLY A 113 4.96 -17.65 13.42
CA GLY A 113 4.05 -18.71 13.80
C GLY A 113 2.64 -18.16 14.03
N PRO A 114 1.65 -19.08 13.91
CA PRO A 114 0.25 -18.71 14.10
C PRO A 114 -0.06 -18.51 15.58
N SER A 115 -0.62 -17.35 15.89
CA SER A 115 -0.96 -17.02 17.26
C SER A 115 -2.30 -17.67 17.63
N SER A 116 -2.51 -17.82 18.93
CA SER A 116 -3.74 -18.43 19.42
C SER A 116 -4.48 -17.44 20.34
N GLY A 117 -5.72 -17.78 20.63
CA GLY A 117 -6.55 -16.95 21.49
C GLY A 117 -7.79 -16.45 20.74
N GLY A 1 -15.28 -2.77 15.30
CA GLY A 1 -13.86 -2.71 15.63
C GLY A 1 -13.13 -3.95 15.12
N SER A 2 -12.94 -4.89 16.03
CA SER A 2 -12.25 -6.13 15.71
C SER A 2 -10.81 -5.83 15.30
N SER A 3 -9.89 -6.19 16.19
CA SER A 3 -8.47 -5.97 15.93
C SER A 3 -7.65 -7.11 16.54
N GLY A 4 -6.37 -7.10 16.21
CA GLY A 4 -5.46 -8.13 16.71
C GLY A 4 -5.70 -9.46 15.99
N SER A 5 -4.67 -10.30 16.02
CA SER A 5 -4.76 -11.59 15.38
C SER A 5 -3.84 -12.59 16.10
N SER A 6 -2.56 -12.25 16.14
CA SER A 6 -1.58 -13.09 16.79
C SER A 6 -0.48 -12.23 17.42
N GLY A 7 0.21 -11.50 16.57
CA GLY A 7 1.28 -10.62 17.03
C GLY A 7 1.88 -9.83 15.87
N LEU A 8 2.42 -8.67 16.21
CA LEU A 8 3.03 -7.81 15.21
C LEU A 8 2.02 -7.53 14.10
N ASN A 9 1.08 -6.63 14.39
CA ASN A 9 0.06 -6.27 13.43
C ASN A 9 0.39 -4.89 12.83
N ASP A 10 -0.34 -4.56 11.78
CA ASP A 10 -0.14 -3.29 11.11
C ASP A 10 -1.44 -2.86 10.43
N GLU A 11 -1.84 -1.62 10.70
CA GLU A 11 -3.06 -1.08 10.13
C GLU A 11 -2.77 -0.46 8.76
N LEU A 12 -1.73 0.36 8.72
CA LEU A 12 -1.35 1.02 7.49
C LEU A 12 -0.60 0.02 6.60
N LEU A 13 0.40 -0.61 7.20
CA LEU A 13 1.20 -1.59 6.47
C LEU A 13 0.28 -2.62 5.82
N GLY A 14 0.66 -3.03 4.62
CA GLY A 14 -0.12 -4.02 3.88
C GLY A 14 -1.51 -3.47 3.54
N LYS A 15 -1.65 -2.17 3.73
CA LYS A 15 -2.92 -1.51 3.43
C LYS A 15 -2.65 -0.24 2.62
N VAL A 16 -3.65 0.14 1.83
CA VAL A 16 -3.53 1.32 1.00
C VAL A 16 -3.62 2.58 1.88
N VAL A 17 -2.91 3.61 1.47
CA VAL A 17 -2.90 4.86 2.21
C VAL A 17 -2.79 6.02 1.23
N SER A 18 -3.04 7.22 1.75
CA SER A 18 -2.97 8.42 0.93
C SER A 18 -1.70 9.19 1.25
N VAL A 19 -0.97 9.52 0.19
CA VAL A 19 0.27 10.27 0.35
C VAL A 19 0.03 11.74 0.02
N VAL A 20 0.38 12.59 0.97
CA VAL A 20 0.21 14.03 0.79
C VAL A 20 1.48 14.62 0.16
N SER A 21 1.27 15.36 -0.91
CA SER A 21 2.38 15.99 -1.61
C SER A 21 2.90 17.18 -0.82
N ALA A 22 4.22 17.27 -0.73
CA ALA A 22 4.86 18.35 0.00
C ALA A 22 4.77 19.64 -0.82
N THR A 23 4.52 19.46 -2.11
CA THR A 23 4.41 20.60 -3.01
C THR A 23 2.96 21.04 -3.14
N GLU A 24 2.06 20.12 -2.85
CA GLU A 24 0.63 20.40 -2.93
C GLU A 24 -0.13 19.50 -1.96
N ARG A 25 -0.31 20.00 -0.75
CA ARG A 25 -1.03 19.26 0.27
C ARG A 25 -2.31 18.64 -0.32
N THR A 26 -2.92 19.37 -1.23
CA THR A 26 -4.13 18.92 -1.87
C THR A 26 -3.88 17.60 -2.61
N GLU A 27 -3.10 17.69 -3.67
CA GLU A 27 -2.77 16.52 -4.47
C GLU A 27 -2.28 15.39 -3.57
N TRP A 28 -2.90 14.23 -3.73
CA TRP A 28 -2.54 13.06 -2.95
C TRP A 28 -2.66 11.84 -3.84
N TYR A 29 -1.77 10.88 -3.61
CA TYR A 29 -1.77 9.65 -4.39
C TYR A 29 -1.73 8.43 -3.48
N PRO A 30 -2.38 7.33 -3.95
CA PRO A 30 -2.43 6.10 -3.18
C PRO A 30 -1.08 5.37 -3.25
N ALA A 31 -0.79 4.65 -2.18
CA ALA A 31 0.45 3.90 -2.10
C ALA A 31 0.37 2.88 -0.96
N LEU A 32 0.82 1.67 -1.24
CA LEU A 32 0.79 0.61 -0.25
C LEU A 32 2.12 0.60 0.52
N VAL A 33 2.01 0.82 1.82
CA VAL A 33 3.19 0.84 2.67
C VAL A 33 3.91 -0.50 2.58
N ILE A 34 5.23 -0.43 2.67
CA ILE A 34 6.04 -1.63 2.58
C ILE A 34 7.36 -1.40 3.32
N SER A 35 8.27 -2.35 3.18
CA SER A 35 9.56 -2.27 3.83
C SER A 35 10.68 -2.50 2.81
N PRO A 36 11.81 -1.80 3.03
CA PRO A 36 12.96 -1.92 2.14
C PRO A 36 13.68 -3.24 2.36
N SER A 37 13.19 -4.28 1.69
CA SER A 37 13.78 -5.60 1.80
C SER A 37 14.70 -5.86 0.61
N CYS A 38 14.13 -5.72 -0.58
CA CYS A 38 14.87 -5.94 -1.80
C CYS A 38 15.52 -4.62 -2.22
N ASN A 39 14.67 -3.62 -2.46
CA ASN A 39 15.14 -2.31 -2.86
C ASN A 39 16.28 -1.87 -1.94
N ASP A 40 17.23 -1.16 -2.52
CA ASP A 40 18.37 -0.68 -1.77
C ASP A 40 18.65 0.78 -2.13
N ASP A 41 18.81 1.00 -3.43
CA ASP A 41 19.08 2.34 -3.93
C ASP A 41 18.16 3.34 -3.20
N ILE A 42 16.86 3.06 -3.30
CA ILE A 42 15.87 3.93 -2.67
C ILE A 42 15.97 3.77 -1.15
N THR A 43 17.13 4.11 -0.62
CA THR A 43 17.35 4.01 0.81
C THR A 43 16.30 4.82 1.57
N VAL A 44 15.88 4.27 2.70
CA VAL A 44 14.88 4.93 3.53
C VAL A 44 15.57 5.57 4.73
N LYS A 45 14.91 6.59 5.28
CA LYS A 45 15.45 7.30 6.42
C LYS A 45 14.61 6.98 7.66
N LYS A 46 14.65 7.88 8.62
CA LYS A 46 13.90 7.70 9.85
C LYS A 46 12.55 8.42 9.74
N ASP A 47 12.52 9.42 8.86
CA ASP A 47 11.31 10.20 8.65
C ASP A 47 10.74 9.86 7.28
N GLN A 48 11.14 8.70 6.76
CA GLN A 48 10.67 8.25 5.47
C GLN A 48 10.40 6.75 5.49
N CYS A 49 9.51 6.33 4.60
CA CYS A 49 9.15 4.93 4.50
C CYS A 49 8.88 4.59 3.03
N LEU A 50 9.05 3.33 2.71
CA LEU A 50 8.83 2.87 1.34
C LEU A 50 7.34 2.52 1.17
N VAL A 51 6.87 2.71 -0.06
CA VAL A 51 5.48 2.43 -0.38
C VAL A 51 5.38 1.93 -1.81
N ARG A 52 4.24 1.33 -2.13
CA ARG A 52 4.00 0.81 -3.45
C ARG A 52 2.84 1.55 -4.12
N SER A 53 3.19 2.36 -5.11
CA SER A 53 2.18 3.13 -5.83
C SER A 53 1.27 2.19 -6.60
N PHE A 54 0.05 2.65 -6.83
CA PHE A 54 -0.93 1.86 -7.57
C PHE A 54 -1.24 2.50 -8.92
N ILE A 55 -0.48 3.54 -9.24
CA ILE A 55 -0.66 4.25 -10.50
C ILE A 55 0.31 3.68 -11.53
N ASP A 56 1.59 3.88 -11.26
CA ASP A 56 2.63 3.40 -12.16
C ASP A 56 3.18 2.07 -11.62
N SER A 57 2.78 1.75 -10.40
CA SER A 57 3.23 0.52 -9.77
C SER A 57 4.74 0.59 -9.52
N LYS A 58 5.18 1.74 -9.03
CA LYS A 58 6.59 1.95 -8.75
C LYS A 58 6.78 2.15 -7.25
N PHE A 59 8.04 2.21 -6.84
CA PHE A 59 8.36 2.39 -5.44
C PHE A 59 8.63 3.86 -5.13
N TYR A 60 8.28 4.26 -3.92
CA TYR A 60 8.49 5.63 -3.49
C TYR A 60 8.77 5.70 -1.98
N SER A 61 9.56 6.69 -1.61
CA SER A 61 9.91 6.88 -0.21
C SER A 61 9.40 8.23 0.28
N ILE A 62 8.29 8.18 1.01
CA ILE A 62 7.68 9.37 1.54
C ILE A 62 7.77 9.36 3.07
N ALA A 63 7.28 10.43 3.68
CA ALA A 63 7.29 10.55 5.13
C ALA A 63 5.93 10.12 5.68
N ARG A 64 5.99 9.30 6.72
CA ARG A 64 4.78 8.82 7.36
C ARG A 64 3.86 9.99 7.72
N LYS A 65 4.48 11.16 7.87
CA LYS A 65 3.74 12.36 8.22
C LYS A 65 2.90 12.80 7.01
N ASP A 66 3.35 12.38 5.84
CA ASP A 66 2.65 12.72 4.60
C ASP A 66 1.56 11.68 4.34
N ILE A 67 1.74 10.52 4.92
CA ILE A 67 0.79 9.43 4.75
C ILE A 67 -0.31 9.57 5.80
N LYS A 68 -1.54 9.28 5.37
CA LYS A 68 -2.69 9.37 6.26
C LYS A 68 -3.80 8.45 5.74
N GLU A 69 -4.48 7.81 6.67
CA GLU A 69 -5.56 6.91 6.33
C GLU A 69 -6.36 7.47 5.15
N VAL A 70 -6.88 6.55 4.35
CA VAL A 70 -7.67 6.93 3.19
C VAL A 70 -8.80 5.92 2.97
N ASP A 71 -9.91 6.42 2.45
CA ASP A 71 -11.05 5.57 2.20
C ASP A 71 -11.23 5.38 0.69
N ILE A 72 -10.50 4.41 0.17
CA ILE A 72 -10.55 4.11 -1.26
C ILE A 72 -11.84 3.34 -1.57
N LEU A 73 -12.09 2.33 -0.74
CA LEU A 73 -13.28 1.50 -0.91
C LEU A 73 -14.52 2.35 -0.68
N ASN A 74 -14.29 3.56 -0.18
CA ASN A 74 -15.38 4.48 0.10
C ASN A 74 -15.48 5.51 -1.04
N LEU A 75 -14.75 5.23 -2.11
CA LEU A 75 -14.74 6.12 -3.26
C LEU A 75 -15.82 5.69 -4.25
N PRO A 76 -16.30 6.68 -5.04
CA PRO A 76 -17.33 6.40 -6.03
C PRO A 76 -16.75 5.66 -7.25
N GLU A 77 -17.58 4.81 -7.83
CA GLU A 77 -17.16 4.04 -9.00
C GLU A 77 -16.51 4.97 -10.03
N SER A 78 -16.88 6.23 -9.98
CA SER A 78 -16.34 7.22 -10.91
C SER A 78 -14.84 7.33 -10.71
N GLU A 79 -14.45 7.56 -9.47
CA GLU A 79 -13.04 7.70 -9.13
C GLU A 79 -12.27 6.41 -9.49
N LEU A 80 -12.81 5.30 -9.04
CA LEU A 80 -12.19 4.01 -9.30
C LEU A 80 -12.00 3.85 -10.81
N SER A 81 -13.09 3.98 -11.54
CA SER A 81 -13.06 3.86 -12.98
C SER A 81 -11.95 4.74 -13.56
N THR A 82 -11.97 6.00 -13.16
CA THR A 82 -10.98 6.95 -13.62
C THR A 82 -9.64 6.69 -12.94
N LYS A 83 -9.49 7.28 -11.75
CA LYS A 83 -8.27 7.13 -10.99
C LYS A 83 -7.78 5.68 -11.10
N PRO A 84 -6.50 5.54 -11.55
CA PRO A 84 -5.91 4.23 -11.72
C PRO A 84 -5.52 3.63 -10.36
N GLY A 85 -4.72 4.39 -9.62
CA GLY A 85 -4.28 3.94 -8.31
C GLY A 85 -5.47 3.50 -7.45
N LEU A 86 -6.46 4.37 -7.37
CA LEU A 86 -7.65 4.07 -6.59
C LEU A 86 -8.19 2.69 -6.98
N GLN A 87 -8.32 2.50 -8.29
CA GLN A 87 -8.81 1.23 -8.81
C GLN A 87 -8.11 0.06 -8.12
N LYS A 88 -6.86 -0.14 -8.52
CA LYS A 88 -6.06 -1.22 -7.95
C LYS A 88 -6.15 -1.16 -6.42
N ALA A 89 -5.75 -0.01 -5.89
CA ALA A 89 -5.77 0.18 -4.45
C ALA A 89 -7.03 -0.45 -3.87
N SER A 90 -8.16 -0.01 -4.38
CA SER A 90 -9.45 -0.52 -3.92
C SER A 90 -9.51 -2.04 -4.14
N ILE A 91 -9.12 -2.45 -5.34
CA ILE A 91 -9.13 -3.86 -5.68
C ILE A 91 -8.43 -4.65 -4.57
N PHE A 92 -7.31 -4.12 -4.12
CA PHE A 92 -6.54 -4.77 -3.06
C PHE A 92 -7.27 -4.68 -1.73
N LEU A 93 -8.27 -3.81 -1.69
CA LEU A 93 -9.05 -3.62 -0.48
C LEU A 93 -10.27 -4.56 -0.51
N LYS A 94 -10.48 -5.15 -1.68
CA LYS A 94 -11.59 -6.07 -1.84
C LYS A 94 -11.06 -7.47 -2.13
N THR A 95 -10.15 -7.54 -3.09
CA THR A 95 -9.56 -8.82 -3.47
C THR A 95 -8.46 -9.20 -2.47
N ARG A 96 -8.09 -8.24 -1.65
CA ARG A 96 -7.05 -8.46 -0.65
C ARG A 96 -5.95 -9.36 -1.22
N VAL A 97 -5.46 -8.98 -2.40
CA VAL A 97 -4.42 -9.74 -3.05
C VAL A 97 -3.87 -8.93 -4.23
N VAL A 98 -2.66 -8.42 -4.03
CA VAL A 98 -2.00 -7.63 -5.07
C VAL A 98 -1.79 -8.50 -6.31
N PRO A 99 -1.54 -7.81 -7.45
CA PRO A 99 -1.31 -8.49 -8.71
C PRO A 99 0.08 -9.13 -8.74
N ASP A 100 0.19 -10.19 -9.55
CA ASP A 100 1.46 -10.90 -9.67
C ASP A 100 2.58 -9.89 -9.90
N ASN A 101 2.25 -8.82 -10.62
CA ASN A 101 3.22 -7.79 -10.91
C ASN A 101 3.86 -7.31 -9.62
N TRP A 102 3.13 -7.49 -8.52
CA TRP A 102 3.62 -7.08 -7.22
C TRP A 102 4.30 -8.30 -6.58
N LYS A 103 3.53 -9.35 -6.40
CA LYS A 103 4.05 -10.57 -5.80
C LYS A 103 4.61 -10.25 -4.42
N MET A 104 3.71 -9.90 -3.51
CA MET A 104 4.10 -9.57 -2.15
C MET A 104 5.03 -10.64 -1.58
N ASP A 105 5.48 -10.39 -0.35
CA ASP A 105 6.38 -11.32 0.32
C ASP A 105 5.70 -11.83 1.59
N ILE A 106 5.08 -10.91 2.31
CA ILE A 106 4.40 -11.26 3.54
C ILE A 106 2.91 -11.42 3.27
N SER A 107 2.43 -10.62 2.32
CA SER A 107 1.02 -10.66 1.95
C SER A 107 0.65 -12.06 1.44
N GLU A 108 1.68 -12.82 1.12
CA GLU A 108 1.48 -14.18 0.62
C GLU A 108 1.60 -15.18 1.77
N ILE A 109 2.20 -14.72 2.86
CA ILE A 109 2.38 -15.57 4.02
C ILE A 109 1.11 -15.56 4.87
N LEU A 110 0.39 -14.44 4.78
CA LEU A 110 -0.84 -14.29 5.53
C LEU A 110 -1.69 -15.54 5.36
N GLU A 111 -2.17 -15.75 4.15
CA GLU A 111 -2.99 -16.90 3.85
C GLU A 111 -4.33 -16.82 4.59
N SER A 112 -5.40 -17.05 3.86
CA SER A 112 -6.74 -17.00 4.43
C SER A 112 -7.27 -18.41 4.65
N GLY A 113 -6.92 -18.98 5.80
CA GLY A 113 -7.36 -20.32 6.13
C GLY A 113 -7.36 -20.54 7.65
N PRO A 114 -8.20 -21.50 8.09
CA PRO A 114 -8.31 -21.82 9.51
C PRO A 114 -7.09 -22.62 9.98
N SER A 115 -7.00 -22.76 11.29
CA SER A 115 -5.90 -23.49 11.89
C SER A 115 -6.18 -25.00 11.84
N SER A 116 -7.34 -25.36 12.37
CA SER A 116 -7.76 -26.75 12.39
C SER A 116 -8.16 -27.21 10.99
N GLY A 117 -8.07 -28.52 10.77
CA GLY A 117 -8.43 -29.09 9.48
C GLY A 117 -8.90 -30.53 9.64
#